data_2L1T
#
_entry.id   2L1T
#
_entity_poly.entity_id   1
_entity_poly.type   'polypeptide(L)'
_entity_poly.pdbx_seq_one_letter_code
;GMSADGSEYGRYFEQLQKVNLTVRLGDTGSFDGTAAITSLKGSLAWLELFGAEQPPPNTLSEGAEVSVSVWTGGALCRCD
GRVETLRDDRQFAIRLVGRVRELQRREYF
;
_entity_poly.pdbx_strand_id   A
#
# COMPACT_ATOMS: atom_id res chain seq x y z
N GLY A 1 7.48 -21.09 -2.19
CA GLY A 1 7.22 -21.85 -0.96
C GLY A 1 6.34 -21.06 -0.01
N MET A 2 5.74 -21.75 0.97
CA MET A 2 4.78 -21.19 1.91
C MET A 2 5.46 -20.22 2.89
N SER A 3 5.59 -18.97 2.45
CA SER A 3 6.28 -17.88 3.14
C SER A 3 5.60 -16.54 2.80
N ALA A 4 4.25 -16.55 2.76
CA ALA A 4 3.36 -15.50 2.28
C ALA A 4 3.84 -14.93 0.94
N ASP A 5 3.87 -15.81 -0.05
CA ASP A 5 4.31 -15.52 -1.41
C ASP A 5 3.42 -14.50 -2.12
N GLY A 6 3.85 -14.08 -3.31
CA GLY A 6 3.15 -13.16 -4.20
C GLY A 6 2.68 -13.88 -5.44
N SER A 7 2.29 -13.14 -6.47
CA SER A 7 2.06 -13.69 -7.80
C SER A 7 2.69 -12.72 -8.78
N GLU A 8 1.97 -11.65 -9.11
CA GLU A 8 2.36 -10.68 -10.13
C GLU A 8 2.54 -9.29 -9.54
N TYR A 9 2.48 -9.17 -8.22
CA TYR A 9 2.54 -7.90 -7.52
C TYR A 9 3.87 -7.20 -7.82
N GLY A 10 4.98 -7.93 -7.78
CA GLY A 10 6.29 -7.39 -8.12
C GLY A 10 6.47 -7.14 -9.61
N ARG A 11 5.45 -7.35 -10.44
CA ARG A 11 5.47 -6.85 -11.81
C ARG A 11 5.12 -5.36 -11.83
N TYR A 12 4.51 -4.82 -10.77
CA TYR A 12 4.00 -3.47 -10.72
C TYR A 12 4.61 -2.69 -9.56
N PHE A 13 4.66 -3.31 -8.38
CA PHE A 13 5.32 -2.81 -7.18
C PHE A 13 6.79 -3.18 -7.27
N GLU A 14 7.66 -2.44 -6.59
CA GLU A 14 9.09 -2.72 -6.52
C GLU A 14 9.55 -2.34 -5.11
N GLN A 15 10.67 -2.91 -4.68
CA GLN A 15 11.20 -2.86 -3.32
C GLN A 15 11.52 -1.47 -2.78
N LEU A 16 11.60 -0.48 -3.65
CA LEU A 16 12.02 0.87 -3.35
C LEU A 16 11.00 1.88 -3.93
N GLN A 17 9.93 1.39 -4.57
CA GLN A 17 8.89 2.24 -5.12
C GLN A 17 8.00 2.71 -3.99
N LYS A 18 7.17 3.71 -4.25
CA LYS A 18 6.25 4.22 -3.26
C LYS A 18 4.79 4.03 -3.62
N VAL A 19 3.93 4.00 -2.61
CA VAL A 19 2.54 3.58 -2.64
C VAL A 19 1.75 4.64 -1.88
N ASN A 20 0.51 4.95 -2.30
CA ASN A 20 -0.49 5.59 -1.45
C ASN A 20 -0.85 4.67 -0.28
N LEU A 21 -1.54 5.21 0.72
CA LEU A 21 -1.81 4.57 2.00
C LEU A 21 -3.24 4.93 2.46
N THR A 22 -4.27 4.81 1.64
CA THR A 22 -5.64 5.19 2.05
C THR A 22 -6.04 4.36 3.28
N VAL A 23 -6.04 4.89 4.52
CA VAL A 23 -6.48 4.12 5.68
C VAL A 23 -7.95 4.48 5.90
N ARG A 24 -8.85 3.49 5.84
CA ARG A 24 -10.20 3.68 6.35
C ARG A 24 -10.06 4.01 7.84
N LEU A 25 -10.50 5.18 8.27
CA LEU A 25 -10.57 5.52 9.68
C LEU A 25 -12.02 5.41 10.09
N GLY A 26 -12.47 4.23 10.48
CA GLY A 26 -13.88 3.99 10.72
C GLY A 26 -14.47 4.89 11.80
N ASP A 27 -13.65 5.33 12.76
CA ASP A 27 -14.07 6.21 13.85
C ASP A 27 -13.82 7.68 13.55
N THR A 28 -13.07 8.00 12.49
CA THR A 28 -12.49 9.33 12.31
C THR A 28 -12.80 9.88 10.91
N GLY A 29 -12.57 9.09 9.86
CA GLY A 29 -12.66 9.49 8.46
C GLY A 29 -11.92 8.58 7.50
N SER A 30 -10.86 9.09 6.89
CA SER A 30 -9.80 8.29 6.28
C SER A 30 -8.47 9.03 6.53
N PHE A 31 -7.33 8.39 6.32
CA PHE A 31 -6.01 8.99 6.43
C PHE A 31 -5.14 8.45 5.34
N ASP A 32 -4.83 9.29 4.38
CA ASP A 32 -4.48 8.86 3.04
C ASP A 32 -3.13 9.49 2.72
N GLY A 33 -2.06 8.73 2.95
CA GLY A 33 -0.69 9.22 2.96
C GLY A 33 0.15 8.57 1.86
N THR A 34 1.47 8.75 1.93
CA THR A 34 2.42 8.13 1.01
C THR A 34 3.54 7.48 1.82
N ALA A 35 4.08 6.35 1.36
CA ALA A 35 5.31 5.79 1.91
C ALA A 35 6.09 5.13 0.78
N ALA A 36 7.42 5.18 0.86
CA ALA A 36 8.26 4.34 0.03
C ALA A 36 8.29 2.93 0.65
N ILE A 37 8.48 1.92 -0.20
CA ILE A 37 8.83 0.56 0.16
C ILE A 37 10.32 0.53 0.49
N THR A 38 10.71 -0.48 1.25
CA THR A 38 12.08 -0.82 1.60
C THR A 38 12.39 -2.30 1.37
N SER A 39 11.39 -3.17 1.51
CA SER A 39 11.47 -4.62 1.38
C SER A 39 10.14 -5.08 0.77
N LEU A 40 10.15 -5.90 -0.29
CA LEU A 40 8.96 -6.49 -0.91
C LEU A 40 9.21 -7.96 -1.08
N LYS A 41 8.32 -8.75 -0.51
CA LYS A 41 8.39 -10.17 -0.39
C LYS A 41 6.98 -10.68 -0.67
N GLY A 42 6.67 -10.85 -1.96
CA GLY A 42 5.43 -11.43 -2.41
C GLY A 42 4.23 -10.54 -2.11
N SER A 43 3.25 -11.05 -1.37
CA SER A 43 2.08 -10.30 -0.94
C SER A 43 2.43 -9.22 0.08
N LEU A 44 3.64 -9.25 0.63
CA LEU A 44 4.07 -8.38 1.72
C LEU A 44 5.03 -7.32 1.21
N ALA A 45 4.88 -6.09 1.68
CA ALA A 45 5.88 -5.04 1.56
C ALA A 45 6.10 -4.47 2.97
N TRP A 46 7.14 -3.65 3.14
CA TRP A 46 7.47 -2.89 4.35
C TRP A 46 7.84 -1.47 3.95
N LEU A 47 7.34 -0.51 4.74
CA LEU A 47 7.20 0.89 4.38
C LEU A 47 7.85 1.80 5.42
N GLU A 48 8.10 3.05 5.05
CA GLU A 48 8.82 4.03 5.89
C GLU A 48 8.26 5.47 5.89
N LEU A 49 6.96 5.64 5.58
CA LEU A 49 6.36 6.95 5.29
C LEU A 49 7.14 7.72 4.20
N PHE A 50 6.79 8.99 3.98
CA PHE A 50 7.49 9.89 3.06
C PHE A 50 7.91 11.21 3.72
N GLY A 51 7.42 11.54 4.90
CA GLY A 51 7.50 12.89 5.45
C GLY A 51 6.83 12.98 6.82
N ALA A 52 6.85 14.16 7.41
CA ALA A 52 6.33 14.41 8.75
C ALA A 52 4.80 14.38 8.82
N GLU A 53 4.09 14.31 7.70
CA GLU A 53 2.64 14.12 7.67
C GLU A 53 2.33 12.67 8.03
N GLN A 54 2.07 12.43 9.31
CA GLN A 54 1.89 11.13 9.94
C GLN A 54 0.57 11.14 10.73
N PRO A 55 -0.06 9.99 10.96
CA PRO A 55 -1.40 9.91 11.55
C PRO A 55 -1.42 10.28 13.05
N PRO A 56 -2.62 10.42 13.64
CA PRO A 56 -2.77 10.49 15.09
C PRO A 56 -2.29 9.20 15.77
N PRO A 57 -1.91 9.24 17.06
CA PRO A 57 -1.56 8.06 17.84
C PRO A 57 -2.80 7.18 18.05
N ASN A 58 -2.64 5.97 18.57
CA ASN A 58 -3.71 4.98 18.83
C ASN A 58 -4.61 4.63 17.64
N THR A 59 -4.35 5.19 16.46
CA THR A 59 -5.30 5.19 15.36
C THR A 59 -4.95 4.12 14.34
N LEU A 60 -3.68 4.02 13.91
CA LEU A 60 -3.25 2.91 13.07
C LEU A 60 -3.39 1.62 13.87
N SER A 61 -3.75 0.53 13.22
CA SER A 61 -3.70 -0.80 13.81
C SER A 61 -3.25 -1.82 12.76
N GLU A 62 -2.84 -3.00 13.24
CA GLU A 62 -2.11 -4.00 12.45
C GLU A 62 -3.00 -4.74 11.44
N GLY A 63 -4.31 -4.50 11.45
CA GLY A 63 -5.27 -5.11 10.56
C GLY A 63 -6.24 -4.05 10.09
N ALA A 64 -5.78 -2.79 10.00
CA ALA A 64 -6.52 -1.76 9.30
C ALA A 64 -6.57 -2.21 7.85
N GLU A 65 -7.73 -2.08 7.22
CA GLU A 65 -7.83 -2.17 5.79
C GLU A 65 -7.25 -0.85 5.28
N VAL A 66 -6.27 -0.98 4.40
CA VAL A 66 -5.58 0.14 3.78
C VAL A 66 -5.46 -0.17 2.30
N SER A 67 -5.50 0.85 1.44
CA SER A 67 -5.43 0.65 0.01
C SER A 67 -4.28 1.45 -0.55
N VAL A 68 -3.55 0.77 -1.42
CA VAL A 68 -2.30 1.18 -1.96
C VAL A 68 -2.57 1.73 -3.34
N SER A 69 -1.70 2.59 -3.86
CA SER A 69 -1.69 2.88 -5.28
C SER A 69 -0.29 3.27 -5.75
N VAL A 70 0.18 2.70 -6.86
CA VAL A 70 1.43 3.08 -7.51
C VAL A 70 1.22 3.13 -9.02
N TRP A 71 1.92 4.04 -9.67
CA TRP A 71 1.90 4.20 -11.10
C TRP A 71 3.11 3.45 -11.67
N THR A 72 2.87 2.65 -12.71
CA THR A 72 3.91 1.98 -13.45
C THR A 72 3.45 2.05 -14.92
N GLY A 73 3.95 3.07 -15.63
CA GLY A 73 4.03 3.13 -17.08
C GLY A 73 2.83 2.68 -17.90
N GLY A 74 1.58 3.03 -17.54
CA GLY A 74 0.43 2.67 -18.38
C GLY A 74 -0.89 2.93 -17.69
N ALA A 75 -0.97 2.63 -16.39
CA ALA A 75 -2.13 2.95 -15.58
C ALA A 75 -1.70 3.11 -14.13
N LEU A 76 -2.70 3.36 -13.29
CA LEU A 76 -2.58 3.30 -11.85
C LEU A 76 -2.86 1.86 -11.44
N CYS A 77 -1.84 1.19 -10.93
CA CYS A 77 -1.97 -0.11 -10.31
C CYS A 77 -2.25 0.13 -8.85
N ARG A 78 -3.47 -0.11 -8.39
CA ARG A 78 -3.78 0.08 -6.99
C ARG A 78 -4.26 -1.26 -6.47
N CYS A 79 -4.17 -1.44 -5.16
CA CYS A 79 -4.56 -2.72 -4.57
C CYS A 79 -5.12 -2.47 -3.18
N ASP A 80 -6.21 -3.13 -2.84
CA ASP A 80 -6.67 -3.14 -1.46
C ASP A 80 -5.75 -4.07 -0.66
N GLY A 81 -5.72 -3.89 0.66
CA GLY A 81 -4.78 -4.56 1.52
C GLY A 81 -5.17 -4.48 2.98
N ARG A 82 -4.35 -5.07 3.83
CA ARG A 82 -4.38 -4.84 5.26
C ARG A 82 -2.97 -4.46 5.70
N VAL A 83 -2.85 -3.87 6.89
CA VAL A 83 -1.59 -3.49 7.48
C VAL A 83 -0.72 -4.75 7.74
N GLU A 84 -1.33 -5.88 8.05
CA GLU A 84 -0.71 -7.13 8.49
C GLU A 84 0.00 -7.02 9.85
N THR A 85 1.09 -6.25 9.98
CA THR A 85 1.92 -6.21 11.19
C THR A 85 2.56 -4.83 11.28
N LEU A 86 1.97 -3.91 12.03
CA LEU A 86 2.51 -2.55 12.23
C LEU A 86 3.78 -2.67 13.08
N ARG A 87 4.64 -1.64 13.10
CA ARG A 87 5.83 -1.58 13.94
C ARG A 87 5.91 -0.23 14.62
N ASP A 88 5.61 0.85 13.90
CA ASP A 88 5.51 2.20 14.43
C ASP A 88 4.46 2.93 13.60
N ASP A 89 4.11 4.14 13.99
CA ASP A 89 3.16 5.05 13.32
C ASP A 89 3.62 5.43 11.90
N ARG A 90 4.82 5.02 11.51
CA ARG A 90 5.50 5.32 10.23
C ARG A 90 6.26 4.14 9.62
N GLN A 91 6.46 3.04 10.35
CA GLN A 91 7.09 1.85 9.81
C GLN A 91 6.12 0.72 10.01
N PHE A 92 5.80 0.03 8.94
CA PHE A 92 4.79 -1.00 8.96
C PHE A 92 4.89 -1.81 7.67
N ALA A 93 4.35 -3.03 7.73
CA ALA A 93 4.09 -3.89 6.61
C ALA A 93 2.82 -3.47 5.88
N ILE A 94 2.53 -4.14 4.77
CA ILE A 94 1.20 -4.21 4.18
C ILE A 94 1.10 -5.54 3.43
N ARG A 95 -0.10 -6.11 3.35
CA ARG A 95 -0.38 -7.36 2.64
C ARG A 95 -1.49 -7.11 1.62
N LEU A 96 -1.12 -7.23 0.35
CA LEU A 96 -1.96 -7.00 -0.82
C LEU A 96 -2.98 -8.13 -0.92
N VAL A 97 -4.26 -7.81 -1.13
CA VAL A 97 -5.33 -8.77 -1.34
C VAL A 97 -6.28 -8.26 -2.43
N GLY A 98 -7.04 -9.18 -3.05
CA GLY A 98 -8.07 -8.81 -4.02
C GLY A 98 -7.49 -8.53 -5.40
N ARG A 99 -6.23 -8.91 -5.64
CA ARG A 99 -5.43 -8.64 -6.83
C ARG A 99 -5.21 -7.15 -7.09
N VAL A 100 -4.26 -6.86 -7.99
CA VAL A 100 -3.92 -5.52 -8.43
C VAL A 100 -4.52 -5.37 -9.82
N ARG A 101 -5.51 -4.49 -10.01
CA ARG A 101 -6.01 -4.10 -11.32
C ARG A 101 -5.56 -2.67 -11.66
N GLU A 102 -5.62 -2.32 -12.94
CA GLU A 102 -5.37 -1.00 -13.52
C GLU A 102 -6.62 -0.14 -13.32
N LEU A 103 -6.85 0.37 -12.11
CA LEU A 103 -8.12 1.02 -11.78
C LEU A 103 -8.29 2.36 -12.47
N GLN A 104 -7.23 3.16 -12.47
CA GLN A 104 -7.20 4.56 -12.91
C GLN A 104 -6.16 4.65 -14.02
N ARG A 105 -6.19 5.69 -14.85
CA ARG A 105 -5.25 5.81 -15.98
C ARG A 105 -5.06 7.27 -16.40
N ARG A 106 -4.88 8.15 -15.41
CA ARG A 106 -4.48 9.56 -15.58
C ARG A 106 -5.26 10.20 -16.73
N GLU A 107 -6.55 10.41 -16.49
CA GLU A 107 -7.51 10.91 -17.46
C GLU A 107 -7.18 12.36 -17.83
N TYR A 108 -6.26 12.52 -18.78
CA TYR A 108 -5.78 13.77 -19.35
C TYR A 108 -5.89 13.58 -20.86
N PHE A 109 -6.85 14.28 -21.45
CA PHE A 109 -6.91 14.57 -22.88
C PHE A 109 -6.38 15.98 -22.99
N GLY A 1 -1.75 -27.92 -13.42
CA GLY A 1 -2.49 -26.88 -12.68
C GLY A 1 -2.22 -27.06 -11.21
N MET A 2 -1.13 -26.48 -10.71
CA MET A 2 -0.84 -26.30 -9.30
C MET A 2 -0.40 -24.85 -9.04
N SER A 3 -0.63 -23.95 -10.00
CA SER A 3 -0.56 -22.51 -9.81
C SER A 3 -1.46 -22.15 -8.63
N ALA A 4 -0.87 -21.74 -7.51
CA ALA A 4 -1.55 -20.88 -6.58
C ALA A 4 -1.28 -19.47 -7.07
N ASP A 5 -2.34 -18.74 -7.35
CA ASP A 5 -2.29 -17.35 -7.78
C ASP A 5 -1.73 -16.49 -6.64
N GLY A 6 -1.29 -15.27 -6.97
CA GLY A 6 -0.91 -14.25 -6.01
C GLY A 6 0.59 -14.09 -5.97
N SER A 7 1.17 -13.57 -7.05
CA SER A 7 2.58 -13.24 -7.14
C SER A 7 2.89 -12.15 -8.18
N GLU A 8 1.99 -11.82 -9.13
CA GLU A 8 2.23 -10.73 -10.07
C GLU A 8 2.31 -9.37 -9.36
N TYR A 9 2.02 -9.28 -8.06
CA TYR A 9 2.04 -8.04 -7.30
C TYR A 9 3.40 -7.34 -7.42
N GLY A 10 4.49 -8.12 -7.45
CA GLY A 10 5.84 -7.59 -7.57
C GLY A 10 6.15 -7.04 -8.95
N ARG A 11 5.33 -7.33 -9.98
CA ARG A 11 5.47 -6.72 -11.31
C ARG A 11 4.97 -5.28 -11.30
N TYR A 12 4.28 -4.87 -10.23
CA TYR A 12 3.58 -3.61 -10.12
C TYR A 12 4.16 -2.77 -8.99
N PHE A 13 4.38 -3.39 -7.81
CA PHE A 13 5.09 -2.79 -6.69
C PHE A 13 6.55 -3.22 -6.73
N GLU A 14 7.44 -2.25 -6.90
CA GLU A 14 8.87 -2.38 -6.69
C GLU A 14 9.20 -2.17 -5.21
N GLN A 15 10.42 -2.50 -4.79
CA GLN A 15 10.84 -2.46 -3.39
C GLN A 15 11.15 -1.04 -2.89
N LEU A 16 11.40 -0.10 -3.80
CA LEU A 16 11.84 1.27 -3.51
C LEU A 16 10.90 2.28 -4.18
N GLN A 17 9.74 1.81 -4.65
CA GLN A 17 8.68 2.66 -5.19
C GLN A 17 8.05 3.48 -4.06
N LYS A 18 7.18 4.43 -4.41
CA LYS A 18 6.29 5.11 -3.47
C LYS A 18 4.87 4.63 -3.71
N VAL A 19 4.04 4.61 -2.67
CA VAL A 19 2.64 4.17 -2.72
C VAL A 19 1.76 5.02 -1.81
N ASN A 20 0.46 5.05 -2.11
CA ASN A 20 -0.56 5.72 -1.32
C ASN A 20 -0.85 4.97 -0.01
N LEU A 21 -1.41 5.65 1.00
CA LEU A 21 -1.73 5.11 2.33
C LEU A 21 -3.17 5.50 2.70
N THR A 22 -4.17 5.07 1.92
CA THR A 22 -5.54 5.30 2.30
C THR A 22 -5.93 4.29 3.37
N VAL A 23 -6.12 4.75 4.60
CA VAL A 23 -6.48 3.94 5.77
C VAL A 23 -7.81 4.43 6.32
N ARG A 24 -8.78 3.55 6.62
CA ARG A 24 -10.01 3.99 7.28
C ARG A 24 -9.69 4.59 8.65
N LEU A 25 -10.49 5.57 9.08
CA LEU A 25 -10.50 6.15 10.41
C LEU A 25 -11.96 6.22 10.88
N GLY A 26 -12.49 5.07 11.29
CA GLY A 26 -13.82 5.01 11.86
C GLY A 26 -14.93 5.24 10.82
N ASP A 27 -14.71 4.87 9.56
CA ASP A 27 -15.67 4.87 8.44
C ASP A 27 -15.94 6.28 7.90
N THR A 28 -16.35 7.19 8.77
CA THR A 28 -16.68 8.58 8.50
C THR A 28 -15.46 9.44 8.17
N GLY A 29 -14.25 8.86 8.27
CA GLY A 29 -12.99 9.49 7.94
C GLY A 29 -12.04 8.42 7.44
N SER A 30 -10.96 8.87 6.80
CA SER A 30 -9.79 8.08 6.49
C SER A 30 -8.56 8.99 6.62
N PHE A 31 -7.36 8.39 6.67
CA PHE A 31 -6.11 9.07 6.45
C PHE A 31 -5.73 8.88 4.98
N ASP A 32 -4.91 9.77 4.44
CA ASP A 32 -4.17 9.59 3.19
C ASP A 32 -2.82 10.25 3.41
N GLY A 33 -1.78 9.47 3.18
CA GLY A 33 -0.40 9.92 3.05
C GLY A 33 0.26 9.06 2.00
N THR A 34 1.58 9.19 1.84
CA THR A 34 2.37 8.34 0.97
C THR A 34 3.37 7.58 1.86
N ALA A 35 3.96 6.50 1.36
CA ALA A 35 5.23 6.03 1.88
C ALA A 35 6.13 5.56 0.74
N ALA A 36 7.43 5.56 1.00
CA ALA A 36 8.37 4.75 0.26
C ALA A 36 8.25 3.32 0.78
N ILE A 37 8.33 2.36 -0.15
CA ILE A 37 8.52 0.95 0.12
C ILE A 37 10.00 0.78 0.53
N THR A 38 10.30 -0.31 1.23
CA THR A 38 11.65 -0.67 1.64
C THR A 38 11.98 -2.14 1.47
N SER A 39 11.00 -3.05 1.54
CA SER A 39 11.25 -4.49 1.50
C SER A 39 10.00 -5.18 0.98
N LEU A 40 10.07 -5.97 -0.09
CA LEU A 40 8.87 -6.50 -0.74
C LEU A 40 9.13 -7.90 -1.25
N LYS A 41 8.25 -8.85 -0.91
CA LYS A 41 8.21 -10.17 -1.49
C LYS A 41 6.76 -10.60 -1.60
N GLY A 42 6.22 -10.56 -2.81
CA GLY A 42 4.83 -10.92 -3.10
C GLY A 42 3.85 -10.15 -2.23
N SER A 43 2.89 -10.84 -1.60
CA SER A 43 1.83 -10.23 -0.77
C SER A 43 2.36 -9.77 0.60
N LEU A 44 3.58 -9.26 0.64
CA LEU A 44 4.10 -8.47 1.72
C LEU A 44 4.98 -7.39 1.13
N ALA A 45 4.60 -6.13 1.34
CA ALA A 45 5.51 -5.00 1.31
C ALA A 45 5.70 -4.51 2.73
N TRP A 46 6.82 -3.84 2.97
CA TRP A 46 7.10 -3.00 4.11
C TRP A 46 7.39 -1.58 3.63
N LEU A 47 7.01 -0.60 4.45
CA LEU A 47 7.11 0.83 4.19
C LEU A 47 7.99 1.49 5.24
N GLU A 48 8.40 2.74 4.98
CA GLU A 48 8.90 3.65 5.99
C GLU A 48 8.48 5.11 5.67
N LEU A 49 7.17 5.35 5.72
CA LEU A 49 6.45 6.62 5.59
C LEU A 49 6.91 7.54 4.46
N PHE A 50 6.39 8.77 4.42
CA PHE A 50 6.98 9.89 3.71
C PHE A 50 7.54 10.93 4.68
N GLY A 51 8.12 12.00 4.15
CA GLY A 51 9.05 12.83 4.89
C GLY A 51 8.50 14.17 5.33
N ALA A 52 7.34 14.56 4.80
CA ALA A 52 6.71 15.82 5.12
C ALA A 52 5.65 15.62 6.21
N GLU A 53 4.99 14.46 6.21
CA GLU A 53 3.76 14.23 6.98
C GLU A 53 3.76 12.83 7.57
N GLN A 54 2.77 12.58 8.43
CA GLN A 54 2.50 11.31 9.12
C GLN A 54 1.07 11.36 9.69
N PRO A 55 0.42 10.21 9.92
CA PRO A 55 -0.87 10.15 10.58
C PRO A 55 -0.75 10.55 12.06
N PRO A 56 -1.87 10.76 12.76
CA PRO A 56 -1.82 10.93 14.21
C PRO A 56 -1.17 9.71 14.87
N PRO A 57 -0.58 9.90 16.07
CA PRO A 57 -0.11 8.78 16.87
C PRO A 57 -1.31 7.91 17.27
N ASN A 58 -1.05 6.73 17.82
CA ASN A 58 -2.05 5.89 18.48
C ASN A 58 -3.22 5.44 17.58
N THR A 59 -3.17 5.72 16.28
CA THR A 59 -4.30 5.68 15.36
C THR A 59 -4.17 4.48 14.40
N LEU A 60 -2.99 4.31 13.81
CA LEU A 60 -2.70 3.23 12.87
C LEU A 60 -2.78 1.89 13.61
N SER A 61 -3.37 0.87 12.98
CA SER A 61 -3.57 -0.44 13.60
C SER A 61 -3.26 -1.61 12.65
N GLU A 62 -2.99 -2.79 13.20
CA GLU A 62 -2.35 -3.92 12.50
C GLU A 62 -3.26 -4.66 11.52
N GLY A 63 -4.54 -4.34 11.52
CA GLY A 63 -5.57 -4.94 10.69
C GLY A 63 -6.41 -3.85 10.05
N ALA A 64 -5.84 -2.64 9.93
CA ALA A 64 -6.49 -1.55 9.22
C ALA A 64 -6.64 -2.04 7.80
N GLU A 65 -7.85 -2.02 7.25
CA GLU A 65 -8.02 -2.15 5.83
C GLU A 65 -7.43 -0.89 5.23
N VAL A 66 -6.67 -1.11 4.17
CA VAL A 66 -5.99 -0.06 3.42
C VAL A 66 -6.19 -0.32 1.94
N SER A 67 -5.93 0.69 1.11
CA SER A 67 -5.68 0.49 -0.31
C SER A 67 -4.32 1.08 -0.64
N VAL A 68 -3.70 0.55 -1.69
CA VAL A 68 -2.37 0.91 -2.15
C VAL A 68 -2.53 1.30 -3.62
N SER A 69 -1.75 2.28 -4.10
CA SER A 69 -1.79 2.68 -5.49
C SER A 69 -0.39 3.16 -5.90
N VAL A 70 0.01 2.92 -7.16
CA VAL A 70 1.24 3.46 -7.73
C VAL A 70 1.17 3.45 -9.26
N TRP A 71 1.74 4.48 -9.89
CA TRP A 71 1.70 4.73 -11.33
C TRP A 71 2.76 3.91 -12.07
N THR A 72 2.54 2.60 -12.24
CA THR A 72 3.59 1.72 -12.74
C THR A 72 3.40 1.51 -14.25
N GLY A 73 4.21 2.24 -15.03
CA GLY A 73 4.51 2.00 -16.44
C GLY A 73 3.35 1.66 -17.35
N GLY A 74 2.18 2.22 -17.08
CA GLY A 74 0.92 1.81 -17.67
C GLY A 74 -0.18 2.74 -17.19
N ALA A 75 -0.47 2.72 -15.89
CA ALA A 75 -1.35 3.64 -15.17
C ALA A 75 -1.21 3.36 -13.68
N LEU A 76 -2.15 3.86 -12.89
CA LEU A 76 -2.27 3.56 -11.48
C LEU A 76 -2.90 2.17 -11.35
N CYS A 77 -2.05 1.15 -11.24
CA CYS A 77 -2.48 -0.09 -10.61
C CYS A 77 -2.78 0.29 -9.16
N ARG A 78 -3.90 -0.19 -8.63
CA ARG A 78 -4.23 -0.06 -7.22
C ARG A 78 -4.77 -1.38 -6.74
N CYS A 79 -4.76 -1.58 -5.43
CA CYS A 79 -5.22 -2.81 -4.82
C CYS A 79 -5.60 -2.51 -3.38
N ASP A 80 -6.12 -3.52 -2.70
CA ASP A 80 -6.65 -3.45 -1.36
C ASP A 80 -5.75 -4.32 -0.48
N GLY A 81 -5.70 -4.08 0.82
CA GLY A 81 -4.79 -4.78 1.72
C GLY A 81 -5.18 -4.59 3.16
N ARG A 82 -4.43 -5.23 4.05
CA ARG A 82 -4.49 -4.93 5.48
C ARG A 82 -3.06 -4.70 5.94
N VAL A 83 -2.87 -4.01 7.07
CA VAL A 83 -1.54 -3.70 7.60
C VAL A 83 -0.72 -4.97 7.87
N GLU A 84 -1.36 -6.09 8.22
CA GLU A 84 -0.77 -7.35 8.69
C GLU A 84 -0.07 -7.16 10.05
N THR A 85 0.95 -6.31 10.12
CA THR A 85 1.79 -6.03 11.27
C THR A 85 2.18 -4.56 11.16
N LEU A 86 1.95 -3.80 12.22
CA LEU A 86 2.47 -2.45 12.34
C LEU A 86 3.74 -2.55 13.18
N ARG A 87 4.63 -1.57 13.05
CA ARG A 87 5.87 -1.53 13.83
C ARG A 87 6.00 -0.23 14.56
N ASP A 88 5.71 0.89 13.91
CA ASP A 88 5.75 2.22 14.50
C ASP A 88 4.74 3.10 13.78
N ASP A 89 4.59 4.34 14.25
CA ASP A 89 3.81 5.37 13.56
C ASP A 89 4.39 5.72 12.18
N ARG A 90 5.52 5.12 11.77
CA ARG A 90 6.19 5.35 10.50
C ARG A 90 6.53 4.06 9.74
N GLN A 91 6.47 2.89 10.36
CA GLN A 91 6.93 1.63 9.81
C GLN A 91 5.86 0.58 10.02
N PHE A 92 5.62 -0.23 8.99
CA PHE A 92 4.59 -1.27 8.99
C PHE A 92 4.68 -2.06 7.70
N ALA A 93 4.00 -3.22 7.70
CA ALA A 93 3.80 -4.06 6.54
C ALA A 93 2.48 -3.72 5.83
N ILE A 94 2.23 -4.41 4.72
CA ILE A 94 0.90 -4.61 4.16
C ILE A 94 0.83 -6.03 3.57
N ARG A 95 -0.19 -6.78 3.98
CA ARG A 95 -0.71 -7.91 3.22
C ARG A 95 -1.49 -7.33 2.06
N LEU A 96 -1.35 -7.89 0.87
CA LEU A 96 -2.12 -7.49 -0.31
C LEU A 96 -3.27 -8.49 -0.44
N VAL A 97 -4.48 -8.04 -0.73
CA VAL A 97 -5.65 -8.91 -0.81
C VAL A 97 -6.51 -8.60 -2.04
N GLY A 98 -6.98 -9.65 -2.70
CA GLY A 98 -7.82 -9.60 -3.88
C GLY A 98 -6.95 -9.91 -5.09
N ARG A 99 -6.65 -8.89 -5.90
CA ARG A 99 -5.80 -8.96 -7.08
C ARG A 99 -5.44 -7.51 -7.43
N VAL A 100 -4.22 -7.24 -7.89
CA VAL A 100 -3.82 -5.89 -8.25
C VAL A 100 -4.24 -5.64 -9.69
N ARG A 101 -4.83 -4.48 -10.01
CA ARG A 101 -5.26 -4.15 -11.36
C ARG A 101 -5.23 -2.64 -11.59
N GLU A 102 -5.13 -2.22 -12.85
CA GLU A 102 -5.37 -0.83 -13.21
C GLU A 102 -6.85 -0.55 -13.03
N LEU A 103 -7.18 0.60 -12.45
CA LEU A 103 -8.51 1.17 -12.54
C LEU A 103 -8.49 2.68 -12.80
N GLN A 104 -7.36 3.38 -12.65
CA GLN A 104 -7.39 4.84 -12.50
C GLN A 104 -6.33 5.48 -13.41
N ARG A 105 -6.65 6.65 -13.97
CA ARG A 105 -5.87 7.34 -15.00
C ARG A 105 -5.80 8.84 -14.70
N ARG A 106 -4.75 9.48 -15.22
CA ARG A 106 -4.40 10.87 -14.94
C ARG A 106 -5.28 11.78 -15.79
N GLU A 107 -5.91 12.76 -15.16
CA GLU A 107 -6.85 13.68 -15.81
C GLU A 107 -6.13 14.82 -16.56
N TYR A 108 -4.92 14.56 -17.10
CA TYR A 108 -4.01 15.58 -17.63
C TYR A 108 -3.38 15.17 -18.98
N PHE A 109 -4.01 14.23 -19.69
CA PHE A 109 -3.55 13.58 -20.92
C PHE A 109 -2.29 12.73 -20.76
N GLY A 1 -8.21 -18.93 -13.82
CA GLY A 1 -7.41 -20.03 -14.39
C GLY A 1 -5.95 -19.63 -14.35
N MET A 2 -5.07 -20.59 -14.08
CA MET A 2 -3.71 -20.34 -13.60
C MET A 2 -3.76 -19.46 -12.33
N SER A 3 -2.61 -18.96 -11.90
CA SER A 3 -2.45 -17.97 -10.83
C SER A 3 -2.86 -18.52 -9.45
N ALA A 4 -4.16 -18.49 -9.10
CA ALA A 4 -4.81 -18.92 -7.84
C ALA A 4 -4.43 -18.10 -6.60
N ASP A 5 -3.14 -17.78 -6.48
CA ASP A 5 -2.55 -16.92 -5.48
C ASP A 5 -2.55 -15.47 -6.01
N GLY A 6 -1.83 -14.58 -5.32
CA GLY A 6 -1.51 -13.24 -5.77
C GLY A 6 -0.44 -13.30 -6.84
N SER A 7 0.83 -13.11 -6.48
CA SER A 7 1.91 -12.90 -7.46
C SER A 7 1.60 -11.69 -8.34
N GLU A 8 2.47 -11.42 -9.33
CA GLU A 8 2.52 -10.20 -10.16
C GLU A 8 2.64 -8.91 -9.34
N TYR A 9 2.68 -8.99 -8.01
CA TYR A 9 2.75 -7.83 -7.14
C TYR A 9 4.06 -7.10 -7.38
N GLY A 10 5.16 -7.82 -7.58
CA GLY A 10 6.51 -7.28 -7.59
C GLY A 10 6.98 -6.85 -8.97
N ARG A 11 6.16 -7.02 -10.01
CA ARG A 11 6.35 -6.34 -11.28
C ARG A 11 5.70 -4.96 -11.27
N TYR A 12 4.80 -4.69 -10.32
CA TYR A 12 4.05 -3.45 -10.25
C TYR A 12 4.57 -2.59 -9.12
N PHE A 13 4.65 -3.15 -7.91
CA PHE A 13 5.33 -2.56 -6.79
C PHE A 13 6.80 -2.96 -6.92
N GLU A 14 7.69 -2.18 -6.32
CA GLU A 14 9.12 -2.44 -6.30
C GLU A 14 9.61 -2.00 -4.94
N GLN A 15 10.70 -2.61 -4.48
CA GLN A 15 11.16 -2.53 -3.08
C GLN A 15 11.53 -1.13 -2.62
N LEU A 16 11.76 -0.23 -3.55
CA LEU A 16 12.17 1.15 -3.33
C LEU A 16 11.24 2.11 -4.11
N GLN A 17 10.15 1.61 -4.70
CA GLN A 17 9.16 2.48 -5.30
C GLN A 17 8.36 3.15 -4.18
N LYS A 18 7.56 4.15 -4.57
CA LYS A 18 6.60 4.75 -3.66
C LYS A 18 5.27 4.03 -3.79
N VAL A 19 4.44 4.13 -2.75
CA VAL A 19 3.02 3.78 -2.80
C VAL A 19 2.21 4.76 -1.93
N ASN A 20 0.89 4.75 -2.13
CA ASN A 20 -0.12 5.53 -1.42
C ASN A 20 -0.44 4.95 -0.02
N LEU A 21 -1.32 5.56 0.79
CA LEU A 21 -1.57 5.14 2.19
C LEU A 21 -3.05 5.14 2.61
N THR A 22 -4.02 5.06 1.70
CA THR A 22 -5.42 5.33 2.04
C THR A 22 -5.92 4.32 3.08
N VAL A 23 -6.10 4.75 4.33
CA VAL A 23 -6.60 3.95 5.46
C VAL A 23 -8.09 4.23 5.66
N ARG A 24 -8.89 3.21 5.94
CA ARG A 24 -10.21 3.40 6.53
C ARG A 24 -10.04 3.77 7.99
N LEU A 25 -10.55 4.94 8.35
CA LEU A 25 -10.87 5.27 9.70
C LEU A 25 -12.37 5.30 9.83
N GLY A 26 -12.96 4.12 10.07
CA GLY A 26 -14.35 4.07 10.47
C GLY A 26 -14.58 5.03 11.64
N ASP A 27 -15.66 5.81 11.55
CA ASP A 27 -16.17 6.78 12.53
C ASP A 27 -15.27 7.96 12.83
N THR A 28 -14.05 8.00 12.30
CA THR A 28 -13.08 9.05 12.59
C THR A 28 -12.72 9.81 11.31
N GLY A 29 -12.70 9.12 10.18
CA GLY A 29 -12.56 9.69 8.85
C GLY A 29 -11.18 9.48 8.28
N SER A 30 -11.19 8.91 7.07
CA SER A 30 -10.06 8.23 6.44
C SER A 30 -8.85 9.15 6.30
N PHE A 31 -7.68 8.53 6.09
CA PHE A 31 -6.40 9.21 6.04
C PHE A 31 -5.72 8.73 4.79
N ASP A 32 -5.05 9.62 4.06
CA ASP A 32 -4.24 9.24 2.93
C ASP A 32 -2.90 9.98 2.99
N GLY A 33 -1.86 9.31 2.50
CA GLY A 33 -0.49 9.79 2.50
C GLY A 33 0.34 8.96 1.52
N THR A 34 1.66 9.01 1.64
CA THR A 34 2.58 8.32 0.75
C THR A 34 3.59 7.59 1.63
N ALA A 35 4.32 6.62 1.09
CA ALA A 35 5.60 6.22 1.64
C ALA A 35 6.49 5.71 0.52
N ALA A 36 7.79 5.67 0.80
CA ALA A 36 8.70 4.78 0.10
C ALA A 36 8.49 3.38 0.67
N ILE A 37 8.51 2.37 -0.20
CA ILE A 37 8.71 0.97 0.18
C ILE A 37 10.16 0.84 0.65
N THR A 38 10.42 -0.20 1.44
CA THR A 38 11.74 -0.61 1.93
C THR A 38 11.98 -2.09 1.73
N SER A 39 10.92 -2.89 1.78
CA SER A 39 10.94 -4.35 1.77
C SER A 39 9.70 -4.78 1.00
N LEU A 40 9.79 -5.87 0.25
CA LEU A 40 8.77 -6.32 -0.67
C LEU A 40 9.07 -7.79 -0.96
N LYS A 41 8.33 -8.70 -0.32
CA LYS A 41 8.39 -10.13 -0.51
C LYS A 41 7.01 -10.59 -0.94
N GLY A 42 6.69 -10.37 -2.20
CA GLY A 42 5.45 -10.82 -2.81
C GLY A 42 4.25 -10.11 -2.21
N SER A 43 3.36 -10.87 -1.57
CA SER A 43 2.18 -10.40 -0.84
C SER A 43 2.49 -9.56 0.37
N LEU A 44 3.76 -9.32 0.69
CA LEU A 44 4.15 -8.56 1.87
C LEU A 44 5.09 -7.47 1.43
N ALA A 45 4.92 -6.26 1.97
CA ALA A 45 5.87 -5.17 1.84
C ALA A 45 5.99 -4.47 3.19
N TRP A 46 7.02 -3.63 3.34
CA TRP A 46 7.19 -2.69 4.46
C TRP A 46 7.48 -1.31 3.87
N LEU A 47 7.06 -0.27 4.60
CA LEU A 47 7.22 1.14 4.27
C LEU A 47 8.04 1.86 5.32
N GLU A 48 8.41 3.13 5.05
CA GLU A 48 8.93 4.06 6.05
C GLU A 48 8.52 5.51 5.71
N LEU A 49 7.20 5.74 5.62
CA LEU A 49 6.56 7.04 5.41
C LEU A 49 7.16 7.87 4.26
N PHE A 50 6.75 9.15 4.14
CA PHE A 50 7.28 10.05 3.13
C PHE A 50 7.76 11.41 3.63
N GLY A 51 7.36 11.83 4.83
CA GLY A 51 7.73 13.11 5.43
C GLY A 51 6.51 13.98 5.66
N ALA A 52 6.35 14.46 6.90
CA ALA A 52 5.40 15.44 7.42
C ALA A 52 3.95 14.97 7.45
N GLU A 53 3.44 14.45 6.34
CA GLU A 53 2.10 13.87 6.22
C GLU A 53 2.09 12.56 6.99
N GLN A 54 1.58 12.57 8.23
CA GLN A 54 1.51 11.39 9.09
C GLN A 54 0.10 11.20 9.66
N PRO A 55 -0.31 9.95 9.99
CA PRO A 55 -1.63 9.64 10.51
C PRO A 55 -1.83 10.11 11.95
N PRO A 56 -3.08 10.18 12.44
CA PRO A 56 -3.34 10.41 13.86
C PRO A 56 -2.80 9.28 14.74
N PRO A 57 -2.60 9.50 16.04
CA PRO A 57 -1.97 8.55 16.93
C PRO A 57 -2.94 7.45 17.37
N ASN A 58 -2.37 6.32 17.82
CA ASN A 58 -3.07 5.11 18.27
C ASN A 58 -4.22 4.72 17.34
N THR A 59 -4.04 4.99 16.05
CA THR A 59 -5.06 4.86 15.03
C THR A 59 -4.67 3.71 14.11
N LEU A 60 -3.48 3.77 13.50
CA LEU A 60 -3.00 2.66 12.69
C LEU A 60 -3.01 1.40 13.55
N SER A 61 -3.65 0.34 13.03
CA SER A 61 -3.77 -0.94 13.72
C SER A 61 -3.30 -2.02 12.77
N GLU A 62 -2.93 -3.19 13.29
CA GLU A 62 -2.29 -4.27 12.54
C GLU A 62 -3.22 -4.96 11.52
N GLY A 63 -4.49 -4.57 11.50
CA GLY A 63 -5.53 -5.09 10.63
C GLY A 63 -6.33 -3.96 10.00
N ALA A 64 -5.79 -2.74 9.98
CA ALA A 64 -6.43 -1.61 9.30
C ALA A 64 -6.55 -2.00 7.84
N GLU A 65 -7.73 -1.85 7.25
CA GLU A 65 -7.89 -1.97 5.82
C GLU A 65 -7.32 -0.71 5.20
N VAL A 66 -6.37 -0.93 4.31
CA VAL A 66 -5.61 0.10 3.63
C VAL A 66 -5.53 -0.23 2.15
N SER A 67 -5.17 0.74 1.31
CA SER A 67 -5.17 0.61 -0.13
C SER A 67 -3.84 1.12 -0.66
N VAL A 68 -3.20 0.33 -1.53
CA VAL A 68 -1.93 0.68 -2.17
C VAL A 68 -2.29 1.24 -3.54
N SER A 69 -1.62 2.29 -4.00
CA SER A 69 -1.57 2.63 -5.42
C SER A 69 -0.19 3.11 -5.80
N VAL A 70 0.14 3.00 -7.09
CA VAL A 70 1.37 3.48 -7.71
C VAL A 70 1.11 3.57 -9.22
N TRP A 71 1.76 4.51 -9.89
CA TRP A 71 1.85 4.55 -11.35
C TRP A 71 3.06 3.73 -11.75
N THR A 72 2.84 2.70 -12.56
CA THR A 72 3.82 1.68 -12.88
C THR A 72 3.45 1.21 -14.28
N GLY A 73 4.35 1.37 -15.24
CA GLY A 73 4.01 1.37 -16.65
C GLY A 73 3.17 2.60 -17.00
N GLY A 74 2.49 2.57 -18.15
CA GLY A 74 1.65 3.66 -18.66
C GLY A 74 0.35 3.90 -17.89
N ALA A 75 0.10 3.14 -16.81
CA ALA A 75 -1.15 3.20 -16.07
C ALA A 75 -0.89 3.15 -14.57
N LEU A 76 -1.96 3.34 -13.82
CA LEU A 76 -2.00 3.17 -12.38
C LEU A 76 -1.98 1.66 -12.09
N CYS A 77 -1.78 1.26 -10.85
CA CYS A 77 -2.22 0.00 -10.30
C CYS A 77 -2.76 0.33 -8.91
N ARG A 78 -3.69 -0.47 -8.41
CA ARG A 78 -4.18 -0.41 -7.03
C ARG A 78 -4.25 -1.84 -6.54
N CYS A 79 -4.17 -2.03 -5.24
CA CYS A 79 -4.74 -3.21 -4.62
C CYS A 79 -5.28 -2.77 -3.27
N ASP A 80 -6.24 -3.52 -2.75
CA ASP A 80 -6.75 -3.34 -1.40
C ASP A 80 -6.06 -4.40 -0.54
N GLY A 81 -5.84 -4.14 0.75
CA GLY A 81 -4.99 -4.97 1.62
C GLY A 81 -5.14 -4.54 3.07
N ARG A 82 -4.41 -5.18 3.99
CA ARG A 82 -4.42 -4.85 5.42
C ARG A 82 -2.98 -4.65 5.90
N VAL A 83 -2.79 -4.13 7.11
CA VAL A 83 -1.48 -3.79 7.67
C VAL A 83 -0.61 -5.04 7.94
N GLU A 84 -1.19 -6.16 8.35
CA GLU A 84 -0.55 -7.40 8.81
C GLU A 84 0.23 -7.23 10.12
N THR A 85 1.15 -6.28 10.20
CA THR A 85 1.93 -5.98 11.40
C THR A 85 2.28 -4.49 11.37
N LEU A 86 2.20 -3.84 12.54
CA LEU A 86 2.60 -2.46 12.74
C LEU A 86 3.77 -2.47 13.71
N ARG A 87 4.65 -1.46 13.63
CA ARG A 87 5.91 -1.49 14.35
C ARG A 87 6.22 -0.16 15.00
N ASP A 88 6.18 0.91 14.21
CA ASP A 88 6.02 2.27 14.71
C ASP A 88 4.82 2.85 13.96
N ASP A 89 4.43 4.05 14.33
CA ASP A 89 3.51 4.91 13.59
C ASP A 89 3.98 5.14 12.14
N ARG A 90 5.31 5.16 11.91
CA ARG A 90 5.89 5.44 10.59
C ARG A 90 6.40 4.20 9.87
N GLN A 91 6.52 3.04 10.53
CA GLN A 91 7.07 1.84 9.91
C GLN A 91 6.14 0.69 10.21
N PHE A 92 5.69 0.03 9.16
CA PHE A 92 4.74 -1.05 9.24
C PHE A 92 4.74 -1.86 7.94
N ALA A 93 4.13 -3.05 7.99
CA ALA A 93 4.00 -3.96 6.88
C ALA A 93 2.69 -3.67 6.12
N ILE A 94 2.43 -4.44 5.06
CA ILE A 94 1.13 -4.57 4.39
C ILE A 94 1.07 -5.93 3.71
N ARG A 95 -0.04 -6.66 3.87
CA ARG A 95 -0.34 -7.94 3.20
C ARG A 95 -1.42 -7.68 2.17
N LEU A 96 -1.05 -7.79 0.89
CA LEU A 96 -1.91 -7.57 -0.25
C LEU A 96 -2.88 -8.74 -0.33
N VAL A 97 -4.12 -8.52 -0.75
CA VAL A 97 -5.10 -9.59 -0.84
C VAL A 97 -5.75 -9.58 -2.22
N GLY A 98 -6.22 -10.75 -2.62
CA GLY A 98 -6.58 -11.10 -3.97
C GLY A 98 -5.39 -10.83 -4.88
N ARG A 99 -5.48 -9.79 -5.68
CA ARG A 99 -4.60 -9.51 -6.81
C ARG A 99 -4.66 -8.04 -7.20
N VAL A 100 -3.75 -7.57 -8.06
CA VAL A 100 -3.72 -6.20 -8.55
C VAL A 100 -4.49 -6.11 -9.89
N ARG A 101 -4.98 -4.91 -10.22
CA ARG A 101 -5.16 -4.44 -11.59
C ARG A 101 -4.83 -2.94 -11.69
N GLU A 102 -4.59 -2.45 -12.91
CA GLU A 102 -4.87 -1.06 -13.23
C GLU A 102 -6.37 -0.82 -13.12
N LEU A 103 -6.74 0.36 -12.64
CA LEU A 103 -8.11 0.82 -12.55
C LEU A 103 -8.26 2.18 -13.21
N GLN A 104 -7.15 2.79 -13.64
CA GLN A 104 -7.06 4.06 -14.34
C GLN A 104 -5.78 4.02 -15.19
N ARG A 105 -5.69 4.78 -16.31
CA ARG A 105 -4.44 4.93 -17.07
C ARG A 105 -4.16 6.40 -17.36
N ARG A 106 -2.91 6.75 -17.70
CA ARG A 106 -2.55 8.09 -18.15
C ARG A 106 -2.23 8.13 -19.64
N GLU A 107 -2.30 7.00 -20.35
CA GLU A 107 -1.96 6.90 -21.77
C GLU A 107 -3.08 7.46 -22.67
N TYR A 108 -3.55 8.67 -22.35
CA TYR A 108 -4.56 9.46 -23.04
C TYR A 108 -4.06 10.89 -23.35
N PHE A 109 -2.74 11.11 -23.33
CA PHE A 109 -2.05 12.40 -23.51
C PHE A 109 -2.49 13.40 -22.44
N GLY A 1 8.67 -13.83 7.84
CA GLY A 1 8.11 -14.76 6.86
C GLY A 1 6.73 -14.31 6.42
N MET A 2 5.69 -14.63 7.19
CA MET A 2 4.30 -14.22 6.92
C MET A 2 3.80 -14.78 5.58
N SER A 3 4.27 -15.97 5.19
CA SER A 3 4.12 -16.60 3.88
C SER A 3 4.89 -15.81 2.80
N ALA A 4 5.87 -16.45 2.16
CA ALA A 4 6.65 -15.87 1.08
C ALA A 4 5.89 -15.99 -0.25
N ASP A 5 6.47 -15.36 -1.28
CA ASP A 5 5.90 -15.16 -2.62
C ASP A 5 4.57 -14.40 -2.54
N GLY A 6 4.04 -14.00 -3.69
CA GLY A 6 2.89 -13.12 -3.77
C GLY A 6 1.95 -13.67 -4.81
N SER A 7 2.21 -13.33 -6.06
CA SER A 7 1.78 -13.98 -7.30
C SER A 7 2.28 -13.05 -8.40
N GLU A 8 1.65 -11.89 -8.53
CA GLU A 8 1.91 -10.87 -9.53
C GLU A 8 2.05 -9.50 -8.85
N TYR A 9 1.91 -9.40 -7.53
CA TYR A 9 1.97 -8.11 -6.84
C TYR A 9 3.26 -7.36 -7.15
N GLY A 10 4.37 -8.11 -7.22
CA GLY A 10 5.69 -7.57 -7.43
C GLY A 10 5.90 -7.05 -8.85
N ARG A 11 4.92 -7.24 -9.73
CA ARG A 11 4.92 -6.67 -11.07
C ARG A 11 4.48 -5.20 -11.04
N TYR A 12 3.85 -4.75 -9.95
CA TYR A 12 3.25 -3.42 -9.82
C TYR A 12 3.92 -2.64 -8.70
N PHE A 13 4.44 -3.37 -7.70
CA PHE A 13 5.13 -2.78 -6.56
C PHE A 13 6.51 -3.38 -6.37
N GLU A 14 7.41 -2.51 -5.95
CA GLU A 14 8.81 -2.79 -5.82
C GLU A 14 9.27 -2.26 -4.48
N GLN A 15 10.34 -2.85 -4.00
CA GLN A 15 10.86 -2.55 -2.68
C GLN A 15 11.32 -1.12 -2.45
N LEU A 16 11.56 -0.36 -3.50
CA LEU A 16 12.05 1.01 -3.40
C LEU A 16 11.10 1.94 -4.14
N GLN A 17 9.91 1.43 -4.47
CA GLN A 17 8.85 2.21 -5.09
C GLN A 17 8.15 3.05 -4.01
N LYS A 18 7.33 4.01 -4.45
CA LYS A 18 6.43 4.75 -3.57
C LYS A 18 5.01 4.34 -3.84
N VAL A 19 4.14 4.36 -2.83
CA VAL A 19 2.73 4.03 -2.95
C VAL A 19 1.87 4.95 -2.07
N ASN A 20 0.55 4.94 -2.33
CA ASN A 20 -0.49 5.47 -1.45
C ASN A 20 -0.73 4.59 -0.23
N LEU A 21 -1.43 5.10 0.79
CA LEU A 21 -1.51 4.47 2.12
C LEU A 21 -2.91 4.48 2.73
N THR A 22 -3.97 4.66 1.95
CA THR A 22 -5.28 5.07 2.44
C THR A 22 -5.71 4.23 3.65
N VAL A 23 -5.90 4.83 4.84
CA VAL A 23 -6.30 4.10 6.04
C VAL A 23 -7.69 4.56 6.42
N ARG A 24 -8.68 3.68 6.38
CA ARG A 24 -10.02 4.05 6.83
C ARG A 24 -9.99 4.35 8.34
N LEU A 25 -10.59 5.46 8.76
CA LEU A 25 -10.79 5.85 10.16
C LEU A 25 -12.28 6.17 10.33
N GLY A 26 -13.09 5.12 10.55
CA GLY A 26 -14.51 5.28 10.85
C GLY A 26 -15.31 5.92 9.71
N ASP A 27 -14.98 5.55 8.47
CA ASP A 27 -15.82 5.63 7.27
C ASP A 27 -15.97 7.05 6.72
N THR A 28 -15.20 8.01 7.23
CA THR A 28 -15.12 9.38 6.71
C THR A 28 -13.75 9.99 7.07
N GLY A 29 -13.22 9.66 8.25
CA GLY A 29 -11.99 10.25 8.77
C GLY A 29 -10.71 9.82 8.09
N SER A 30 -10.81 8.98 7.06
CA SER A 30 -9.72 8.17 6.54
C SER A 30 -8.49 9.01 6.20
N PHE A 31 -7.33 8.51 6.60
CA PHE A 31 -6.03 9.13 6.34
C PHE A 31 -5.61 8.74 4.92
N ASP A 32 -4.85 9.60 4.26
CA ASP A 32 -4.24 9.41 2.95
C ASP A 32 -2.88 10.08 3.00
N GLY A 33 -1.84 9.32 2.68
CA GLY A 33 -0.46 9.81 2.67
C GLY A 33 0.34 9.00 1.65
N THR A 34 1.65 9.25 1.60
CA THR A 34 2.56 8.55 0.68
C THR A 34 3.57 7.82 1.56
N ALA A 35 4.24 6.79 1.04
CA ALA A 35 5.48 6.29 1.62
C ALA A 35 6.35 5.66 0.55
N ALA A 36 7.65 5.62 0.85
CA ALA A 36 8.59 4.74 0.23
C ALA A 36 8.43 3.36 0.85
N ILE A 37 8.32 2.35 0.00
CA ILE A 37 8.62 0.98 0.34
C ILE A 37 10.13 0.92 0.66
N THR A 38 10.52 -0.12 1.38
CA THR A 38 11.91 -0.41 1.74
C THR A 38 12.25 -1.87 1.47
N SER A 39 11.31 -2.78 1.70
CA SER A 39 11.49 -4.21 1.55
C SER A 39 10.16 -4.80 1.06
N LEU A 40 10.21 -5.74 0.11
CA LEU A 40 9.02 -6.34 -0.49
C LEU A 40 9.28 -7.81 -0.75
N LYS A 41 8.42 -8.68 -0.22
CA LYS A 41 8.47 -10.12 -0.41
C LYS A 41 7.07 -10.60 -0.69
N GLY A 42 6.64 -10.46 -1.94
CA GLY A 42 5.45 -11.13 -2.42
C GLY A 42 4.19 -10.43 -1.93
N SER A 43 3.37 -11.14 -1.17
CA SER A 43 2.19 -10.64 -0.45
C SER A 43 2.55 -9.63 0.63
N LEU A 44 3.83 -9.37 0.88
CA LEU A 44 4.30 -8.57 2.01
C LEU A 44 5.15 -7.40 1.52
N ALA A 45 4.94 -6.21 2.05
CA ALA A 45 5.83 -5.04 1.90
C ALA A 45 6.04 -4.36 3.25
N TRP A 46 7.07 -3.51 3.35
CA TRP A 46 7.33 -2.61 4.47
C TRP A 46 7.54 -1.18 3.98
N LEU A 47 6.68 -0.26 4.41
CA LEU A 47 6.83 1.19 4.26
C LEU A 47 7.63 1.79 5.43
N GLU A 48 8.10 3.04 5.26
CA GLU A 48 8.73 3.89 6.30
C GLU A 48 8.21 5.34 6.23
N LEU A 49 6.94 5.48 5.91
CA LEU A 49 6.26 6.72 5.57
C LEU A 49 6.96 7.52 4.48
N PHE A 50 6.53 8.77 4.27
CA PHE A 50 7.25 9.74 3.47
C PHE A 50 7.42 10.99 4.30
N GLY A 51 8.67 11.41 4.48
CA GLY A 51 8.95 12.67 5.13
C GLY A 51 8.57 12.62 6.61
N ALA A 52 8.33 13.80 7.19
CA ALA A 52 7.87 13.97 8.56
C ALA A 52 6.34 13.94 8.69
N GLU A 53 5.60 13.79 7.58
CA GLU A 53 4.15 13.68 7.62
C GLU A 53 3.77 12.29 8.11
N GLN A 54 2.88 12.21 9.08
CA GLN A 54 2.52 10.98 9.77
C GLN A 54 1.08 11.05 10.29
N PRO A 55 0.43 9.91 10.54
CA PRO A 55 -0.91 9.87 11.10
C PRO A 55 -0.92 10.36 12.55
N PRO A 56 -2.11 10.51 13.17
CA PRO A 56 -2.19 10.59 14.62
C PRO A 56 -1.62 9.32 15.26
N PRO A 57 -1.13 9.38 16.51
CA PRO A 57 -0.78 8.19 17.28
C PRO A 57 -2.05 7.47 17.73
N ASN A 58 -1.93 6.30 18.36
CA ASN A 58 -3.05 5.49 18.90
C ASN A 58 -4.24 5.37 17.91
N THR A 59 -3.94 5.24 16.63
CA THR A 59 -4.89 5.22 15.53
C THR A 59 -4.57 4.03 14.61
N LEU A 60 -3.33 3.90 14.13
CA LEU A 60 -2.89 2.81 13.28
C LEU A 60 -3.08 1.46 13.98
N SER A 61 -3.34 0.42 13.19
CA SER A 61 -3.65 -0.92 13.70
C SER A 61 -3.00 -1.99 12.83
N GLU A 62 -2.76 -3.17 13.40
CA GLU A 62 -2.04 -4.26 12.72
C GLU A 62 -2.87 -5.00 11.67
N GLY A 63 -4.14 -4.63 11.53
CA GLY A 63 -5.11 -5.23 10.62
C GLY A 63 -5.98 -4.14 10.02
N ALA A 64 -5.49 -2.88 10.03
CA ALA A 64 -6.13 -1.78 9.32
C ALA A 64 -6.21 -2.25 7.88
N GLU A 65 -7.40 -2.22 7.27
CA GLU A 65 -7.49 -2.34 5.83
C GLU A 65 -6.94 -1.03 5.29
N VAL A 66 -6.04 -1.16 4.34
CA VAL A 66 -5.35 -0.05 3.70
C VAL A 66 -5.23 -0.33 2.22
N SER A 67 -5.46 0.67 1.39
CA SER A 67 -5.53 0.53 -0.06
C SER A 67 -4.30 1.17 -0.70
N VAL A 68 -3.63 0.43 -1.58
CA VAL A 68 -2.41 0.87 -2.24
C VAL A 68 -2.81 1.45 -3.59
N SER A 69 -2.09 2.47 -4.06
CA SER A 69 -2.06 2.86 -5.45
C SER A 69 -0.68 3.38 -5.82
N VAL A 70 -0.36 3.39 -7.11
CA VAL A 70 0.87 3.93 -7.67
C VAL A 70 0.67 4.09 -9.18
N TRP A 71 1.37 5.04 -9.79
CA TRP A 71 1.52 5.16 -11.23
C TRP A 71 2.58 4.14 -11.66
N THR A 72 2.18 3.07 -12.34
CA THR A 72 3.07 2.06 -12.90
C THR A 72 2.44 1.61 -14.22
N GLY A 73 3.24 1.15 -15.18
CA GLY A 73 2.78 0.67 -16.48
C GLY A 73 2.06 1.72 -17.33
N GLY A 74 2.00 2.99 -16.91
CA GLY A 74 1.36 4.09 -17.63
C GLY A 74 0.01 4.51 -17.05
N ALA A 75 -0.46 3.92 -15.95
CA ALA A 75 -1.77 4.21 -15.38
C ALA A 75 -1.72 4.08 -13.85
N LEU A 76 -2.74 4.57 -13.16
CA LEU A 76 -2.84 4.46 -11.70
C LEU A 76 -3.37 3.07 -11.38
N CYS A 77 -2.46 2.13 -11.10
CA CYS A 77 -2.84 0.83 -10.57
C CYS A 77 -3.22 1.02 -9.10
N ARG A 78 -4.06 0.12 -8.60
CA ARG A 78 -4.38 0.08 -7.17
C ARG A 78 -4.68 -1.33 -6.72
N CYS A 79 -4.79 -1.54 -5.41
CA CYS A 79 -5.31 -2.77 -4.83
C CYS A 79 -5.78 -2.50 -3.41
N ASP A 80 -6.58 -3.41 -2.87
CA ASP A 80 -7.06 -3.39 -1.47
C ASP A 80 -6.24 -4.40 -0.66
N GLY A 81 -5.93 -4.11 0.61
CA GLY A 81 -5.03 -4.88 1.45
C GLY A 81 -5.16 -4.49 2.93
N ARG A 82 -4.21 -4.91 3.77
CA ARG A 82 -4.21 -4.63 5.22
C ARG A 82 -2.78 -4.50 5.75
N VAL A 83 -2.60 -4.15 7.02
CA VAL A 83 -1.29 -3.97 7.65
C VAL A 83 -0.56 -5.30 7.93
N GLU A 84 -1.25 -6.32 8.43
CA GLU A 84 -0.73 -7.58 9.03
C GLU A 84 0.07 -7.39 10.32
N THR A 85 1.01 -6.42 10.38
CA THR A 85 1.93 -6.18 11.49
C THR A 85 2.32 -4.71 11.46
N LEU A 86 2.34 -4.05 12.61
CA LEU A 86 2.73 -2.66 12.78
C LEU A 86 3.98 -2.61 13.65
N ARG A 87 4.73 -1.50 13.61
CA ARG A 87 6.01 -1.38 14.33
C ARG A 87 6.21 0.03 14.90
N ASP A 88 5.66 1.04 14.26
CA ASP A 88 5.61 2.43 14.69
C ASP A 88 4.34 3.01 14.09
N ASP A 89 4.07 4.28 14.36
CA ASP A 89 3.11 5.08 13.58
C ASP A 89 3.61 5.31 12.14
N ARG A 90 4.87 4.95 11.83
CA ARG A 90 5.54 5.27 10.58
C ARG A 90 6.22 4.09 9.91
N GLN A 91 6.38 2.96 10.59
CA GLN A 91 6.97 1.76 10.06
C GLN A 91 5.97 0.67 10.36
N PHE A 92 5.61 -0.10 9.35
CA PHE A 92 4.63 -1.17 9.45
C PHE A 92 4.75 -2.00 8.18
N ALA A 93 4.14 -3.18 8.17
CA ALA A 93 4.04 -4.03 6.99
C ALA A 93 2.71 -3.74 6.27
N ILE A 94 2.48 -4.32 5.09
CA ILE A 94 1.16 -4.48 4.48
C ILE A 94 1.11 -5.84 3.77
N ARG A 95 -0.01 -6.53 3.94
CA ARG A 95 -0.35 -7.83 3.38
C ARG A 95 -1.38 -7.52 2.32
N LEU A 96 -0.95 -7.74 1.09
CA LEU A 96 -1.79 -7.60 -0.08
C LEU A 96 -2.69 -8.81 -0.15
N VAL A 97 -3.88 -8.60 -0.70
CA VAL A 97 -4.86 -9.62 -1.01
C VAL A 97 -5.42 -9.37 -2.42
N GLY A 98 -6.09 -10.39 -2.96
CA GLY A 98 -6.68 -10.42 -4.27
C GLY A 98 -5.61 -10.23 -5.33
N ARG A 99 -5.69 -9.11 -6.03
CA ARG A 99 -5.03 -8.92 -7.33
C ARG A 99 -5.04 -7.45 -7.76
N VAL A 100 -3.93 -6.97 -8.30
CA VAL A 100 -3.73 -5.59 -8.74
C VAL A 100 -4.30 -5.42 -10.15
N ARG A 101 -4.74 -4.23 -10.55
CA ARG A 101 -5.19 -3.98 -11.92
C ARG A 101 -5.17 -2.48 -12.18
N GLU A 102 -5.22 -2.11 -13.47
CA GLU A 102 -5.44 -0.74 -13.90
C GLU A 102 -6.93 -0.42 -13.69
N LEU A 103 -7.24 0.64 -12.94
CA LEU A 103 -8.60 1.18 -12.86
C LEU A 103 -8.67 2.69 -13.04
N GLN A 104 -7.55 3.43 -13.00
CA GLN A 104 -7.50 4.89 -13.13
C GLN A 104 -6.27 5.29 -13.97
N ARG A 105 -6.20 6.51 -14.52
CA ARG A 105 -5.09 7.04 -15.34
C ARG A 105 -5.39 8.48 -15.79
N ARG A 106 -4.38 9.20 -16.30
CA ARG A 106 -4.61 10.52 -16.89
C ARG A 106 -5.29 10.32 -18.24
N GLU A 107 -6.39 11.05 -18.43
CA GLU A 107 -7.14 11.09 -19.66
C GLU A 107 -7.94 12.39 -19.63
N TYR A 108 -7.39 13.47 -20.19
CA TYR A 108 -8.03 14.78 -20.18
C TYR A 108 -7.97 15.55 -21.50
N PHE A 109 -8.03 14.76 -22.58
CA PHE A 109 -7.82 15.21 -23.94
C PHE A 109 -8.72 16.39 -24.30
N GLY A 1 -5.56 -14.94 -10.51
CA GLY A 1 -6.41 -15.19 -9.35
C GLY A 1 -7.60 -14.26 -9.34
N MET A 2 -8.78 -14.74 -9.77
CA MET A 2 -10.06 -14.11 -9.44
C MET A 2 -10.36 -14.33 -7.95
N SER A 3 -9.91 -15.47 -7.43
CA SER A 3 -9.89 -15.88 -6.04
C SER A 3 -8.51 -16.47 -5.73
N ALA A 4 -8.30 -16.78 -4.45
CA ALA A 4 -7.08 -17.32 -3.84
C ALA A 4 -5.98 -16.28 -3.70
N ASP A 5 -4.83 -16.72 -3.17
CA ASP A 5 -3.63 -15.91 -2.98
C ASP A 5 -2.99 -15.54 -4.31
N GLY A 6 -2.05 -14.59 -4.27
CA GLY A 6 -1.37 -14.09 -5.43
C GLY A 6 0.04 -13.62 -5.16
N SER A 7 0.75 -13.34 -6.25
CA SER A 7 2.17 -13.11 -6.31
C SER A 7 2.53 -12.24 -7.53
N GLU A 8 1.56 -11.75 -8.31
CA GLU A 8 1.75 -10.79 -9.41
C GLU A 8 1.99 -9.38 -8.88
N TYR A 9 1.87 -9.15 -7.57
CA TYR A 9 1.89 -7.80 -7.03
C TYR A 9 3.28 -7.18 -7.15
N GLY A 10 4.33 -7.99 -7.05
CA GLY A 10 5.72 -7.57 -7.23
C GLY A 10 6.11 -7.32 -8.68
N ARG A 11 5.19 -7.45 -9.63
CA ARG A 11 5.36 -6.92 -10.98
C ARG A 11 4.99 -5.43 -11.03
N TYR A 12 4.28 -4.89 -10.02
CA TYR A 12 3.74 -3.54 -10.01
C TYR A 12 4.25 -2.71 -8.84
N PHE A 13 4.43 -3.33 -7.68
CA PHE A 13 5.11 -2.75 -6.54
C PHE A 13 6.56 -3.22 -6.55
N GLU A 14 7.44 -2.50 -5.87
CA GLU A 14 8.86 -2.82 -5.89
C GLU A 14 9.53 -2.28 -4.64
N GLN A 15 10.71 -2.80 -4.32
CA GLN A 15 11.28 -2.65 -2.99
C GLN A 15 11.69 -1.23 -2.61
N LEU A 16 11.92 -0.35 -3.58
CA LEU A 16 12.29 1.05 -3.36
C LEU A 16 11.26 1.96 -4.03
N GLN A 17 10.10 1.38 -4.41
CA GLN A 17 9.02 2.14 -5.05
C GLN A 17 8.30 3.02 -4.02
N LYS A 18 7.22 3.69 -4.42
CA LYS A 18 6.32 4.45 -3.53
C LYS A 18 4.91 3.91 -3.65
N VAL A 19 4.06 4.17 -2.65
CA VAL A 19 2.61 3.93 -2.71
C VAL A 19 1.86 4.99 -1.89
N ASN A 20 0.59 5.22 -2.24
CA ASN A 20 -0.43 5.82 -1.39
C ASN A 20 -0.80 4.87 -0.23
N LEU A 21 -1.53 5.33 0.81
CA LEU A 21 -1.55 4.69 2.13
C LEU A 21 -2.90 4.57 2.82
N THR A 22 -3.96 4.91 2.14
CA THR A 22 -5.25 5.36 2.68
C THR A 22 -5.81 4.43 3.74
N VAL A 23 -5.74 4.84 5.01
CA VAL A 23 -6.20 4.06 6.15
C VAL A 23 -7.67 4.42 6.37
N ARG A 24 -8.54 3.44 6.54
CA ARG A 24 -9.86 3.65 7.12
C ARG A 24 -9.69 3.75 8.63
N LEU A 25 -10.08 4.86 9.26
CA LEU A 25 -10.15 5.01 10.69
C LEU A 25 -11.60 4.96 11.15
N GLY A 26 -12.20 3.79 11.01
CA GLY A 26 -13.59 3.61 11.37
C GLY A 26 -14.52 4.10 10.26
N ASP A 27 -15.79 4.22 10.61
CA ASP A 27 -16.89 4.51 9.68
C ASP A 27 -16.94 5.98 9.31
N THR A 28 -16.21 6.84 10.04
CA THR A 28 -16.33 8.28 10.02
C THR A 28 -14.99 9.02 9.91
N GLY A 29 -13.88 8.34 9.62
CA GLY A 29 -12.58 9.00 9.55
C GLY A 29 -11.60 8.24 8.68
N SER A 30 -10.54 8.93 8.27
CA SER A 30 -9.41 8.31 7.60
C SER A 30 -8.17 9.18 7.67
N PHE A 31 -7.06 8.59 7.24
CA PHE A 31 -5.76 9.16 7.06
C PHE A 31 -5.32 8.71 5.67
N ASP A 32 -4.57 9.52 4.94
CA ASP A 32 -3.86 9.09 3.76
C ASP A 32 -2.53 9.82 3.68
N GLY A 33 -1.60 9.26 2.92
CA GLY A 33 -0.28 9.85 2.74
C GLY A 33 0.49 9.10 1.66
N THR A 34 1.79 9.34 1.57
CA THR A 34 2.70 8.55 0.73
C THR A 34 3.76 7.91 1.61
N ALA A 35 4.35 6.80 1.16
CA ALA A 35 5.59 6.28 1.70
C ALA A 35 6.44 5.70 0.57
N ALA A 36 7.74 5.59 0.83
CA ALA A 36 8.62 4.75 0.04
C ALA A 36 8.55 3.35 0.63
N ILE A 37 8.66 2.35 -0.24
CA ILE A 37 8.89 0.96 0.08
C ILE A 37 10.36 0.83 0.52
N THR A 38 10.62 -0.18 1.34
CA THR A 38 11.94 -0.50 1.85
C THR A 38 12.29 -1.98 1.65
N SER A 39 11.30 -2.84 1.40
CA SER A 39 11.44 -4.25 1.04
C SER A 39 10.12 -4.75 0.49
N LEU A 40 10.15 -5.83 -0.30
CA LEU A 40 8.98 -6.49 -0.87
C LEU A 40 9.15 -8.01 -0.80
N LYS A 41 8.12 -8.75 -0.39
CA LYS A 41 8.07 -10.22 -0.39
C LYS A 41 6.69 -10.76 -0.80
N GLY A 42 6.32 -10.55 -2.06
CA GLY A 42 5.22 -11.28 -2.70
C GLY A 42 3.87 -10.67 -2.46
N SER A 43 3.28 -10.97 -1.30
CA SER A 43 2.08 -10.31 -0.78
C SER A 43 2.44 -9.57 0.49
N LEU A 44 3.54 -8.84 0.44
CA LEU A 44 4.13 -8.14 1.56
C LEU A 44 5.03 -7.05 1.02
N ALA A 45 4.92 -5.84 1.55
CA ALA A 45 5.85 -4.74 1.34
C ALA A 45 6.09 -4.11 2.71
N TRP A 46 7.22 -3.46 2.92
CA TRP A 46 7.49 -2.61 4.10
C TRP A 46 7.66 -1.17 3.65
N LEU A 47 7.28 -0.22 4.51
CA LEU A 47 7.15 1.20 4.20
C LEU A 47 7.73 2.04 5.36
N GLU A 48 7.98 3.33 5.12
CA GLU A 48 8.67 4.22 6.06
C GLU A 48 8.16 5.66 6.12
N LEU A 49 6.97 5.90 5.60
CA LEU A 49 6.40 7.21 5.30
C LEU A 49 7.30 8.07 4.39
N PHE A 50 6.72 9.09 3.77
CA PHE A 50 7.49 10.12 3.10
C PHE A 50 7.97 11.11 4.17
N GLY A 51 7.04 11.75 4.87
CA GLY A 51 7.35 12.78 5.84
C GLY A 51 6.20 13.78 5.91
N ALA A 52 6.42 14.82 6.72
CA ALA A 52 5.55 15.93 7.11
C ALA A 52 4.16 15.52 7.59
N GLU A 53 3.37 14.88 6.75
CA GLU A 53 2.17 14.17 7.17
C GLU A 53 2.58 12.98 8.05
N GLN A 54 1.66 12.54 8.91
CA GLN A 54 1.58 11.23 9.53
C GLN A 54 0.18 11.07 10.14
N PRO A 55 -0.24 9.82 10.43
CA PRO A 55 -1.47 9.58 11.17
C PRO A 55 -1.34 10.04 12.63
N PRO A 56 -2.45 10.09 13.40
CA PRO A 56 -2.34 10.30 14.83
C PRO A 56 -1.65 9.09 15.50
N PRO A 57 -1.09 9.27 16.71
CA PRO A 57 -0.53 8.16 17.47
C PRO A 57 -1.62 7.18 17.86
N ASN A 58 -1.23 5.94 18.18
CA ASN A 58 -2.14 4.85 18.59
C ASN A 58 -3.32 4.69 17.61
N THR A 59 -3.11 5.00 16.32
CA THR A 59 -4.17 4.99 15.30
C THR A 59 -3.72 4.23 14.03
N LEU A 60 -2.48 3.74 14.00
CA LEU A 60 -2.05 2.66 13.12
C LEU A 60 -1.93 1.39 13.93
N SER A 61 -2.25 0.25 13.32
CA SER A 61 -2.31 -1.03 14.00
C SER A 61 -2.08 -2.17 13.01
N GLU A 62 -1.73 -3.36 13.48
CA GLU A 62 -1.33 -4.52 12.67
C GLU A 62 -2.45 -5.15 11.81
N GLY A 63 -3.66 -4.61 11.89
CA GLY A 63 -4.87 -5.08 11.23
C GLY A 63 -5.64 -3.92 10.63
N ALA A 64 -5.02 -2.76 10.49
CA ALA A 64 -5.63 -1.61 9.82
C ALA A 64 -5.80 -2.02 8.37
N GLU A 65 -7.00 -1.93 7.81
CA GLU A 65 -7.16 -2.01 6.38
C GLU A 65 -6.76 -0.65 5.80
N VAL A 66 -5.99 -0.75 4.73
CA VAL A 66 -5.36 0.35 4.02
C VAL A 66 -5.40 0.04 2.53
N SER A 67 -5.63 1.05 1.69
CA SER A 67 -5.55 0.91 0.25
C SER A 67 -4.16 1.33 -0.23
N VAL A 68 -3.83 1.01 -1.48
CA VAL A 68 -2.56 1.35 -2.10
C VAL A 68 -2.82 1.74 -3.55
N SER A 69 -2.05 2.69 -4.08
CA SER A 69 -2.00 3.02 -5.49
C SER A 69 -0.57 3.42 -5.86
N VAL A 70 -0.19 3.23 -7.12
CA VAL A 70 1.06 3.71 -7.70
C VAL A 70 0.87 3.80 -9.21
N TRP A 71 1.60 4.70 -9.85
CA TRP A 71 1.66 4.79 -11.30
C TRP A 71 2.82 3.93 -11.78
N THR A 72 2.55 2.86 -12.54
CA THR A 72 3.56 2.09 -13.25
C THR A 72 2.89 1.48 -14.50
N GLY A 73 3.65 0.86 -15.41
CA GLY A 73 3.12 0.29 -16.63
C GLY A 73 2.45 1.34 -17.55
N GLY A 74 2.74 2.63 -17.37
CA GLY A 74 2.05 3.73 -18.04
C GLY A 74 0.68 4.06 -17.44
N ALA A 75 0.15 3.24 -16.52
CA ALA A 75 -1.20 3.30 -15.98
C ALA A 75 -1.16 3.52 -14.46
N LEU A 76 -2.34 3.55 -13.81
CA LEU A 76 -2.48 3.60 -12.36
C LEU A 76 -2.93 2.24 -11.84
N CYS A 77 -2.01 1.45 -11.29
CA CYS A 77 -2.35 0.26 -10.53
C CYS A 77 -2.86 0.69 -9.16
N ARG A 78 -3.94 0.08 -8.65
CA ARG A 78 -4.29 0.29 -7.24
C ARG A 78 -4.97 -0.96 -6.68
N CYS A 79 -5.02 -1.08 -5.36
CA CYS A 79 -5.58 -2.22 -4.67
C CYS A 79 -6.06 -1.85 -3.26
N ASP A 80 -6.48 -2.86 -2.50
CA ASP A 80 -7.14 -2.81 -1.19
C ASP A 80 -6.43 -3.86 -0.34
N GLY A 81 -6.04 -3.57 0.90
CA GLY A 81 -5.17 -4.43 1.71
C GLY A 81 -5.27 -4.12 3.20
N ARG A 82 -4.39 -4.73 3.99
CA ARG A 82 -4.27 -4.46 5.42
C ARG A 82 -2.82 -4.50 5.84
N VAL A 83 -2.51 -4.18 7.10
CA VAL A 83 -1.14 -4.00 7.54
C VAL A 83 -0.34 -5.32 7.64
N GLU A 84 -0.93 -6.41 8.12
CA GLU A 84 -0.29 -7.71 8.45
C GLU A 84 0.73 -7.63 9.61
N THR A 85 1.64 -6.66 9.62
CA THR A 85 2.65 -6.43 10.66
C THR A 85 2.92 -4.93 10.72
N LEU A 86 2.37 -4.20 11.68
CA LEU A 86 2.68 -2.78 11.85
C LEU A 86 4.08 -2.65 12.45
N ARG A 87 4.59 -1.42 12.56
CA ARG A 87 5.53 -1.16 13.62
C ARG A 87 5.39 0.16 14.37
N ASP A 88 5.34 1.29 13.68
CA ASP A 88 5.15 2.58 14.29
C ASP A 88 4.26 3.42 13.38
N ASP A 89 3.92 4.63 13.80
CA ASP A 89 3.09 5.59 13.06
C ASP A 89 3.65 5.88 11.64
N ARG A 90 4.90 5.52 11.37
CA ARG A 90 5.61 5.74 10.11
C ARG A 90 6.04 4.46 9.43
N GLN A 91 6.18 3.32 10.13
CA GLN A 91 6.82 2.14 9.58
C GLN A 91 5.93 0.95 9.81
N PHE A 92 5.72 0.15 8.77
CA PHE A 92 4.89 -1.05 8.85
C PHE A 92 5.01 -1.87 7.58
N ALA A 93 4.45 -3.08 7.61
CA ALA A 93 4.16 -3.94 6.48
C ALA A 93 2.77 -3.60 5.92
N ILE A 94 2.47 -4.13 4.72
CA ILE A 94 1.13 -4.31 4.21
C ILE A 94 1.04 -5.64 3.50
N ARG A 95 -0.09 -6.34 3.66
CA ARG A 95 -0.55 -7.42 2.81
C ARG A 95 -1.40 -6.81 1.71
N LEU A 96 -1.24 -7.34 0.51
CA LEU A 96 -2.17 -7.12 -0.59
C LEU A 96 -3.10 -8.33 -0.59
N VAL A 97 -4.38 -8.12 -0.87
CA VAL A 97 -5.35 -9.20 -1.00
C VAL A 97 -6.09 -9.08 -2.33
N GLY A 98 -6.77 -10.16 -2.73
CA GLY A 98 -7.48 -10.27 -3.99
C GLY A 98 -6.49 -10.27 -5.15
N ARG A 99 -6.49 -9.18 -5.90
CA ARG A 99 -5.81 -9.00 -7.18
C ARG A 99 -5.62 -7.52 -7.44
N VAL A 100 -4.49 -7.12 -8.03
CA VAL A 100 -4.23 -5.73 -8.41
C VAL A 100 -4.53 -5.57 -9.90
N ARG A 101 -5.15 -4.46 -10.31
CA ARG A 101 -5.29 -4.11 -11.72
C ARG A 101 -4.99 -2.64 -11.94
N GLU A 102 -4.87 -2.24 -13.20
CA GLU A 102 -4.74 -0.88 -13.68
C GLU A 102 -6.15 -0.28 -13.71
N LEU A 103 -6.54 0.52 -12.71
CA LEU A 103 -7.89 1.07 -12.63
C LEU A 103 -8.12 2.21 -13.62
N GLN A 104 -7.07 2.93 -14.03
CA GLN A 104 -7.12 4.04 -14.98
C GLN A 104 -5.83 4.03 -15.81
N ARG A 105 -5.90 4.66 -16.98
CA ARG A 105 -4.79 4.85 -17.91
C ARG A 105 -4.78 6.32 -18.32
N ARG A 106 -3.63 6.97 -18.21
CA ARG A 106 -3.37 8.17 -19.01
C ARG A 106 -3.29 7.72 -20.46
N GLU A 107 -3.51 8.64 -21.39
CA GLU A 107 -3.14 8.51 -22.78
C GLU A 107 -2.10 9.60 -23.06
N TYR A 108 -0.90 9.43 -22.49
CA TYR A 108 0.25 10.34 -22.63
C TYR A 108 0.01 11.81 -22.20
N PHE A 109 -1.11 12.10 -21.55
CA PHE A 109 -1.52 13.42 -21.04
C PHE A 109 -0.48 14.02 -20.10
N GLY A 1 11.65 -23.89 -2.88
CA GLY A 1 11.58 -23.89 -4.34
C GLY A 1 10.14 -23.72 -4.80
N MET A 2 9.33 -24.77 -4.72
CA MET A 2 8.01 -24.82 -5.34
C MET A 2 6.94 -23.88 -4.74
N SER A 3 7.25 -23.06 -3.74
CA SER A 3 6.36 -22.01 -3.25
C SER A 3 6.99 -20.66 -3.56
N ALA A 4 6.17 -19.62 -3.62
CA ALA A 4 6.57 -18.24 -3.74
C ALA A 4 5.60 -17.41 -2.90
N ASP A 5 5.96 -16.16 -2.63
CA ASP A 5 5.08 -15.21 -1.98
C ASP A 5 4.48 -14.32 -3.07
N GLY A 6 3.23 -13.88 -2.91
CA GLY A 6 2.53 -13.11 -3.92
C GLY A 6 2.36 -13.94 -5.20
N SER A 7 2.73 -13.36 -6.34
CA SER A 7 2.77 -13.94 -7.69
C SER A 7 3.14 -12.82 -8.66
N GLU A 8 2.36 -11.74 -8.62
CA GLU A 8 2.37 -10.69 -9.63
C GLU A 8 2.46 -9.30 -8.98
N TYR A 9 2.35 -9.22 -7.65
CA TYR A 9 2.38 -7.94 -6.94
C TYR A 9 3.71 -7.24 -7.15
N GLY A 10 4.80 -7.98 -7.21
CA GLY A 10 6.13 -7.42 -7.44
C GLY A 10 6.31 -6.89 -8.87
N ARG A 11 5.40 -7.17 -9.81
CA ARG A 11 5.43 -6.56 -11.13
C ARG A 11 4.97 -5.11 -11.06
N TYR A 12 4.23 -4.74 -10.00
CA TYR A 12 3.54 -3.47 -9.88
C TYR A 12 4.11 -2.64 -8.72
N PHE A 13 4.44 -3.30 -7.62
CA PHE A 13 5.06 -2.74 -6.43
C PHE A 13 6.51 -3.16 -6.41
N GLU A 14 7.40 -2.21 -6.19
CA GLU A 14 8.84 -2.44 -6.22
C GLU A 14 9.42 -1.93 -4.91
N GLN A 15 10.66 -2.32 -4.63
CA GLN A 15 11.12 -2.42 -3.24
C GLN A 15 11.52 -1.11 -2.59
N LEU A 16 11.57 -0.06 -3.40
CA LEU A 16 11.86 1.31 -3.02
C LEU A 16 10.74 2.20 -3.60
N GLN A 17 9.76 1.59 -4.28
CA GLN A 17 8.78 2.35 -5.03
C GLN A 17 7.78 2.93 -4.04
N LYS A 18 7.27 4.12 -4.34
CA LYS A 18 6.43 4.85 -3.40
C LYS A 18 4.96 4.90 -3.80
N VAL A 19 4.15 4.24 -2.97
CA VAL A 19 2.74 3.94 -3.14
C VAL A 19 1.96 4.94 -2.25
N ASN A 20 0.63 4.93 -2.37
CA ASN A 20 -0.32 5.69 -1.56
C ASN A 20 -0.75 4.92 -0.29
N LEU A 21 -1.33 5.62 0.70
CA LEU A 21 -1.57 5.13 2.06
C LEU A 21 -2.98 5.46 2.58
N THR A 22 -4.05 5.16 1.86
CA THR A 22 -5.38 5.31 2.46
C THR A 22 -5.52 4.27 3.58
N VAL A 23 -5.75 4.73 4.82
CA VAL A 23 -6.16 3.91 5.95
C VAL A 23 -7.53 4.40 6.43
N ARG A 24 -8.52 3.52 6.59
CA ARG A 24 -9.82 3.88 7.14
C ARG A 24 -9.68 4.18 8.63
N LEU A 25 -10.16 5.35 9.09
CA LEU A 25 -10.28 5.73 10.50
C LEU A 25 -11.76 5.71 10.88
N GLY A 26 -12.39 4.54 10.81
CA GLY A 26 -13.82 4.43 11.02
C GLY A 26 -14.58 4.95 9.79
N ASP A 27 -15.90 5.11 9.90
CA ASP A 27 -16.74 5.37 8.73
C ASP A 27 -16.64 6.78 8.20
N THR A 28 -16.26 7.75 9.03
CA THR A 28 -16.28 9.17 8.67
C THR A 28 -14.95 9.82 9.03
N GLY A 29 -13.85 9.12 8.76
CA GLY A 29 -12.53 9.72 8.71
C GLY A 29 -11.52 8.74 8.16
N SER A 30 -10.31 9.21 7.85
CA SER A 30 -9.21 8.37 7.42
C SER A 30 -7.92 9.18 7.29
N PHE A 31 -6.80 8.46 7.27
CA PHE A 31 -5.52 8.99 6.88
C PHE A 31 -5.36 8.62 5.41
N ASP A 32 -4.77 9.50 4.61
CA ASP A 32 -4.29 9.16 3.29
C ASP A 32 -2.88 9.78 3.22
N GLY A 33 -1.99 9.16 2.44
CA GLY A 33 -0.59 9.60 2.44
C GLY A 33 0.24 8.90 1.36
N THR A 34 1.56 9.01 1.48
CA THR A 34 2.52 8.33 0.60
C THR A 34 3.56 7.63 1.50
N ALA A 35 4.09 6.48 1.08
CA ALA A 35 5.32 5.93 1.65
C ALA A 35 6.13 5.31 0.54
N ALA A 36 7.46 5.38 0.66
CA ALA A 36 8.30 4.49 -0.12
C ALA A 36 8.20 3.10 0.51
N ILE A 37 8.27 2.07 -0.31
CA ILE A 37 8.55 0.71 0.12
C ILE A 37 10.03 0.68 0.54
N THR A 38 10.40 -0.33 1.32
CA THR A 38 11.76 -0.52 1.81
C THR A 38 12.17 -2.00 1.84
N SER A 39 11.20 -2.90 1.70
CA SER A 39 11.39 -4.28 1.31
C SER A 39 10.08 -4.76 0.72
N LEU A 40 10.14 -5.72 -0.21
CA LEU A 40 8.96 -6.45 -0.64
C LEU A 40 9.31 -7.90 -0.88
N LYS A 41 8.39 -8.74 -0.44
CA LYS A 41 8.45 -10.17 -0.50
C LYS A 41 7.04 -10.63 -0.89
N GLY A 42 6.75 -10.53 -2.19
CA GLY A 42 5.48 -10.91 -2.79
C GLY A 42 4.27 -10.28 -2.11
N SER A 43 3.49 -11.06 -1.34
CA SER A 43 2.31 -10.61 -0.59
C SER A 43 2.61 -9.75 0.61
N LEU A 44 3.84 -9.29 0.79
CA LEU A 44 4.21 -8.33 1.82
C LEU A 44 5.06 -7.22 1.20
N ALA A 45 4.70 -5.95 1.44
CA ALA A 45 5.65 -4.84 1.37
C ALA A 45 5.92 -4.37 2.80
N TRP A 46 7.03 -3.67 3.02
CA TRP A 46 7.25 -2.81 4.19
C TRP A 46 7.45 -1.40 3.67
N LEU A 47 7.02 -0.40 4.46
CA LEU A 47 7.03 1.01 4.15
C LEU A 47 7.95 1.77 5.12
N GLU A 48 8.21 3.04 4.79
CA GLU A 48 9.00 3.99 5.60
C GLU A 48 8.50 5.43 5.61
N LEU A 49 7.21 5.64 5.31
CA LEU A 49 6.56 6.94 5.12
C LEU A 49 7.18 7.82 4.03
N PHE A 50 6.60 9.02 3.90
CA PHE A 50 7.13 10.18 3.20
C PHE A 50 6.92 11.42 4.09
N GLY A 51 7.44 12.57 3.66
CA GLY A 51 6.94 13.89 4.03
C GLY A 51 7.19 14.36 5.47
N ALA A 52 7.85 13.57 6.32
CA ALA A 52 8.14 13.80 7.74
C ALA A 52 6.92 13.84 8.67
N GLU A 53 5.77 14.32 8.21
CA GLU A 53 4.46 14.18 8.85
C GLU A 53 4.11 12.70 9.05
N GLN A 54 3.20 12.38 9.98
CA GLN A 54 2.77 11.01 10.26
C GLN A 54 1.36 10.99 10.87
N PRO A 55 0.65 9.86 10.88
CA PRO A 55 -0.70 9.77 11.41
C PRO A 55 -0.78 9.98 12.93
N PRO A 56 -2.00 10.08 13.49
CA PRO A 56 -2.19 10.00 14.94
C PRO A 56 -1.86 8.60 15.49
N PRO A 57 -1.49 8.51 16.78
CA PRO A 57 -1.28 7.25 17.50
C PRO A 57 -2.62 6.56 17.77
N ASN A 58 -2.57 5.30 18.24
CA ASN A 58 -3.72 4.41 18.51
C ASN A 58 -4.76 4.37 17.37
N THR A 59 -4.36 4.77 16.18
CA THR A 59 -5.20 4.90 15.01
C THR A 59 -4.68 3.90 13.98
N LEU A 60 -3.40 4.00 13.60
CA LEU A 60 -2.75 2.95 12.81
C LEU A 60 -2.79 1.67 13.64
N SER A 61 -3.39 0.61 13.11
CA SER A 61 -3.48 -0.66 13.81
C SER A 61 -3.04 -1.82 12.91
N GLU A 62 -2.68 -2.98 13.47
CA GLU A 62 -1.96 -4.06 12.75
C GLU A 62 -2.80 -4.76 11.68
N GLY A 63 -4.10 -4.53 11.71
CA GLY A 63 -5.08 -5.08 10.81
C GLY A 63 -5.96 -3.95 10.32
N ALA A 64 -5.40 -2.73 10.20
CA ALA A 64 -6.10 -1.66 9.52
C ALA A 64 -6.36 -2.11 8.10
N GLU A 65 -7.52 -1.77 7.55
CA GLU A 65 -7.78 -1.99 6.15
C GLU A 65 -7.16 -0.81 5.43
N VAL A 66 -6.45 -1.14 4.36
CA VAL A 66 -5.61 -0.19 3.66
C VAL A 66 -5.75 -0.41 2.17
N SER A 67 -5.42 0.62 1.41
CA SER A 67 -5.51 0.63 -0.03
C SER A 67 -4.22 1.25 -0.56
N VAL A 68 -3.37 0.42 -1.15
CA VAL A 68 -2.29 0.88 -2.00
C VAL A 68 -2.87 1.46 -3.27
N SER A 69 -2.17 2.44 -3.82
CA SER A 69 -2.25 2.78 -5.22
C SER A 69 -0.86 3.23 -5.62
N VAL A 70 -0.45 2.93 -6.85
CA VAL A 70 0.72 3.55 -7.42
C VAL A 70 0.33 3.78 -8.89
N TRP A 71 1.11 4.63 -9.49
CA TRP A 71 1.22 4.73 -10.91
C TRP A 71 2.59 4.19 -11.25
N THR A 72 2.75 2.87 -11.19
CA THR A 72 3.94 2.28 -11.80
C THR A 72 3.65 2.13 -13.30
N GLY A 73 4.65 1.88 -14.15
CA GLY A 73 4.49 1.24 -15.47
C GLY A 73 3.41 1.82 -16.39
N GLY A 74 3.03 3.08 -16.22
CA GLY A 74 1.91 3.68 -16.92
C GLY A 74 0.55 3.01 -16.62
N ALA A 75 0.32 2.42 -15.43
CA ALA A 75 -1.04 1.99 -15.05
C ALA A 75 -1.30 2.19 -13.56
N LEU A 76 -2.59 2.33 -13.23
CA LEU A 76 -3.04 2.58 -11.87
C LEU A 76 -3.24 1.24 -11.19
N CYS A 77 -2.24 0.86 -10.42
CA CYS A 77 -2.18 -0.34 -9.62
C CYS A 77 -2.71 -0.01 -8.24
N ARG A 78 -4.03 0.22 -8.18
CA ARG A 78 -4.75 0.37 -6.92
C ARG A 78 -5.12 -1.04 -6.48
N CYS A 79 -4.87 -1.36 -5.21
CA CYS A 79 -5.26 -2.63 -4.63
C CYS A 79 -5.56 -2.43 -3.15
N ASP A 80 -6.16 -3.45 -2.54
CA ASP A 80 -6.65 -3.40 -1.17
C ASP A 80 -5.84 -4.41 -0.37
N GLY A 81 -5.54 -4.10 0.89
CA GLY A 81 -4.61 -4.82 1.75
C GLY A 81 -5.02 -4.72 3.22
N ARG A 82 -4.20 -5.28 4.12
CA ARG A 82 -4.21 -4.98 5.55
C ARG A 82 -2.79 -4.64 5.98
N VAL A 83 -2.60 -4.08 7.18
CA VAL A 83 -1.27 -3.74 7.70
C VAL A 83 -0.35 -4.97 7.91
N GLU A 84 -0.87 -6.15 8.22
CA GLU A 84 -0.14 -7.41 8.47
C GLU A 84 0.69 -7.37 9.77
N THR A 85 1.59 -6.40 9.90
CA THR A 85 2.42 -6.14 11.07
C THR A 85 2.68 -4.62 11.08
N LEU A 86 2.22 -3.93 12.12
CA LEU A 86 2.68 -2.56 12.35
C LEU A 86 4.02 -2.63 13.07
N ARG A 87 4.82 -1.56 13.05
CA ARG A 87 5.99 -1.42 13.91
C ARG A 87 5.97 -0.07 14.59
N ASP A 88 5.75 1.00 13.84
CA ASP A 88 5.78 2.37 14.29
C ASP A 88 4.68 3.12 13.56
N ASP A 89 4.49 4.40 13.88
CA ASP A 89 3.57 5.28 13.17
C ASP A 89 4.08 5.57 11.74
N ARG A 90 5.33 5.20 11.45
CA ARG A 90 6.00 5.40 10.16
C ARG A 90 6.41 4.10 9.46
N GLN A 91 6.90 3.10 10.20
CA GLN A 91 7.39 1.87 9.62
C GLN A 91 6.36 0.79 9.89
N PHE A 92 5.94 0.07 8.86
CA PHE A 92 4.99 -1.03 8.98
C PHE A 92 4.93 -1.80 7.67
N ALA A 93 4.23 -2.93 7.67
CA ALA A 93 4.04 -3.78 6.52
C ALA A 93 2.69 -3.50 5.82
N ILE A 94 2.43 -4.22 4.74
CA ILE A 94 1.10 -4.42 4.17
C ILE A 94 1.03 -5.83 3.56
N ARG A 95 0.01 -6.60 3.91
CA ARG A 95 -0.46 -7.77 3.18
C ARG A 95 -1.23 -7.24 1.98
N LEU A 96 -0.78 -7.63 0.79
CA LEU A 96 -1.52 -7.40 -0.43
C LEU A 96 -2.55 -8.52 -0.57
N VAL A 97 -3.81 -8.18 -0.87
CA VAL A 97 -4.89 -9.13 -1.14
C VAL A 97 -5.64 -8.70 -2.39
N GLY A 98 -6.62 -9.50 -2.81
CA GLY A 98 -7.71 -9.05 -3.67
C GLY A 98 -7.44 -8.96 -5.16
N ARG A 99 -6.17 -9.09 -5.53
CA ARG A 99 -5.58 -9.04 -6.86
C ARG A 99 -5.52 -7.60 -7.35
N VAL A 100 -4.32 -7.21 -7.80
CA VAL A 100 -4.02 -5.87 -8.29
C VAL A 100 -4.50 -5.81 -9.73
N ARG A 101 -5.53 -5.01 -10.02
CA ARG A 101 -6.03 -4.80 -11.36
C ARG A 101 -5.65 -3.38 -11.76
N GLU A 102 -5.32 -3.17 -13.03
CA GLU A 102 -5.11 -1.83 -13.56
C GLU A 102 -6.47 -1.14 -13.63
N LEU A 103 -6.76 -0.28 -12.66
CA LEU A 103 -7.98 0.53 -12.69
C LEU A 103 -7.94 1.53 -13.85
N GLN A 104 -6.74 1.93 -14.30
CA GLN A 104 -6.50 2.77 -15.47
C GLN A 104 -5.14 2.42 -16.08
N ARG A 105 -4.90 2.86 -17.32
CA ARG A 105 -3.60 2.89 -17.97
C ARG A 105 -3.31 4.33 -18.37
N ARG A 106 -2.28 4.94 -17.78
CA ARG A 106 -1.74 6.24 -18.14
C ARG A 106 -0.96 6.02 -19.45
N GLU A 107 -1.42 6.62 -20.56
CA GLU A 107 -0.80 6.51 -21.89
C GLU A 107 0.40 7.46 -22.00
N TYR A 108 1.33 7.41 -21.04
CA TYR A 108 2.44 8.36 -20.92
C TYR A 108 3.77 7.63 -20.75
N PHE A 109 3.88 6.42 -21.31
CA PHE A 109 5.15 5.75 -21.45
C PHE A 109 5.52 5.89 -22.92
N GLY A 1 1.82 -15.57 -13.61
CA GLY A 1 1.44 -16.46 -12.51
C GLY A 1 0.04 -16.95 -12.75
N MET A 2 -0.98 -16.18 -12.34
CA MET A 2 -2.36 -16.63 -12.10
C MET A 2 -2.42 -17.38 -10.77
N SER A 3 -2.18 -16.64 -9.69
CA SER A 3 -1.94 -17.15 -8.36
C SER A 3 -2.87 -16.43 -7.38
N ALA A 4 -2.94 -16.90 -6.13
CA ALA A 4 -3.96 -16.54 -5.16
C ALA A 4 -3.36 -16.11 -3.81
N ASP A 5 -2.09 -15.69 -3.79
CA ASP A 5 -1.37 -15.49 -2.52
C ASP A 5 -0.55 -14.20 -2.56
N GLY A 6 0.52 -14.14 -3.36
CA GLY A 6 1.51 -13.05 -3.26
C GLY A 6 2.29 -12.78 -4.54
N SER A 7 1.61 -12.86 -5.69
CA SER A 7 2.22 -12.80 -7.01
C SER A 7 1.50 -11.76 -7.87
N GLU A 8 2.09 -11.43 -9.01
CA GLU A 8 1.73 -10.27 -9.84
C GLU A 8 1.78 -8.91 -9.10
N TYR A 9 2.31 -8.84 -7.88
CA TYR A 9 2.37 -7.61 -7.07
C TYR A 9 3.68 -6.85 -7.29
N GLY A 10 4.82 -7.52 -7.15
CA GLY A 10 6.14 -6.87 -7.19
C GLY A 10 6.49 -6.31 -8.56
N ARG A 11 5.78 -6.77 -9.60
CA ARG A 11 5.85 -6.19 -10.93
C ARG A 11 5.28 -4.79 -11.03
N TYR A 12 4.49 -4.33 -10.05
CA TYR A 12 3.96 -2.99 -10.01
C TYR A 12 4.62 -2.26 -8.86
N PHE A 13 4.51 -2.81 -7.66
CA PHE A 13 5.05 -2.17 -6.49
C PHE A 13 6.52 -2.57 -6.43
N GLU A 14 7.44 -1.61 -6.48
CA GLU A 14 8.87 -1.90 -6.43
C GLU A 14 9.35 -1.77 -4.99
N GLN A 15 10.47 -2.42 -4.67
CA GLN A 15 11.12 -2.43 -3.35
C GLN A 15 11.42 -1.03 -2.81
N LEU A 16 11.49 -0.01 -3.68
CA LEU A 16 11.85 1.37 -3.34
C LEU A 16 10.87 2.37 -3.93
N GLN A 17 9.82 1.93 -4.62
CA GLN A 17 8.77 2.86 -5.04
C GLN A 17 8.05 3.31 -3.77
N LYS A 18 7.31 4.40 -3.88
CA LYS A 18 6.40 4.84 -2.85
C LYS A 18 4.95 4.67 -3.30
N VAL A 19 4.02 4.61 -2.36
CA VAL A 19 2.60 4.40 -2.63
C VAL A 19 1.80 5.48 -1.90
N ASN A 20 0.47 5.38 -1.92
CA ASN A 20 -0.48 6.22 -1.23
C ASN A 20 -0.78 5.57 0.13
N LEU A 21 -1.27 6.31 1.14
CA LEU A 21 -1.53 5.74 2.47
C LEU A 21 -2.94 6.04 2.90
N THR A 22 -3.91 5.67 2.08
CA THR A 22 -5.30 5.67 2.48
C THR A 22 -5.44 4.74 3.68
N VAL A 23 -5.84 5.25 4.85
CA VAL A 23 -6.26 4.43 5.99
C VAL A 23 -7.71 4.75 6.32
N ARG A 24 -8.56 3.75 6.57
CA ARG A 24 -9.90 3.93 7.12
C ARG A 24 -9.76 4.26 8.60
N LEU A 25 -10.24 5.42 9.04
CA LEU A 25 -10.28 5.80 10.44
C LEU A 25 -11.73 5.88 10.87
N GLY A 26 -12.31 4.75 11.22
CA GLY A 26 -13.68 4.72 11.72
C GLY A 26 -14.72 4.73 10.61
N ASP A 27 -14.34 4.67 9.33
CA ASP A 27 -15.17 4.80 8.12
C ASP A 27 -15.55 6.26 7.87
N THR A 28 -16.17 6.89 8.87
CA THR A 28 -16.45 8.32 8.88
C THR A 28 -15.18 9.13 8.58
N GLY A 29 -14.03 8.79 9.17
CA GLY A 29 -12.77 9.41 8.86
C GLY A 29 -11.88 8.51 8.02
N SER A 30 -10.83 9.10 7.49
CA SER A 30 -9.69 8.42 6.91
C SER A 30 -8.42 9.20 7.29
N PHE A 31 -7.26 8.68 6.89
CA PHE A 31 -6.01 9.39 6.80
C PHE A 31 -5.49 9.18 5.38
N ASP A 32 -4.63 10.06 4.87
CA ASP A 32 -3.83 9.79 3.69
C ASP A 32 -2.42 10.34 3.86
N GLY A 33 -1.45 9.62 3.32
CA GLY A 33 -0.02 9.90 3.47
C GLY A 33 0.75 9.30 2.30
N THR A 34 2.06 9.19 2.48
CA THR A 34 3.00 8.59 1.54
C THR A 34 4.03 7.85 2.39
N ALA A 35 4.66 6.82 1.83
CA ALA A 35 5.81 6.12 2.39
C ALA A 35 6.55 5.49 1.23
N ALA A 36 7.88 5.37 1.29
CA ALA A 36 8.58 4.53 0.31
C ALA A 36 8.55 3.09 0.86
N ILE A 37 8.45 2.09 -0.03
CA ILE A 37 8.78 0.68 0.25
C ILE A 37 10.27 0.61 0.63
N THR A 38 10.63 -0.48 1.30
CA THR A 38 11.98 -0.80 1.76
C THR A 38 12.32 -2.26 1.49
N SER A 39 11.35 -3.16 1.64
CA SER A 39 11.44 -4.59 1.43
C SER A 39 10.09 -5.01 0.88
N LEU A 40 10.09 -5.93 -0.09
CA LEU A 40 8.90 -6.41 -0.75
C LEU A 40 9.12 -7.88 -1.05
N LYS A 41 8.27 -8.76 -0.50
CA LYS A 41 8.41 -10.22 -0.59
C LYS A 41 7.25 -10.85 -1.37
N GLY A 42 6.31 -10.06 -1.87
CA GLY A 42 5.16 -10.53 -2.64
C GLY A 42 3.94 -9.91 -2.01
N SER A 43 3.12 -10.70 -1.33
CA SER A 43 2.02 -10.21 -0.49
C SER A 43 2.51 -9.60 0.84
N LEU A 44 3.71 -9.02 0.87
CA LEU A 44 4.24 -8.34 2.03
C LEU A 44 5.24 -7.28 1.62
N ALA A 45 4.88 -6.00 1.76
CA ALA A 45 5.85 -4.91 1.75
C ALA A 45 6.10 -4.45 3.17
N TRP A 46 7.21 -3.73 3.38
CA TRP A 46 7.52 -2.95 4.58
C TRP A 46 7.89 -1.53 4.14
N LEU A 47 7.41 -0.52 4.88
CA LEU A 47 7.50 0.90 4.57
C LEU A 47 8.24 1.70 5.66
N GLU A 48 8.57 2.96 5.36
CA GLU A 48 9.33 3.86 6.25
C GLU A 48 8.83 5.32 6.33
N LEU A 49 7.57 5.57 6.01
CA LEU A 49 6.97 6.90 5.86
C LEU A 49 7.73 7.81 4.88
N PHE A 50 7.31 9.09 4.80
CA PHE A 50 7.84 10.09 3.90
C PHE A 50 8.03 11.41 4.64
N GLY A 51 9.27 11.84 4.81
CA GLY A 51 9.58 13.13 5.41
C GLY A 51 9.33 13.08 6.90
N ALA A 52 8.50 14.00 7.43
CA ALA A 52 8.25 14.18 8.85
C ALA A 52 6.76 14.32 9.15
N GLU A 53 5.90 14.13 8.15
CA GLU A 53 4.48 13.89 8.38
C GLU A 53 4.31 12.45 8.86
N GLN A 54 3.24 12.18 9.62
CA GLN A 54 2.91 10.88 10.21
C GLN A 54 1.41 10.84 10.51
N PRO A 55 0.79 9.66 10.68
CA PRO A 55 -0.57 9.59 11.17
C PRO A 55 -0.64 9.91 12.69
N PRO A 56 -1.86 10.13 13.22
CA PRO A 56 -2.08 10.31 14.66
C PRO A 56 -1.73 9.05 15.47
N PRO A 57 -1.40 9.20 16.77
CA PRO A 57 -1.06 8.09 17.66
C PRO A 57 -2.28 7.21 17.93
N ASN A 58 -2.02 5.97 18.37
CA ASN A 58 -3.00 4.91 18.65
C ASN A 58 -3.92 4.59 17.46
N THR A 59 -3.73 5.23 16.31
CA THR A 59 -4.71 5.23 15.24
C THR A 59 -4.34 4.17 14.21
N LEU A 60 -3.06 4.06 13.83
CA LEU A 60 -2.62 2.89 13.09
C LEU A 60 -2.82 1.64 13.94
N SER A 61 -3.20 0.55 13.28
CA SER A 61 -3.36 -0.75 13.88
C SER A 61 -2.96 -1.81 12.86
N GLU A 62 -2.72 -3.03 13.32
CA GLU A 62 -2.04 -4.06 12.51
C GLU A 62 -2.96 -4.72 11.48
N GLY A 63 -4.23 -4.33 11.49
CA GLY A 63 -5.27 -4.78 10.57
C GLY A 63 -6.09 -3.58 10.17
N ALA A 64 -5.49 -2.38 10.12
CA ALA A 64 -6.10 -1.24 9.44
C ALA A 64 -6.27 -1.68 7.99
N GLU A 65 -7.48 -1.58 7.44
CA GLU A 65 -7.67 -1.65 6.02
C GLU A 65 -7.11 -0.37 5.44
N VAL A 66 -6.39 -0.59 4.37
CA VAL A 66 -5.61 0.42 3.68
C VAL A 66 -5.63 0.08 2.19
N SER A 67 -5.39 1.04 1.30
CA SER A 67 -5.45 0.84 -0.14
C SER A 67 -4.16 1.35 -0.80
N VAL A 68 -3.79 0.76 -1.94
CA VAL A 68 -2.54 1.04 -2.63
C VAL A 68 -2.83 1.26 -4.10
N SER A 69 -2.47 2.43 -4.62
CA SER A 69 -2.92 2.91 -5.92
C SER A 69 -1.81 3.73 -6.58
N VAL A 70 -0.97 3.12 -7.40
CA VAL A 70 0.24 3.73 -7.95
C VAL A 70 0.21 3.62 -9.48
N TRP A 71 0.71 4.66 -10.12
CA TRP A 71 0.73 4.80 -11.55
C TRP A 71 2.10 4.29 -12.04
N THR A 72 2.17 3.08 -12.59
CA THR A 72 3.43 2.47 -13.00
C THR A 72 3.19 1.49 -14.16
N GLY A 73 4.20 1.17 -14.96
CA GLY A 73 4.07 0.26 -16.11
C GLY A 73 3.00 0.73 -17.10
N GLY A 74 2.95 2.05 -17.36
CA GLY A 74 2.00 2.66 -18.28
C GLY A 74 0.54 2.63 -17.80
N ALA A 75 0.26 2.15 -16.58
CA ALA A 75 -1.10 1.99 -16.10
C ALA A 75 -1.25 2.39 -14.63
N LEU A 76 -2.49 2.33 -14.12
CA LEU A 76 -2.80 2.49 -12.71
C LEU A 76 -3.03 1.12 -12.11
N CYS A 77 -2.14 0.77 -11.20
CA CYS A 77 -2.14 -0.41 -10.37
C CYS A 77 -2.84 0.00 -9.10
N ARG A 78 -4.03 -0.54 -8.84
CA ARG A 78 -4.68 -0.33 -7.57
C ARG A 78 -5.10 -1.67 -7.00
N CYS A 79 -4.74 -1.93 -5.75
CA CYS A 79 -5.23 -3.08 -5.00
C CYS A 79 -5.64 -2.65 -3.60
N ASP A 80 -6.31 -3.56 -2.91
CA ASP A 80 -6.80 -3.41 -1.55
C ASP A 80 -5.93 -4.27 -0.65
N GLY A 81 -5.88 -3.96 0.65
CA GLY A 81 -4.99 -4.64 1.60
C GLY A 81 -5.22 -4.21 3.05
N ARG A 82 -4.46 -4.81 3.96
CA ARG A 82 -4.43 -4.43 5.37
C ARG A 82 -2.99 -4.44 5.91
N VAL A 83 -2.73 -3.80 7.05
CA VAL A 83 -1.37 -3.56 7.59
C VAL A 83 -0.55 -4.85 7.83
N GLU A 84 -1.17 -5.94 8.26
CA GLU A 84 -0.58 -7.22 8.62
C GLU A 84 0.16 -7.14 9.94
N THR A 85 1.25 -6.37 10.00
CA THR A 85 2.08 -6.16 11.17
C THR A 85 2.42 -4.68 11.21
N LEU A 86 2.30 -4.06 12.39
CA LEU A 86 2.79 -2.71 12.65
C LEU A 86 4.00 -2.83 13.58
N ARG A 87 4.86 -1.82 13.60
CA ARG A 87 6.09 -1.82 14.41
C ARG A 87 6.28 -0.48 15.09
N ASP A 88 6.33 0.59 14.31
CA ASP A 88 6.25 1.96 14.78
C ASP A 88 5.07 2.57 14.04
N ASP A 89 4.66 3.76 14.47
CA ASP A 89 3.68 4.59 13.78
C ASP A 89 4.21 5.08 12.43
N ARG A 90 5.50 4.83 12.13
CA ARG A 90 6.14 5.13 10.86
C ARG A 90 6.70 3.94 10.11
N GLN A 91 6.85 2.78 10.73
CA GLN A 91 7.47 1.61 10.12
C GLN A 91 6.52 0.45 10.33
N PHE A 92 6.07 -0.12 9.24
CA PHE A 92 5.03 -1.15 9.26
C PHE A 92 5.00 -1.90 7.94
N ALA A 93 4.25 -3.00 7.93
CA ALA A 93 4.05 -3.84 6.77
C ALA A 93 2.75 -3.48 6.04
N ILE A 94 2.47 -4.17 4.94
CA ILE A 94 1.14 -4.33 4.38
C ILE A 94 1.09 -5.71 3.73
N ARG A 95 -0.03 -6.43 3.84
CA ARG A 95 -0.33 -7.51 2.92
C ARG A 95 -1.31 -6.94 1.91
N LEU A 96 -1.42 -7.61 0.77
CA LEU A 96 -2.25 -7.25 -0.38
C LEU A 96 -3.26 -8.38 -0.55
N VAL A 97 -4.56 -8.08 -0.64
CA VAL A 97 -5.61 -9.09 -0.70
C VAL A 97 -6.21 -9.17 -2.10
N GLY A 98 -6.75 -10.33 -2.44
CA GLY A 98 -7.42 -10.60 -3.69
C GLY A 98 -6.37 -10.67 -4.76
N ARG A 99 -6.39 -9.68 -5.64
CA ARG A 99 -5.42 -9.47 -6.69
C ARG A 99 -5.66 -8.10 -7.34
N VAL A 100 -4.58 -7.37 -7.58
CA VAL A 100 -4.48 -6.20 -8.46
C VAL A 100 -4.87 -6.54 -9.90
N ARG A 101 -5.31 -5.52 -10.62
CA ARG A 101 -5.51 -5.45 -12.05
C ARG A 101 -5.15 -4.01 -12.44
N GLU A 102 -4.75 -3.79 -13.69
CA GLU A 102 -4.62 -2.44 -14.24
C GLU A 102 -6.05 -1.89 -14.35
N LEU A 103 -6.38 -0.88 -13.57
CA LEU A 103 -7.76 -0.37 -13.47
C LEU A 103 -7.92 0.97 -14.19
N GLN A 104 -6.84 1.49 -14.80
CA GLN A 104 -6.79 2.58 -15.76
C GLN A 104 -5.46 2.46 -16.52
N ARG A 105 -5.29 3.22 -17.62
CA ARG A 105 -4.01 3.34 -18.32
C ARG A 105 -3.58 4.81 -18.36
N ARG A 106 -2.30 5.08 -18.64
CA ARG A 106 -1.73 6.42 -18.73
C ARG A 106 -1.21 6.60 -20.14
N GLU A 107 -2.05 7.19 -20.97
CA GLU A 107 -1.72 7.71 -22.28
C GLU A 107 -2.15 9.18 -22.17
N TYR A 108 -1.19 10.10 -22.10
CA TYR A 108 -1.43 11.55 -22.20
C TYR A 108 -0.34 12.26 -23.02
N PHE A 109 0.36 11.52 -23.87
CA PHE A 109 1.47 11.96 -24.70
C PHE A 109 0.98 11.82 -26.13
N GLY A 1 0.84 -13.71 -18.95
CA GLY A 1 -0.21 -14.39 -18.19
C GLY A 1 0.39 -15.52 -17.37
N MET A 2 0.85 -16.60 -18.02
CA MET A 2 1.65 -17.68 -17.41
C MET A 2 0.96 -18.47 -16.30
N SER A 3 -0.35 -18.29 -16.09
CA SER A 3 -1.05 -18.51 -14.82
C SER A 3 -0.58 -17.48 -13.78
N ALA A 4 -1.51 -16.89 -13.04
CA ALA A 4 -1.22 -15.97 -11.95
C ALA A 4 -2.28 -16.16 -10.87
N ASP A 5 -2.15 -15.40 -9.79
CA ASP A 5 -2.67 -15.77 -8.48
C ASP A 5 -2.72 -14.50 -7.63
N GLY A 6 -1.58 -14.07 -7.09
CA GLY A 6 -1.45 -12.90 -6.24
C GLY A 6 0.02 -12.69 -5.94
N SER A 7 0.83 -12.60 -7.00
CA SER A 7 2.28 -12.43 -6.94
C SER A 7 2.80 -11.69 -8.18
N GLU A 8 1.93 -11.37 -9.15
CA GLU A 8 2.15 -10.34 -10.15
C GLU A 8 2.23 -8.94 -9.53
N TYR A 9 1.95 -8.83 -8.22
CA TYR A 9 2.07 -7.58 -7.48
C TYR A 9 3.47 -7.00 -7.63
N GLY A 10 4.50 -7.86 -7.61
CA GLY A 10 5.88 -7.45 -7.74
C GLY A 10 6.21 -6.89 -9.13
N ARG A 11 5.32 -7.07 -10.11
CA ARG A 11 5.44 -6.42 -11.42
C ARG A 11 5.19 -4.91 -11.31
N TYR A 12 4.49 -4.46 -10.27
CA TYR A 12 3.99 -3.10 -10.13
C TYR A 12 4.45 -2.40 -8.85
N PHE A 13 4.79 -3.17 -7.82
CA PHE A 13 5.36 -2.66 -6.59
C PHE A 13 6.79 -3.13 -6.51
N GLU A 14 7.66 -2.17 -6.75
CA GLU A 14 9.09 -2.25 -6.54
C GLU A 14 9.41 -1.86 -5.10
N GLN A 15 10.59 -2.28 -4.68
CA GLN A 15 11.13 -2.18 -3.31
C GLN A 15 11.31 -0.76 -2.80
N LEU A 16 11.38 0.23 -3.68
CA LEU A 16 11.62 1.64 -3.35
C LEU A 16 10.51 2.53 -3.91
N GLN A 17 9.49 1.96 -4.56
CA GLN A 17 8.36 2.73 -5.06
C GLN A 17 7.51 3.24 -3.91
N LYS A 18 6.48 4.03 -4.22
CA LYS A 18 5.59 4.61 -3.24
C LYS A 18 4.21 4.02 -3.42
N VAL A 19 3.49 3.82 -2.33
CA VAL A 19 2.10 3.35 -2.34
C VAL A 19 1.28 4.26 -1.45
N ASN A 20 0.11 4.74 -1.90
CA ASN A 20 -0.83 5.47 -1.05
C ASN A 20 -1.12 4.66 0.21
N LEU A 21 -1.54 5.32 1.29
CA LEU A 21 -1.58 4.72 2.62
C LEU A 21 -2.97 4.53 3.18
N THR A 22 -3.99 4.85 2.36
CA THR A 22 -5.32 5.23 2.76
C THR A 22 -5.91 4.36 3.87
N VAL A 23 -5.82 4.77 5.15
CA VAL A 23 -6.32 4.04 6.31
C VAL A 23 -7.74 4.52 6.58
N ARG A 24 -8.74 3.63 6.61
CA ARG A 24 -10.08 4.00 7.09
C ARG A 24 -9.99 4.27 8.59
N LEU A 25 -10.66 5.32 9.09
CA LEU A 25 -10.68 5.67 10.50
C LEU A 25 -12.11 5.97 10.92
N GLY A 26 -12.85 4.94 11.30
CA GLY A 26 -14.24 5.13 11.71
C GLY A 26 -15.16 5.39 10.53
N ASP A 27 -14.69 5.07 9.32
CA ASP A 27 -15.41 5.11 8.04
C ASP A 27 -15.56 6.56 7.54
N THR A 28 -16.19 7.45 8.31
CA THR A 28 -16.27 8.87 7.96
C THR A 28 -14.91 9.56 8.07
N GLY A 29 -14.02 9.12 8.96
CA GLY A 29 -12.64 9.58 8.96
C GLY A 29 -11.80 8.62 8.14
N SER A 30 -10.65 9.10 7.69
CA SER A 30 -9.58 8.31 7.12
C SER A 30 -8.28 9.10 7.29
N PHE A 31 -7.14 8.46 7.04
CA PHE A 31 -5.84 9.10 6.89
C PHE A 31 -5.26 8.66 5.55
N ASP A 32 -4.62 9.55 4.81
CA ASP A 32 -3.72 9.18 3.72
C ASP A 32 -2.47 10.03 3.83
N GLY A 33 -1.32 9.38 3.63
CA GLY A 33 -0.01 10.00 3.61
C GLY A 33 0.86 9.37 2.51
N THR A 34 2.11 9.80 2.41
CA THR A 34 3.03 9.24 1.44
C THR A 34 3.96 8.29 2.21
N ALA A 35 4.46 7.23 1.56
CA ALA A 35 5.61 6.49 2.06
C ALA A 35 6.42 6.02 0.87
N ALA A 36 7.68 5.66 1.09
CA ALA A 36 8.36 4.72 0.22
C ALA A 36 8.19 3.32 0.80
N ILE A 37 8.28 2.31 -0.07
CA ILE A 37 8.55 0.93 0.25
C ILE A 37 10.02 0.87 0.69
N THR A 38 10.38 -0.21 1.39
CA THR A 38 11.75 -0.50 1.80
C THR A 38 12.13 -1.96 1.55
N SER A 39 11.14 -2.85 1.52
CA SER A 39 11.29 -4.27 1.18
C SER A 39 9.95 -4.77 0.66
N LEU A 40 9.97 -5.86 -0.13
CA LEU A 40 8.75 -6.51 -0.59
C LEU A 40 8.96 -8.01 -0.71
N LYS A 41 7.93 -8.79 -0.40
CA LYS A 41 7.85 -10.23 -0.55
C LYS A 41 6.42 -10.57 -1.01
N GLY A 42 6.16 -10.47 -2.31
CA GLY A 42 4.90 -10.91 -2.92
C GLY A 42 3.69 -10.12 -2.40
N SER A 43 2.81 -10.77 -1.63
CA SER A 43 1.66 -10.14 -0.98
C SER A 43 2.04 -9.26 0.18
N LEU A 44 3.31 -9.19 0.57
CA LEU A 44 3.78 -8.45 1.72
C LEU A 44 4.72 -7.36 1.25
N ALA A 45 4.60 -6.15 1.78
CA ALA A 45 5.56 -5.06 1.63
C ALA A 45 5.84 -4.44 3.00
N TRP A 46 6.92 -3.66 3.12
CA TRP A 46 7.18 -2.79 4.28
C TRP A 46 7.41 -1.38 3.79
N LEU A 47 6.93 -0.38 4.56
CA LEU A 47 7.07 1.04 4.30
C LEU A 47 7.90 1.74 5.38
N GLU A 48 8.24 3.00 5.12
CA GLU A 48 9.06 3.87 5.99
C GLU A 48 8.63 5.34 6.06
N LEU A 49 7.35 5.63 5.76
CA LEU A 49 6.83 6.99 5.55
C LEU A 49 7.66 7.80 4.55
N PHE A 50 7.40 9.11 4.46
CA PHE A 50 8.09 9.98 3.50
C PHE A 50 8.79 11.19 4.11
N GLY A 51 8.51 11.52 5.37
CA GLY A 51 8.87 12.81 5.96
C GLY A 51 8.01 13.03 7.20
N ALA A 52 7.84 14.27 7.62
CA ALA A 52 7.19 14.62 8.88
C ALA A 52 5.68 14.42 8.84
N GLU A 53 5.08 14.29 7.65
CA GLU A 53 3.65 14.02 7.49
C GLU A 53 3.40 12.56 7.89
N GLN A 54 2.91 12.37 9.10
CA GLN A 54 2.59 11.07 9.68
C GLN A 54 1.13 11.08 10.14
N PRO A 55 0.56 9.90 10.42
CA PRO A 55 -0.78 9.83 10.98
C PRO A 55 -0.86 10.40 12.39
N PRO A 56 -2.06 10.48 12.97
CA PRO A 56 -2.16 10.57 14.42
C PRO A 56 -1.64 9.25 15.04
N PRO A 57 -1.12 9.28 16.28
CA PRO A 57 -0.76 8.08 17.01
C PRO A 57 -2.00 7.36 17.54
N ASN A 58 -1.81 6.20 18.19
CA ASN A 58 -2.84 5.26 18.69
C ASN A 58 -3.89 4.84 17.67
N THR A 59 -3.65 5.10 16.38
CA THR A 59 -4.69 5.07 15.37
C THR A 59 -4.36 4.06 14.25
N LEU A 60 -3.09 3.72 14.03
CA LEU A 60 -2.70 2.60 13.17
C LEU A 60 -2.84 1.31 13.98
N SER A 61 -3.30 0.24 13.34
CA SER A 61 -3.39 -1.11 13.86
C SER A 61 -2.72 -2.09 12.90
N GLU A 62 -2.47 -3.31 13.37
CA GLU A 62 -1.78 -4.37 12.62
C GLU A 62 -2.70 -5.08 11.61
N GLY A 63 -3.97 -4.72 11.56
CA GLY A 63 -5.04 -5.35 10.79
C GLY A 63 -5.99 -4.29 10.26
N ALA A 64 -5.51 -3.04 10.19
CA ALA A 64 -6.24 -1.95 9.57
C ALA A 64 -6.36 -2.30 8.09
N GLU A 65 -7.55 -2.17 7.51
CA GLU A 65 -7.75 -2.18 6.08
C GLU A 65 -7.28 -0.83 5.57
N VAL A 66 -6.58 -0.89 4.46
CA VAL A 66 -5.93 0.22 3.79
C VAL A 66 -6.16 0.10 2.26
N SER A 67 -5.87 1.15 1.48
CA SER A 67 -5.82 1.08 0.03
C SER A 67 -4.50 1.66 -0.46
N VAL A 68 -3.85 0.98 -1.40
CA VAL A 68 -2.59 1.40 -2.02
C VAL A 68 -2.88 2.21 -3.28
N SER A 69 -1.85 2.83 -3.87
CA SER A 69 -1.85 3.24 -5.27
C SER A 69 -0.41 3.53 -5.67
N VAL A 70 0.05 3.11 -6.85
CA VAL A 70 1.32 3.52 -7.42
C VAL A 70 1.17 3.67 -8.92
N TRP A 71 1.84 4.66 -9.48
CA TRP A 71 1.93 4.82 -10.93
C TRP A 71 3.15 4.06 -11.40
N THR A 72 3.00 2.97 -12.15
CA THR A 72 4.15 2.37 -12.82
C THR A 72 3.71 1.68 -14.12
N GLY A 73 4.66 1.58 -15.07
CA GLY A 73 4.37 1.29 -16.45
C GLY A 73 3.34 2.29 -16.99
N GLY A 74 2.60 1.90 -18.02
CA GLY A 74 1.50 2.68 -18.55
C GLY A 74 0.19 2.41 -17.81
N ALA A 75 0.16 2.52 -16.46
CA ALA A 75 -1.11 2.64 -15.73
C ALA A 75 -0.90 3.16 -14.30
N LEU A 76 -2.01 3.39 -13.58
CA LEU A 76 -2.05 3.38 -12.13
C LEU A 76 -2.23 1.92 -11.71
N CYS A 77 -1.63 1.52 -10.61
CA CYS A 77 -1.80 0.27 -9.91
C CYS A 77 -2.36 0.65 -8.53
N ARG A 78 -3.67 0.84 -8.46
CA ARG A 78 -4.46 0.96 -7.24
C ARG A 78 -4.78 -0.46 -6.83
N CYS A 79 -4.70 -0.72 -5.53
CA CYS A 79 -5.21 -1.95 -4.96
C CYS A 79 -5.64 -1.74 -3.50
N ASP A 80 -6.18 -2.76 -2.84
CA ASP A 80 -6.61 -2.73 -1.45
C ASP A 80 -5.59 -3.51 -0.62
N GLY A 81 -5.64 -3.43 0.71
CA GLY A 81 -4.74 -4.15 1.60
C GLY A 81 -5.19 -4.14 3.04
N ARG A 82 -4.41 -4.79 3.90
CA ARG A 82 -4.39 -4.60 5.34
C ARG A 82 -2.96 -4.34 5.77
N VAL A 83 -2.72 -3.94 7.03
CA VAL A 83 -1.37 -3.74 7.54
C VAL A 83 -0.59 -5.05 7.69
N GLU A 84 -1.22 -6.12 8.14
CA GLU A 84 -0.61 -7.41 8.50
C GLU A 84 0.33 -7.35 9.72
N THR A 85 1.22 -6.36 9.81
CA THR A 85 2.11 -6.15 10.95
C THR A 85 2.47 -4.67 11.06
N LEU A 86 2.41 -4.09 12.26
CA LEU A 86 2.81 -2.71 12.50
C LEU A 86 4.08 -2.69 13.35
N ARG A 87 4.83 -1.59 13.34
CA ARG A 87 6.09 -1.47 14.09
C ARG A 87 6.17 -0.10 14.76
N ASP A 88 5.93 0.96 14.00
CA ASP A 88 5.77 2.33 14.47
C ASP A 88 4.61 2.91 13.69
N ASP A 89 4.18 4.12 14.04
CA ASP A 89 3.22 4.91 13.24
C ASP A 89 3.82 5.34 11.89
N ARG A 90 5.12 5.08 11.68
CA ARG A 90 5.84 5.38 10.44
C ARG A 90 6.40 4.17 9.70
N GLN A 91 6.52 3.02 10.36
CA GLN A 91 7.09 1.83 9.74
C GLN A 91 6.13 0.70 10.04
N PHE A 92 5.75 0.00 8.99
CA PHE A 92 4.78 -1.09 9.05
C PHE A 92 4.76 -1.84 7.74
N ALA A 93 4.14 -3.01 7.77
CA ALA A 93 3.92 -3.85 6.62
C ALA A 93 2.59 -3.49 5.94
N ILE A 94 2.31 -4.12 4.80
CA ILE A 94 0.97 -4.28 4.25
C ILE A 94 0.86 -5.66 3.59
N ARG A 95 -0.26 -6.36 3.80
CA ARG A 95 -0.74 -7.46 2.98
C ARG A 95 -1.66 -6.86 1.93
N LEU A 96 -1.37 -7.08 0.66
CA LEU A 96 -2.22 -6.70 -0.46
C LEU A 96 -3.36 -7.70 -0.61
N VAL A 97 -4.56 -7.22 -0.93
CA VAL A 97 -5.72 -8.02 -1.28
C VAL A 97 -6.46 -7.43 -2.49
N GLY A 98 -7.24 -8.26 -3.17
CA GLY A 98 -8.26 -7.88 -4.14
C GLY A 98 -7.87 -8.03 -5.60
N ARG A 99 -6.62 -8.41 -5.84
CA ARG A 99 -5.89 -8.52 -7.09
C ARG A 99 -5.86 -7.20 -7.85
N VAL A 100 -4.65 -6.76 -8.16
CA VAL A 100 -4.39 -5.52 -8.87
C VAL A 100 -4.79 -5.73 -10.34
N ARG A 101 -5.45 -4.79 -11.02
CA ARG A 101 -5.69 -4.94 -12.47
C ARG A 101 -5.82 -3.61 -13.23
N GLU A 102 -4.85 -2.72 -13.06
CA GLU A 102 -4.73 -1.44 -13.79
C GLU A 102 -6.06 -0.70 -13.87
N LEU A 103 -6.67 -0.50 -12.70
CA LEU A 103 -8.03 0.00 -12.55
C LEU A 103 -8.17 1.45 -13.06
N GLN A 104 -7.06 2.12 -13.32
CA GLN A 104 -6.93 3.45 -13.89
C GLN A 104 -5.63 3.44 -14.68
N ARG A 105 -5.48 4.32 -15.68
CA ARG A 105 -4.24 4.46 -16.43
C ARG A 105 -3.93 5.95 -16.60
N ARG A 106 -2.70 6.28 -16.98
CA ARG A 106 -2.30 7.69 -17.10
C ARG A 106 -2.74 8.14 -18.50
N GLU A 107 -2.82 9.44 -18.75
CA GLU A 107 -3.17 9.97 -20.06
C GLU A 107 -2.37 11.24 -20.34
N TYR A 108 -1.07 11.22 -20.02
CA TYR A 108 -0.13 12.33 -20.10
C TYR A 108 -0.49 13.60 -19.30
N PHE A 109 -1.62 13.60 -18.61
CA PHE A 109 -1.94 14.44 -17.49
C PHE A 109 -1.21 13.86 -16.29
N GLY A 1 5.87 -18.07 -10.59
CA GLY A 1 6.16 -18.68 -9.29
C GLY A 1 7.48 -19.41 -9.30
N MET A 2 7.43 -20.74 -9.23
CA MET A 2 8.53 -21.63 -8.84
C MET A 2 8.93 -21.40 -7.39
N SER A 3 9.36 -20.19 -7.01
CA SER A 3 9.71 -19.81 -5.64
C SER A 3 9.23 -18.38 -5.42
N ALA A 4 7.91 -18.19 -5.39
CA ALA A 4 7.27 -16.92 -5.07
C ALA A 4 5.82 -17.14 -4.70
N ASP A 5 5.45 -16.89 -3.45
CA ASP A 5 4.07 -16.87 -2.95
C ASP A 5 3.25 -15.73 -3.59
N GLY A 6 3.93 -14.76 -4.20
CA GLY A 6 3.32 -13.69 -4.99
C GLY A 6 2.88 -14.21 -6.35
N SER A 7 2.51 -13.30 -7.24
CA SER A 7 2.14 -13.61 -8.61
C SER A 7 2.69 -12.50 -9.48
N GLU A 8 2.01 -11.35 -9.55
CA GLU A 8 2.39 -10.24 -10.43
C GLU A 8 2.55 -8.91 -9.68
N TYR A 9 2.30 -8.92 -8.37
CA TYR A 9 2.43 -7.74 -7.51
C TYR A 9 3.84 -7.15 -7.67
N GLY A 10 4.85 -8.02 -7.72
CA GLY A 10 6.24 -7.62 -7.80
C GLY A 10 6.65 -7.10 -9.17
N ARG A 11 5.76 -7.12 -10.16
CA ARG A 11 6.00 -6.45 -11.44
C ARG A 11 5.52 -5.00 -11.42
N TYR A 12 4.80 -4.61 -10.36
CA TYR A 12 4.13 -3.33 -10.24
C TYR A 12 4.71 -2.57 -9.05
N PHE A 13 4.94 -3.25 -7.93
CA PHE A 13 5.63 -2.73 -6.77
C PHE A 13 7.08 -3.21 -6.81
N GLU A 14 8.00 -2.40 -6.32
CA GLU A 14 9.44 -2.68 -6.28
C GLU A 14 9.97 -2.09 -4.98
N GLN A 15 11.12 -2.59 -4.51
CA GLN A 15 11.66 -2.42 -3.17
C GLN A 15 11.83 -0.97 -2.72
N LEU A 16 11.89 0.00 -3.63
CA LEU A 16 12.09 1.42 -3.35
C LEU A 16 11.00 2.28 -3.98
N GLN A 17 9.96 1.68 -4.60
CA GLN A 17 8.89 2.44 -5.22
C GLN A 17 7.98 3.10 -4.16
N LYS A 18 6.96 3.82 -4.60
CA LYS A 18 6.07 4.57 -3.72
C LYS A 18 4.68 4.01 -3.77
N VAL A 19 4.09 3.73 -2.61
CA VAL A 19 2.73 3.24 -2.47
C VAL A 19 1.93 4.25 -1.67
N ASN A 20 0.69 4.46 -2.07
CA ASN A 20 -0.29 5.23 -1.32
C ASN A 20 -0.59 4.55 0.03
N LEU A 21 -1.18 5.28 0.97
CA LEU A 21 -1.39 4.80 2.34
C LEU A 21 -2.83 5.11 2.77
N THR A 22 -3.81 4.83 1.92
CA THR A 22 -5.19 5.04 2.29
C THR A 22 -5.54 4.09 3.45
N VAL A 23 -6.04 4.61 4.56
CA VAL A 23 -6.49 3.85 5.74
C VAL A 23 -7.86 4.39 6.14
N ARG A 24 -8.88 3.53 6.28
CA ARG A 24 -10.18 3.95 6.83
C ARG A 24 -10.01 4.38 8.29
N LEU A 25 -10.75 5.40 8.74
CA LEU A 25 -10.66 5.90 10.13
C LEU A 25 -12.02 6.02 10.83
N GLY A 26 -13.05 5.37 10.32
CA GLY A 26 -14.39 5.47 10.87
C GLY A 26 -15.33 5.37 9.70
N ASP A 27 -15.88 6.51 9.28
CA ASP A 27 -16.67 6.64 8.07
C ASP A 27 -16.06 7.83 7.31
N THR A 28 -16.51 9.03 7.65
CA THR A 28 -16.16 10.32 7.09
C THR A 28 -14.82 10.79 7.66
N GLY A 29 -13.74 10.06 7.39
CA GLY A 29 -12.40 10.41 7.80
C GLY A 29 -11.42 9.94 6.77
N SER A 30 -10.91 8.75 7.07
CA SER A 30 -9.76 8.12 6.48
C SER A 30 -8.48 8.97 6.59
N PHE A 31 -7.34 8.35 6.32
CA PHE A 31 -6.05 9.01 6.15
C PHE A 31 -5.51 8.49 4.83
N ASP A 32 -4.72 9.30 4.14
CA ASP A 32 -4.10 8.95 2.88
C ASP A 32 -2.79 9.72 2.79
N GLY A 33 -1.71 8.98 2.61
CA GLY A 33 -0.35 9.50 2.52
C GLY A 33 0.46 8.79 1.44
N THR A 34 1.72 9.19 1.30
CA THR A 34 2.72 8.48 0.52
C THR A 34 3.60 7.71 1.51
N ALA A 35 4.35 6.71 1.03
CA ALA A 35 5.50 6.11 1.67
C ALA A 35 6.45 5.58 0.62
N ALA A 36 7.72 5.37 0.99
CA ALA A 36 8.65 4.58 0.21
C ALA A 36 8.51 3.15 0.67
N ILE A 37 8.46 2.19 -0.25
CA ILE A 37 8.75 0.79 0.03
C ILE A 37 10.21 0.74 0.49
N THR A 38 10.53 -0.26 1.29
CA THR A 38 11.86 -0.50 1.85
C THR A 38 12.28 -1.95 1.65
N SER A 39 11.35 -2.90 1.78
CA SER A 39 11.61 -4.33 1.75
C SER A 39 10.34 -5.04 1.27
N LEU A 40 10.39 -5.83 0.21
CA LEU A 40 9.21 -6.41 -0.45
C LEU A 40 9.36 -7.94 -0.51
N LYS A 41 8.27 -8.69 -0.34
CA LYS A 41 8.18 -10.12 -0.56
C LYS A 41 6.90 -10.43 -1.33
N GLY A 42 6.55 -11.72 -1.43
CA GLY A 42 5.59 -12.19 -2.41
C GLY A 42 4.20 -11.57 -2.30
N SER A 43 3.68 -11.49 -1.08
CA SER A 43 2.43 -10.84 -0.72
C SER A 43 2.63 -10.11 0.59
N LEU A 44 3.82 -9.57 0.80
CA LEU A 44 4.14 -8.76 1.95
C LEU A 44 5.05 -7.64 1.48
N ALA A 45 4.97 -6.46 2.05
CA ALA A 45 5.97 -5.41 1.87
C ALA A 45 6.11 -4.65 3.19
N TRP A 46 7.12 -3.81 3.32
CA TRP A 46 7.35 -2.89 4.41
C TRP A 46 7.64 -1.52 3.81
N LEU A 47 7.14 -0.45 4.46
CA LEU A 47 7.31 0.93 4.06
C LEU A 47 7.89 1.75 5.23
N GLU A 48 8.01 3.07 5.07
CA GLU A 48 8.60 3.95 6.09
C GLU A 48 8.07 5.39 6.13
N LEU A 49 6.83 5.58 5.69
CA LEU A 49 6.22 6.88 5.40
C LEU A 49 7.01 7.69 4.36
N PHE A 50 6.56 8.90 4.08
CA PHE A 50 7.24 9.87 3.24
C PHE A 50 7.37 11.14 4.07
N GLY A 51 8.56 11.74 4.06
CA GLY A 51 8.74 13.09 4.54
C GLY A 51 8.56 13.21 6.04
N ALA A 52 7.83 14.24 6.44
CA ALA A 52 7.59 14.59 7.83
C ALA A 52 6.11 14.78 8.13
N GLU A 53 5.25 14.17 7.32
CA GLU A 53 3.83 14.04 7.61
C GLU A 53 3.61 12.62 8.11
N GLN A 54 2.67 12.45 9.04
CA GLN A 54 2.37 11.16 9.64
C GLN A 54 0.97 11.17 10.27
N PRO A 55 0.32 9.99 10.40
CA PRO A 55 -1.03 9.90 10.94
C PRO A 55 -1.09 10.26 12.43
N PRO A 56 -2.30 10.42 12.98
CA PRO A 56 -2.46 10.49 14.43
C PRO A 56 -1.89 9.24 15.12
N PRO A 57 -1.49 9.36 16.40
CA PRO A 57 -1.08 8.20 17.19
C PRO A 57 -2.29 7.32 17.45
N ASN A 58 -2.09 6.11 17.98
CA ASN A 58 -3.16 5.21 18.44
C ASN A 58 -4.33 5.14 17.45
N THR A 59 -4.02 5.01 16.15
CA THR A 59 -5.01 5.06 15.08
C THR A 59 -4.68 3.98 14.05
N LEU A 60 -3.45 3.98 13.52
CA LEU A 60 -2.97 2.89 12.65
C LEU A 60 -2.99 1.57 13.42
N SER A 61 -3.43 0.49 12.80
CA SER A 61 -3.48 -0.80 13.49
C SER A 61 -3.22 -2.03 12.63
N GLU A 62 -2.87 -3.13 13.28
CA GLU A 62 -2.26 -4.29 12.64
C GLU A 62 -3.20 -5.08 11.71
N GLY A 63 -4.46 -4.68 11.61
CA GLY A 63 -5.48 -5.28 10.79
C GLY A 63 -6.27 -4.23 10.04
N ALA A 64 -5.75 -3.00 9.92
CA ALA A 64 -6.39 -1.94 9.15
C ALA A 64 -6.45 -2.46 7.73
N GLU A 65 -7.64 -2.45 7.11
CA GLU A 65 -7.74 -2.58 5.68
C GLU A 65 -7.29 -1.25 5.11
N VAL A 66 -6.37 -1.36 4.16
CA VAL A 66 -5.65 -0.26 3.58
C VAL A 66 -5.64 -0.46 2.08
N SER A 67 -5.42 0.62 1.34
CA SER A 67 -5.55 0.63 -0.10
C SER A 67 -4.34 1.37 -0.66
N VAL A 68 -3.41 0.61 -1.23
CA VAL A 68 -2.22 1.15 -1.84
C VAL A 68 -2.57 1.61 -3.24
N SER A 69 -1.75 2.48 -3.80
CA SER A 69 -1.80 2.86 -5.19
C SER A 69 -0.38 3.18 -5.65
N VAL A 70 0.02 2.73 -6.84
CA VAL A 70 1.25 3.15 -7.51
C VAL A 70 0.99 3.31 -9.01
N TRP A 71 1.65 4.30 -9.61
CA TRP A 71 1.59 4.58 -11.03
C TRP A 71 2.62 3.71 -11.72
N THR A 72 2.18 2.74 -12.50
CA THR A 72 3.07 1.77 -13.16
C THR A 72 2.33 1.21 -14.37
N GLY A 73 3.07 0.82 -15.41
CA GLY A 73 2.55 0.47 -16.73
C GLY A 73 2.10 1.72 -17.48
N GLY A 74 1.20 2.50 -16.88
CA GLY A 74 0.72 3.79 -17.36
C GLY A 74 -0.48 4.31 -16.60
N ALA A 75 -1.11 3.49 -15.72
CA ALA A 75 -2.26 3.87 -14.92
C ALA A 75 -1.95 3.64 -13.44
N LEU A 76 -2.87 4.05 -12.57
CA LEU A 76 -2.79 3.80 -11.14
C LEU A 76 -3.26 2.38 -10.86
N CYS A 77 -2.31 1.47 -10.69
CA CYS A 77 -2.57 0.17 -10.11
C CYS A 77 -2.83 0.42 -8.61
N ARG A 78 -4.08 0.23 -8.18
CA ARG A 78 -4.45 0.25 -6.77
C ARG A 78 -4.49 -1.19 -6.32
N CYS A 79 -4.12 -1.46 -5.07
CA CYS A 79 -4.39 -2.79 -4.52
C CYS A 79 -4.98 -2.65 -3.11
N ASP A 80 -5.91 -3.53 -2.74
CA ASP A 80 -6.37 -3.63 -1.36
C ASP A 80 -5.34 -4.44 -0.61
N GLY A 81 -5.13 -4.13 0.67
CA GLY A 81 -4.28 -4.90 1.56
C GLY A 81 -4.79 -4.81 2.99
N ARG A 82 -4.07 -5.43 3.93
CA ARG A 82 -4.20 -5.15 5.37
C ARG A 82 -2.80 -4.93 5.94
N VAL A 83 -2.70 -4.30 7.11
CA VAL A 83 -1.42 -3.94 7.72
C VAL A 83 -0.52 -5.15 7.98
N GLU A 84 -1.07 -6.33 8.25
CA GLU A 84 -0.35 -7.56 8.62
C GLU A 84 0.32 -7.42 9.99
N THR A 85 1.25 -6.48 10.15
CA THR A 85 1.98 -6.19 11.37
C THR A 85 2.37 -4.70 11.32
N LEU A 86 1.97 -3.92 12.31
CA LEU A 86 2.41 -2.52 12.46
C LEU A 86 3.65 -2.48 13.33
N ARG A 87 4.48 -1.44 13.20
CA ARG A 87 5.70 -1.26 13.99
C ARG A 87 5.76 0.14 14.61
N ASP A 88 5.49 1.19 13.85
CA ASP A 88 5.44 2.60 14.29
C ASP A 88 4.22 3.24 13.61
N ASP A 89 4.00 4.53 13.87
CA ASP A 89 3.17 5.44 13.05
C ASP A 89 3.61 5.44 11.58
N ARG A 90 4.86 5.03 11.31
CA ARG A 90 5.58 5.28 10.08
C ARG A 90 6.02 3.98 9.43
N GLN A 91 6.71 3.11 10.16
CA GLN A 91 7.10 1.80 9.67
C GLN A 91 5.96 0.81 9.94
N PHE A 92 5.61 0.02 8.94
CA PHE A 92 4.69 -1.11 9.10
C PHE A 92 4.77 -1.98 7.85
N ALA A 93 4.26 -3.20 7.97
CA ALA A 93 4.13 -4.13 6.86
C ALA A 93 2.82 -3.85 6.10
N ILE A 94 2.59 -4.57 5.00
CA ILE A 94 1.30 -4.71 4.32
C ILE A 94 1.24 -6.04 3.58
N ARG A 95 0.19 -6.83 3.81
CA ARG A 95 -0.22 -7.97 2.97
C ARG A 95 -1.11 -7.40 1.88
N LEU A 96 -0.78 -7.66 0.63
CA LEU A 96 -1.56 -7.29 -0.56
C LEU A 96 -2.58 -8.40 -0.77
N VAL A 97 -3.84 -8.11 -1.10
CA VAL A 97 -4.88 -9.14 -1.19
C VAL A 97 -5.66 -9.11 -2.52
N GLY A 98 -6.37 -10.20 -2.78
CA GLY A 98 -7.03 -10.53 -4.03
C GLY A 98 -5.99 -10.55 -5.12
N ARG A 99 -6.16 -9.65 -6.07
CA ARG A 99 -5.21 -9.32 -7.11
C ARG A 99 -5.33 -7.84 -7.42
N VAL A 100 -4.25 -7.23 -7.91
CA VAL A 100 -4.14 -5.84 -8.30
C VAL A 100 -5.22 -5.49 -9.34
N ARG A 101 -5.65 -4.22 -9.41
CA ARG A 101 -6.50 -3.72 -10.48
C ARG A 101 -6.08 -2.27 -10.80
N GLU A 102 -6.36 -1.78 -12.00
CA GLU A 102 -6.25 -0.36 -12.32
C GLU A 102 -7.59 0.31 -12.05
N LEU A 103 -7.60 1.41 -11.29
CA LEU A 103 -8.84 2.12 -10.96
C LEU A 103 -8.77 3.64 -11.21
N GLN A 104 -7.60 4.24 -11.44
CA GLN A 104 -7.50 5.60 -11.96
C GLN A 104 -6.50 5.63 -13.11
N ARG A 105 -6.63 6.62 -14.00
CA ARG A 105 -5.68 6.90 -15.07
C ARG A 105 -4.97 8.23 -14.84
N ARG A 106 -5.47 9.10 -13.96
CA ARG A 106 -5.02 10.47 -13.71
C ARG A 106 -5.93 11.04 -12.61
N GLU A 107 -5.94 12.37 -12.42
CA GLU A 107 -6.79 13.08 -11.44
C GLU A 107 -6.47 12.63 -10.01
N TYR A 108 -5.20 12.74 -9.67
CA TYR A 108 -4.64 12.58 -8.33
C TYR A 108 -4.81 13.77 -7.37
N PHE A 109 -5.84 14.55 -7.61
CA PHE A 109 -6.29 15.72 -6.87
C PHE A 109 -7.80 15.82 -7.04
N GLY A 1 -8.28 -20.31 -17.92
CA GLY A 1 -8.93 -20.09 -16.62
C GLY A 1 -7.88 -20.07 -15.53
N MET A 2 -8.17 -19.44 -14.39
CA MET A 2 -7.27 -19.32 -13.26
C MET A 2 -8.06 -19.30 -11.96
N SER A 3 -7.42 -19.55 -10.82
CA SER A 3 -7.90 -19.24 -9.47
C SER A 3 -6.66 -19.19 -8.58
N ALA A 4 -6.20 -17.97 -8.31
CA ALA A 4 -5.17 -17.63 -7.34
C ALA A 4 -5.43 -16.18 -6.92
N ASP A 5 -5.72 -15.33 -7.92
CA ASP A 5 -6.15 -13.94 -7.77
C ASP A 5 -5.09 -13.17 -6.97
N GLY A 6 -3.83 -13.31 -7.38
CA GLY A 6 -2.71 -12.63 -6.77
C GLY A 6 -1.40 -13.25 -7.19
N SER A 7 -0.39 -12.43 -7.56
CA SER A 7 0.90 -12.88 -8.07
C SER A 7 1.80 -11.72 -8.52
N GLU A 8 1.40 -11.08 -9.62
CA GLU A 8 2.05 -10.04 -10.44
C GLU A 8 2.38 -8.74 -9.67
N TYR A 9 2.23 -8.74 -8.36
CA TYR A 9 2.41 -7.59 -7.49
C TYR A 9 3.82 -7.01 -7.66
N GLY A 10 4.84 -7.85 -7.75
CA GLY A 10 6.23 -7.43 -7.87
C GLY A 10 6.63 -7.05 -9.28
N ARG A 11 5.70 -7.12 -10.25
CA ARG A 11 5.85 -6.44 -11.53
C ARG A 11 5.37 -5.00 -11.43
N TYR A 12 4.62 -4.62 -10.40
CA TYR A 12 3.93 -3.35 -10.31
C TYR A 12 4.47 -2.50 -9.16
N PHE A 13 4.65 -3.09 -7.97
CA PHE A 13 5.35 -2.49 -6.85
C PHE A 13 6.81 -2.92 -6.94
N GLU A 14 7.70 -2.14 -6.36
CA GLU A 14 9.13 -2.39 -6.36
C GLU A 14 9.72 -1.84 -5.06
N GLN A 15 10.86 -2.39 -4.65
CA GLN A 15 11.54 -2.27 -3.37
C GLN A 15 11.76 -0.84 -2.84
N LEU A 16 11.86 0.16 -3.70
CA LEU A 16 12.11 1.55 -3.31
C LEU A 16 11.00 2.47 -3.80
N GLN A 17 9.97 1.92 -4.44
CA GLN A 17 8.87 2.65 -5.01
C GLN A 17 7.96 3.18 -3.90
N LYS A 18 6.95 3.98 -4.27
CA LYS A 18 6.05 4.59 -3.31
C LYS A 18 4.65 4.02 -3.44
N VAL A 19 3.86 4.02 -2.36
CA VAL A 19 2.51 3.47 -2.31
C VAL A 19 1.66 4.46 -1.51
N ASN A 20 0.45 4.72 -2.00
CA ASN A 20 -0.58 5.43 -1.26
C ASN A 20 -1.00 4.58 -0.05
N LEU A 21 -1.70 5.18 0.94
CA LEU A 21 -1.75 4.62 2.30
C LEU A 21 -3.13 4.45 2.91
N THR A 22 -4.18 4.69 2.15
CA THR A 22 -5.54 5.05 2.58
C THR A 22 -6.04 4.20 3.74
N VAL A 23 -5.81 4.64 4.98
CA VAL A 23 -6.21 3.95 6.20
C VAL A 23 -7.69 4.23 6.38
N ARG A 24 -8.52 3.20 6.56
CA ARG A 24 -9.89 3.38 7.04
C ARG A 24 -9.86 3.80 8.50
N LEU A 25 -10.26 5.03 8.83
CA LEU A 25 -10.60 5.43 10.16
C LEU A 25 -12.11 5.66 10.18
N GLY A 26 -12.86 4.58 10.27
CA GLY A 26 -14.28 4.68 10.59
C GLY A 26 -15.07 5.32 9.45
N ASP A 27 -16.26 5.79 9.77
CA ASP A 27 -17.36 5.95 8.82
C ASP A 27 -17.36 7.30 8.12
N THR A 28 -16.42 8.21 8.45
CA THR A 28 -16.39 9.56 7.91
C THR A 28 -14.96 10.14 7.85
N GLY A 29 -13.92 9.40 8.24
CA GLY A 29 -12.61 9.95 8.53
C GLY A 29 -11.60 9.69 7.41
N SER A 30 -10.74 8.73 7.72
CA SER A 30 -9.66 8.12 6.98
C SER A 30 -8.40 8.99 6.85
N PHE A 31 -7.27 8.31 6.58
CA PHE A 31 -5.94 8.90 6.52
C PHE A 31 -5.25 8.33 5.31
N ASP A 32 -5.20 9.12 4.27
CA ASP A 32 -4.39 8.84 3.10
C ASP A 32 -3.06 9.57 3.23
N GLY A 33 -2.05 9.10 2.50
CA GLY A 33 -0.69 9.62 2.57
C GLY A 33 0.24 8.80 1.68
N THR A 34 1.55 9.02 1.79
CA THR A 34 2.61 8.45 0.96
C THR A 34 3.54 7.64 1.86
N ALA A 35 4.03 6.48 1.41
CA ALA A 35 5.22 5.86 1.99
C ALA A 35 6.17 5.40 0.89
N ALA A 36 7.45 5.30 1.22
CA ALA A 36 8.40 4.54 0.42
C ALA A 36 8.33 3.07 0.86
N ILE A 37 8.50 2.16 -0.08
CA ILE A 37 8.84 0.76 0.16
C ILE A 37 10.29 0.71 0.65
N THR A 38 10.58 -0.39 1.34
CA THR A 38 11.88 -0.72 1.94
C THR A 38 12.21 -2.19 1.68
N SER A 39 11.33 -3.10 2.11
CA SER A 39 11.38 -4.52 1.82
C SER A 39 10.11 -4.95 1.10
N LEU A 40 10.17 -6.05 0.36
CA LEU A 40 9.09 -6.56 -0.47
C LEU A 40 9.28 -8.07 -0.59
N LYS A 41 8.33 -8.88 -0.12
CA LYS A 41 8.29 -10.33 -0.31
C LYS A 41 6.87 -10.72 -0.68
N GLY A 42 6.59 -10.83 -1.97
CA GLY A 42 5.33 -11.33 -2.47
C GLY A 42 4.16 -10.46 -2.01
N SER A 43 3.11 -11.04 -1.40
CA SER A 43 1.99 -10.32 -0.79
C SER A 43 2.38 -9.59 0.50
N LEU A 44 3.59 -9.04 0.56
CA LEU A 44 4.06 -8.28 1.69
C LEU A 44 5.00 -7.21 1.16
N ALA A 45 4.75 -5.94 1.46
CA ALA A 45 5.76 -4.90 1.44
C ALA A 45 5.96 -4.39 2.86
N TRP A 46 7.04 -3.65 3.09
CA TRP A 46 7.32 -2.89 4.30
C TRP A 46 7.64 -1.47 3.89
N LEU A 47 7.25 -0.52 4.75
CA LEU A 47 7.05 0.87 4.43
C LEU A 47 7.61 1.73 5.56
N GLU A 48 7.92 2.99 5.24
CA GLU A 48 8.53 3.94 6.19
C GLU A 48 7.93 5.35 6.15
N LEU A 49 6.67 5.49 5.73
CA LEU A 49 6.01 6.77 5.47
C LEU A 49 6.84 7.65 4.52
N PHE A 50 6.51 8.93 4.42
CA PHE A 50 7.33 9.95 3.78
C PHE A 50 7.52 11.17 4.67
N GLY A 51 8.64 11.86 4.45
CA GLY A 51 8.92 13.19 4.98
C GLY A 51 8.65 13.27 6.47
N ALA A 52 7.72 14.14 6.84
CA ALA A 52 7.28 14.38 8.20
C ALA A 52 5.76 14.23 8.34
N GLU A 53 5.05 13.85 7.27
CA GLU A 53 3.62 13.59 7.34
C GLU A 53 3.40 12.26 8.06
N GLN A 54 2.37 12.18 8.90
CA GLN A 54 2.05 10.97 9.64
C GLN A 54 0.58 10.97 10.10
N PRO A 55 -0.01 9.78 10.34
CA PRO A 55 -1.35 9.65 10.90
C PRO A 55 -1.42 10.17 12.34
N PRO A 56 -2.64 10.29 12.91
CA PRO A 56 -2.79 10.60 14.32
C PRO A 56 -2.25 9.42 15.17
N PRO A 57 -1.81 9.66 16.41
CA PRO A 57 -1.23 8.61 17.24
C PRO A 57 -2.28 7.59 17.68
N ASN A 58 -1.80 6.41 18.10
CA ASN A 58 -2.59 5.27 18.58
C ASN A 58 -3.77 4.96 17.63
N THR A 59 -3.61 5.16 16.32
CA THR A 59 -4.69 5.08 15.34
C THR A 59 -4.34 4.17 14.17
N LEU A 60 -3.05 3.88 13.95
CA LEU A 60 -2.63 2.68 13.25
C LEU A 60 -2.76 1.48 14.18
N SER A 61 -3.16 0.32 13.63
CA SER A 61 -2.96 -1.00 14.22
C SER A 61 -2.63 -1.99 13.08
N GLU A 62 -2.19 -3.19 13.45
CA GLU A 62 -1.63 -4.20 12.54
C GLU A 62 -2.66 -4.83 11.60
N GLY A 63 -3.93 -4.47 11.73
CA GLY A 63 -5.03 -4.98 10.92
C GLY A 63 -5.61 -3.90 10.03
N ALA A 64 -5.14 -2.64 10.10
CA ALA A 64 -5.87 -1.52 9.52
C ALA A 64 -5.99 -1.74 8.02
N GLU A 65 -7.20 -1.56 7.48
CA GLU A 65 -7.56 -1.98 6.12
C GLU A 65 -7.18 -0.87 5.17
N VAL A 66 -5.88 -0.77 4.99
CA VAL A 66 -5.27 0.24 4.14
C VAL A 66 -5.52 -0.09 2.66
N SER A 67 -5.51 0.90 1.77
CA SER A 67 -5.64 0.72 0.34
C SER A 67 -4.59 1.58 -0.36
N VAL A 68 -3.83 0.95 -1.23
CA VAL A 68 -2.65 1.51 -1.89
C VAL A 68 -3.04 2.09 -3.24
N SER A 69 -2.07 2.70 -3.91
CA SER A 69 -1.99 2.81 -5.34
C SER A 69 -0.53 3.00 -5.72
N VAL A 70 -0.16 2.77 -6.99
CA VAL A 70 1.07 3.32 -7.55
C VAL A 70 0.95 3.36 -9.08
N TRP A 71 1.52 4.41 -9.67
CA TRP A 71 1.56 4.60 -11.11
C TRP A 71 2.84 3.96 -11.62
N THR A 72 2.70 2.94 -12.47
CA THR A 72 3.77 2.29 -13.20
C THR A 72 3.29 2.09 -14.65
N GLY A 73 4.19 1.69 -15.56
CA GLY A 73 3.87 1.44 -16.96
C GLY A 73 3.30 2.71 -17.60
N GLY A 74 1.99 2.71 -17.88
CA GLY A 74 1.25 3.84 -18.43
C GLY A 74 -0.21 3.83 -17.97
N ALA A 75 -0.52 3.35 -16.77
CA ALA A 75 -1.84 3.42 -16.14
C ALA A 75 -1.66 3.44 -14.62
N LEU A 76 -2.76 3.31 -13.86
CA LEU A 76 -2.76 3.16 -12.42
C LEU A 76 -3.34 1.81 -12.02
N CYS A 77 -2.53 1.05 -11.31
CA CYS A 77 -2.86 -0.20 -10.65
C CYS A 77 -3.00 0.17 -9.18
N ARG A 78 -4.09 -0.19 -8.51
CA ARG A 78 -4.23 0.08 -7.06
C ARG A 78 -4.68 -1.19 -6.37
N CYS A 79 -4.57 -1.27 -5.05
CA CYS A 79 -4.87 -2.53 -4.37
C CYS A 79 -5.41 -2.31 -2.96
N ASP A 80 -6.29 -3.22 -2.53
CA ASP A 80 -6.75 -3.35 -1.15
C ASP A 80 -5.69 -4.09 -0.36
N GLY A 81 -5.48 -3.74 0.90
CA GLY A 81 -4.61 -4.49 1.79
C GLY A 81 -5.06 -4.39 3.24
N ARG A 82 -4.21 -4.86 4.14
CA ARG A 82 -4.24 -4.59 5.58
C ARG A 82 -2.79 -4.34 6.01
N VAL A 83 -2.56 -3.86 7.23
CA VAL A 83 -1.23 -3.53 7.73
C VAL A 83 -0.34 -4.76 7.94
N GLU A 84 -0.88 -5.95 8.21
CA GLU A 84 -0.15 -7.19 8.52
C GLU A 84 0.60 -7.14 9.85
N THR A 85 1.59 -6.25 10.00
CA THR A 85 2.44 -6.09 11.17
C THR A 85 2.82 -4.60 11.24
N LEU A 86 2.64 -3.97 12.39
CA LEU A 86 3.03 -2.58 12.61
C LEU A 86 4.23 -2.57 13.53
N ARG A 87 5.20 -1.71 13.27
CA ARG A 87 6.44 -1.66 14.04
C ARG A 87 6.56 -0.35 14.79
N ASP A 88 6.43 0.76 14.09
CA ASP A 88 6.45 2.11 14.64
C ASP A 88 5.34 2.86 13.92
N ASP A 89 5.02 4.06 14.41
CA ASP A 89 3.99 4.93 13.81
C ASP A 89 4.35 5.32 12.37
N ARG A 90 5.63 5.18 11.97
CA ARG A 90 6.04 5.37 10.59
C ARG A 90 6.47 4.10 9.87
N GLN A 91 6.77 2.99 10.56
CA GLN A 91 7.36 1.82 9.94
C GLN A 91 6.43 0.64 10.13
N PHE A 92 6.02 0.00 9.04
CA PHE A 92 5.04 -1.08 9.09
C PHE A 92 5.01 -1.85 7.78
N ALA A 93 4.38 -3.03 7.81
CA ALA A 93 4.14 -3.86 6.65
C ALA A 93 2.85 -3.43 5.93
N ILE A 94 2.54 -4.06 4.79
CA ILE A 94 1.21 -4.19 4.24
C ILE A 94 1.09 -5.56 3.56
N ARG A 95 -0.12 -6.15 3.57
CA ARG A 95 -0.46 -7.40 2.90
C ARG A 95 -1.49 -7.13 1.84
N LEU A 96 -1.08 -7.30 0.59
CA LEU A 96 -1.85 -7.04 -0.61
C LEU A 96 -2.86 -8.17 -0.79
N VAL A 97 -4.14 -7.85 -0.93
CA VAL A 97 -5.18 -8.85 -1.14
C VAL A 97 -6.08 -8.48 -2.31
N GLY A 98 -6.81 -9.47 -2.83
CA GLY A 98 -7.91 -9.27 -3.76
C GLY A 98 -7.49 -8.99 -5.20
N ARG A 99 -6.19 -9.14 -5.52
CA ARG A 99 -5.55 -8.95 -6.81
C ARG A 99 -5.44 -7.46 -7.16
N VAL A 100 -4.27 -7.06 -7.65
CA VAL A 100 -4.03 -5.71 -8.15
C VAL A 100 -4.46 -5.71 -9.62
N ARG A 101 -5.31 -4.78 -10.06
CA ARG A 101 -5.59 -4.63 -11.49
C ARG A 101 -5.49 -3.16 -11.88
N GLU A 102 -5.43 -2.89 -13.18
CA GLU A 102 -5.51 -1.53 -13.72
C GLU A 102 -6.99 -1.17 -13.69
N LEU A 103 -7.44 -0.53 -12.61
CA LEU A 103 -8.80 0.00 -12.56
C LEU A 103 -8.86 1.38 -13.21
N GLN A 104 -7.71 2.00 -13.47
CA GLN A 104 -7.60 3.41 -13.75
C GLN A 104 -6.48 3.64 -14.75
N ARG A 105 -6.65 4.62 -15.63
CA ARG A 105 -5.62 4.95 -16.62
C ARG A 105 -5.04 6.34 -16.44
N ARG A 106 -5.80 7.29 -15.90
CA ARG A 106 -5.45 8.68 -15.59
C ARG A 106 -6.54 9.23 -14.67
N GLU A 107 -6.35 10.42 -14.09
CA GLU A 107 -7.32 11.29 -13.38
C GLU A 107 -8.23 10.68 -12.29
N TYR A 108 -8.12 9.39 -11.98
CA TYR A 108 -9.05 8.59 -11.18
C TYR A 108 -10.48 8.62 -11.73
N PHE A 109 -10.65 8.43 -13.05
CA PHE A 109 -11.94 8.30 -13.66
C PHE A 109 -12.74 7.14 -13.06
N GLY A 1 7.21 -20.62 -4.43
CA GLY A 1 6.11 -19.67 -4.24
C GLY A 1 4.72 -20.31 -4.20
N MET A 2 4.53 -21.55 -3.72
CA MET A 2 3.21 -22.16 -3.64
C MET A 2 2.34 -21.35 -2.67
N SER A 3 2.58 -21.51 -1.38
CA SER A 3 1.99 -20.70 -0.33
C SER A 3 2.59 -19.30 -0.42
N ALA A 4 1.89 -18.39 -1.10
CA ALA A 4 2.27 -17.00 -1.23
C ALA A 4 1.08 -16.07 -1.04
N ASP A 5 -0.15 -16.58 -1.22
CA ASP A 5 -1.41 -15.91 -0.96
C ASP A 5 -1.46 -14.52 -1.59
N GLY A 6 -1.37 -14.50 -2.92
CA GLY A 6 -1.46 -13.33 -3.79
C GLY A 6 -0.29 -13.34 -4.78
N SER A 7 -0.42 -12.59 -5.88
CA SER A 7 0.56 -12.50 -6.95
C SER A 7 0.33 -11.20 -7.75
N GLU A 8 1.01 -10.99 -8.88
CA GLU A 8 1.01 -9.78 -9.73
C GLU A 8 1.67 -8.54 -9.07
N TYR A 9 1.89 -8.54 -7.76
CA TYR A 9 2.23 -7.35 -6.99
C TYR A 9 3.58 -6.78 -7.41
N GLY A 10 4.57 -7.66 -7.52
CA GLY A 10 5.92 -7.31 -7.86
C GLY A 10 6.12 -6.98 -9.33
N ARG A 11 5.05 -6.93 -10.14
CA ARG A 11 5.12 -6.35 -11.46
C ARG A 11 4.93 -4.83 -11.40
N TYR A 12 4.47 -4.31 -10.26
CA TYR A 12 4.05 -2.93 -10.07
C TYR A 12 4.79 -2.24 -8.94
N PHE A 13 5.10 -2.96 -7.86
CA PHE A 13 5.67 -2.41 -6.64
C PHE A 13 7.13 -2.84 -6.58
N GLU A 14 8.04 -1.87 -6.49
CA GLU A 14 9.46 -2.15 -6.35
C GLU A 14 9.90 -1.80 -4.93
N GLN A 15 11.02 -2.36 -4.51
CA GLN A 15 11.59 -2.39 -3.14
C GLN A 15 11.88 -1.01 -2.57
N LEU A 16 11.89 0.01 -3.42
CA LEU A 16 12.28 1.38 -3.12
C LEU A 16 11.25 2.36 -3.69
N GLN A 17 10.08 1.85 -4.10
CA GLN A 17 8.97 2.58 -4.70
C GLN A 17 7.94 2.91 -3.65
N LYS A 18 7.02 3.84 -3.93
CA LYS A 18 6.10 4.33 -2.92
C LYS A 18 4.65 4.04 -3.31
N VAL A 19 3.79 3.71 -2.34
CA VAL A 19 2.41 3.24 -2.50
C VAL A 19 1.59 4.12 -1.59
N ASN A 20 0.40 4.53 -2.02
CA ASN A 20 -0.55 5.25 -1.19
C ASN A 20 -0.99 4.39 -0.02
N LEU A 21 -1.45 4.97 1.08
CA LEU A 21 -2.00 4.21 2.19
C LEU A 21 -3.31 4.88 2.57
N THR A 22 -4.44 4.41 2.02
CA THR A 22 -5.74 4.86 2.50
C THR A 22 -6.07 4.08 3.78
N VAL A 23 -5.69 4.57 4.95
CA VAL A 23 -5.92 3.84 6.21
C VAL A 23 -7.33 4.19 6.66
N ARG A 24 -8.31 3.29 6.45
CA ARG A 24 -9.69 3.51 6.86
C ARG A 24 -9.74 3.84 8.34
N LEU A 25 -10.26 5.01 8.74
CA LEU A 25 -10.48 5.37 10.11
C LEU A 25 -11.95 5.51 10.45
N GLY A 26 -12.84 5.23 9.49
CA GLY A 26 -14.28 5.39 9.66
C GLY A 26 -14.68 6.83 9.44
N ASP A 27 -15.98 7.06 9.25
CA ASP A 27 -16.58 8.36 8.92
C ASP A 27 -15.84 9.12 7.82
N THR A 28 -15.33 8.40 6.82
CA THR A 28 -14.58 8.99 5.70
C THR A 28 -13.31 9.72 6.19
N GLY A 29 -12.89 9.46 7.43
CA GLY A 29 -11.86 10.12 8.21
C GLY A 29 -10.46 9.64 7.92
N SER A 30 -10.37 8.68 7.02
CA SER A 30 -9.22 7.83 6.80
C SER A 30 -8.02 8.69 6.40
N PHE A 31 -6.84 8.20 6.76
CA PHE A 31 -5.59 8.90 6.62
C PHE A 31 -5.03 8.43 5.33
N ASP A 32 -5.13 9.27 4.30
CA ASP A 32 -4.46 8.93 3.05
C ASP A 32 -3.08 9.52 3.25
N GLY A 33 -2.14 8.61 3.41
CA GLY A 33 -0.73 8.92 3.59
C GLY A 33 0.08 8.39 2.41
N THR A 34 1.31 8.88 2.31
CA THR A 34 2.30 8.53 1.32
C THR A 34 3.31 7.72 2.13
N ALA A 35 3.84 6.62 1.59
CA ALA A 35 4.94 5.95 2.24
C ALA A 35 5.77 5.28 1.14
N ALA A 36 7.08 5.09 1.35
CA ALA A 36 7.96 4.38 0.45
C ALA A 36 8.14 2.98 1.01
N ILE A 37 8.33 2.00 0.12
CA ILE A 37 8.77 0.66 0.42
C ILE A 37 10.26 0.68 0.80
N THR A 38 10.71 -0.37 1.47
CA THR A 38 12.09 -0.65 1.88
C THR A 38 12.48 -2.10 1.57
N SER A 39 11.52 -3.02 1.63
CA SER A 39 11.70 -4.44 1.38
C SER A 39 10.35 -4.97 0.86
N LEU A 40 10.34 -5.91 -0.09
CA LEU A 40 9.13 -6.54 -0.64
C LEU A 40 9.36 -8.04 -0.89
N LYS A 41 8.66 -8.89 -0.15
CA LYS A 41 8.73 -10.36 -0.31
C LYS A 41 7.45 -10.94 -0.91
N GLY A 42 6.76 -10.21 -1.79
CA GLY A 42 5.64 -10.72 -2.59
C GLY A 42 4.37 -10.02 -2.17
N SER A 43 3.41 -10.73 -1.58
CA SER A 43 2.24 -10.18 -0.90
C SER A 43 2.62 -9.42 0.36
N LEU A 44 3.84 -8.94 0.50
CA LEU A 44 4.31 -8.30 1.71
C LEU A 44 5.33 -7.28 1.29
N ALA A 45 5.13 -6.04 1.73
CA ALA A 45 6.13 -4.99 1.68
C ALA A 45 6.30 -4.43 3.09
N TRP A 46 7.38 -3.70 3.32
CA TRP A 46 7.67 -2.92 4.51
C TRP A 46 7.97 -1.50 4.08
N LEU A 47 7.57 -0.56 4.93
CA LEU A 47 7.31 0.80 4.55
C LEU A 47 7.85 1.77 5.59
N GLU A 48 8.03 3.04 5.21
CA GLU A 48 8.66 4.02 6.07
C GLU A 48 8.15 5.48 5.98
N LEU A 49 6.85 5.70 5.78
CA LEU A 49 6.27 7.06 5.59
C LEU A 49 6.94 7.86 4.45
N PHE A 50 6.56 9.13 4.27
CA PHE A 50 7.17 10.00 3.29
C PHE A 50 7.81 11.23 3.94
N GLY A 51 7.08 11.91 4.81
CA GLY A 51 7.50 13.11 5.51
C GLY A 51 7.13 13.05 6.99
N ALA A 52 7.23 14.18 7.68
CA ALA A 52 6.70 14.39 9.03
C ALA A 52 5.17 14.26 9.10
N GLU A 53 4.49 14.22 7.96
CA GLU A 53 3.07 13.91 7.82
C GLU A 53 2.84 12.47 8.28
N GLN A 54 2.29 12.32 9.48
CA GLN A 54 2.09 11.02 10.11
C GLN A 54 0.69 10.96 10.72
N PRO A 55 0.07 9.76 10.76
CA PRO A 55 -1.32 9.61 11.16
C PRO A 55 -1.52 9.93 12.63
N PRO A 56 -2.77 10.13 13.07
CA PRO A 56 -3.08 10.27 14.47
C PRO A 56 -2.66 9.00 15.25
N PRO A 57 -2.49 9.12 16.59
CA PRO A 57 -2.12 8.00 17.43
C PRO A 57 -3.36 7.20 17.84
N ASN A 58 -3.17 5.94 18.27
CA ASN A 58 -4.24 4.97 18.55
C ASN A 58 -5.14 4.76 17.32
N THR A 59 -4.57 4.80 16.13
CA THR A 59 -5.34 4.77 14.89
C THR A 59 -4.77 3.73 13.94
N LEU A 60 -3.44 3.60 13.87
CA LEU A 60 -2.82 2.51 13.15
C LEU A 60 -2.98 1.25 13.99
N SER A 61 -3.25 0.14 13.30
CA SER A 61 -3.22 -1.20 13.86
C SER A 61 -2.57 -2.15 12.88
N GLU A 62 -2.20 -3.33 13.36
CA GLU A 62 -1.53 -4.37 12.59
C GLU A 62 -2.44 -5.05 11.56
N GLY A 63 -3.71 -4.68 11.50
CA GLY A 63 -4.69 -5.22 10.57
C GLY A 63 -5.62 -4.12 10.09
N ALA A 64 -5.14 -2.87 10.07
CA ALA A 64 -5.81 -1.80 9.35
C ALA A 64 -5.95 -2.26 7.92
N GLU A 65 -7.14 -2.12 7.34
CA GLU A 65 -7.36 -2.25 5.92
C GLU A 65 -6.83 -0.95 5.32
N VAL A 66 -5.80 -1.09 4.48
CA VAL A 66 -5.04 0.01 3.91
C VAL A 66 -4.94 -0.26 2.43
N SER A 67 -5.05 0.76 1.59
CA SER A 67 -5.30 0.55 0.17
C SER A 67 -4.21 1.26 -0.64
N VAL A 68 -3.40 0.48 -1.38
CA VAL A 68 -2.25 0.97 -2.12
C VAL A 68 -2.72 1.76 -3.34
N SER A 69 -1.86 2.58 -3.95
CA SER A 69 -1.87 2.92 -5.37
C SER A 69 -0.52 3.47 -5.83
N VAL A 70 -0.08 3.12 -7.04
CA VAL A 70 1.10 3.66 -7.71
C VAL A 70 0.86 3.69 -9.22
N TRP A 71 1.62 4.54 -9.88
CA TRP A 71 1.74 4.62 -11.32
C TRP A 71 2.91 3.74 -11.73
N THR A 72 2.63 2.77 -12.57
CA THR A 72 3.55 1.79 -13.10
C THR A 72 3.03 1.40 -14.48
N GLY A 73 3.87 0.84 -15.34
CA GLY A 73 3.54 0.65 -16.75
C GLY A 73 2.93 1.94 -17.30
N GLY A 74 1.68 1.91 -17.75
CA GLY A 74 1.02 3.03 -18.41
C GLY A 74 -0.34 3.39 -17.81
N ALA A 75 -0.64 3.03 -16.56
CA ALA A 75 -1.94 3.28 -15.92
C ALA A 75 -1.76 3.36 -14.39
N LEU A 76 -2.82 3.74 -13.66
CA LEU A 76 -2.80 3.74 -12.21
C LEU A 76 -3.30 2.38 -11.74
N CYS A 77 -2.42 1.64 -11.08
CA CYS A 77 -2.78 0.39 -10.42
C CYS A 77 -3.07 0.69 -8.95
N ARG A 78 -3.96 -0.11 -8.36
CA ARG A 78 -4.45 0.04 -6.99
C ARG A 78 -4.94 -1.32 -6.55
N CYS A 79 -4.58 -1.68 -5.33
CA CYS A 79 -4.83 -2.98 -4.73
C CYS A 79 -5.13 -2.73 -3.26
N ASP A 80 -6.28 -3.19 -2.76
CA ASP A 80 -6.59 -3.10 -1.34
C ASP A 80 -5.66 -4.04 -0.57
N GLY A 81 -5.36 -3.75 0.68
CA GLY A 81 -4.38 -4.46 1.49
C GLY A 81 -4.73 -4.42 2.97
N ARG A 82 -3.84 -4.98 3.81
CA ARG A 82 -3.82 -4.74 5.25
C ARG A 82 -2.42 -4.34 5.67
N VAL A 83 -2.25 -3.93 6.93
CA VAL A 83 -0.94 -3.67 7.53
C VAL A 83 -0.12 -4.95 7.72
N GLU A 84 -0.75 -6.09 7.99
CA GLU A 84 -0.12 -7.36 8.35
C GLU A 84 0.57 -7.29 9.73
N THR A 85 1.63 -6.49 9.89
CA THR A 85 2.31 -6.23 11.15
C THR A 85 2.78 -4.77 11.14
N LEU A 86 2.43 -4.01 12.17
CA LEU A 86 2.91 -2.65 12.38
C LEU A 86 4.24 -2.70 13.16
N ARG A 87 5.01 -1.60 13.20
CA ARG A 87 6.24 -1.51 13.97
C ARG A 87 6.36 -0.17 14.71
N ASP A 88 6.07 0.95 14.07
CA ASP A 88 6.07 2.31 14.63
C ASP A 88 4.87 3.03 14.01
N ASP A 89 4.60 4.28 14.41
CA ASP A 89 3.62 5.13 13.69
C ASP A 89 4.06 5.46 12.27
N ARG A 90 5.29 5.07 11.88
CA ARG A 90 5.89 5.37 10.60
C ARG A 90 6.66 4.21 9.96
N GLN A 91 6.77 3.05 10.60
CA GLN A 91 7.33 1.86 9.99
C GLN A 91 6.34 0.74 10.19
N PHE A 92 6.08 -0.04 9.15
CA PHE A 92 5.11 -1.14 9.21
C PHE A 92 5.11 -1.88 7.88
N ALA A 93 4.50 -3.06 7.88
CA ALA A 93 4.36 -3.88 6.69
C ALA A 93 3.06 -3.54 5.95
N ILE A 94 2.80 -4.20 4.81
CA ILE A 94 1.48 -4.31 4.20
C ILE A 94 1.33 -5.66 3.49
N ARG A 95 0.20 -6.35 3.69
CA ARG A 95 -0.23 -7.48 2.85
C ARG A 95 -1.09 -6.95 1.72
N LEU A 96 -0.77 -7.28 0.48
CA LEU A 96 -1.60 -6.98 -0.70
C LEU A 96 -2.65 -8.09 -0.84
N VAL A 97 -3.93 -7.76 -1.02
CA VAL A 97 -5.02 -8.73 -1.12
C VAL A 97 -6.00 -8.34 -2.24
N GLY A 98 -6.93 -9.24 -2.57
CA GLY A 98 -8.04 -8.91 -3.45
C GLY A 98 -7.62 -8.65 -4.90
N ARG A 99 -6.38 -9.02 -5.25
CA ARG A 99 -5.63 -8.82 -6.48
C ARG A 99 -5.51 -7.34 -6.90
N VAL A 100 -4.58 -7.06 -7.80
CA VAL A 100 -4.34 -5.78 -8.47
C VAL A 100 -4.67 -5.89 -9.95
N ARG A 101 -5.49 -4.97 -10.44
CA ARG A 101 -5.76 -4.71 -11.84
C ARG A 101 -5.62 -3.19 -12.00
N GLU A 102 -5.46 -2.73 -13.24
CA GLU A 102 -5.53 -1.34 -13.62
C GLU A 102 -7.00 -0.96 -13.49
N LEU A 103 -7.38 -0.20 -12.47
CA LEU A 103 -8.76 0.29 -12.34
C LEU A 103 -8.94 1.68 -12.93
N GLN A 104 -7.86 2.42 -13.16
CA GLN A 104 -7.94 3.73 -13.78
C GLN A 104 -6.78 3.95 -14.73
N ARG A 105 -7.00 4.75 -15.75
CA ARG A 105 -6.06 5.08 -16.81
C ARG A 105 -5.93 6.59 -16.94
N ARG A 106 -5.09 7.01 -17.86
CA ARG A 106 -4.69 8.37 -18.12
C ARG A 106 -4.47 8.47 -19.63
N GLU A 107 -5.20 7.64 -20.40
CA GLU A 107 -5.16 7.62 -21.85
C GLU A 107 -6.33 8.51 -22.28
N TYR A 108 -6.07 9.81 -22.44
CA TYR A 108 -7.10 10.80 -22.77
C TYR A 108 -6.93 11.25 -24.22
N PHE A 109 -7.60 10.53 -25.14
CA PHE A 109 -7.63 10.79 -26.57
C PHE A 109 -9.07 10.65 -27.08
N GLY A 1 -12.87 -13.45 -3.94
CA GLY A 1 -13.45 -14.47 -4.82
C GLY A 1 -12.63 -15.74 -4.75
N MET A 2 -11.56 -15.84 -5.55
CA MET A 2 -10.56 -16.88 -5.36
C MET A 2 -9.83 -16.66 -4.03
N SER A 3 -9.13 -17.69 -3.55
CA SER A 3 -8.34 -17.69 -2.32
C SER A 3 -6.92 -18.23 -2.57
N ALA A 4 -6.57 -18.58 -3.81
CA ALA A 4 -5.28 -19.14 -4.19
C ALA A 4 -4.69 -18.33 -5.36
N ASP A 5 -4.79 -17.01 -5.26
CA ASP A 5 -3.98 -16.06 -6.01
C ASP A 5 -3.56 -14.94 -5.05
N GLY A 6 -2.51 -14.23 -5.46
CA GLY A 6 -1.99 -13.00 -4.90
C GLY A 6 -0.53 -12.93 -5.33
N SER A 7 -0.26 -12.79 -6.64
CA SER A 7 1.10 -12.95 -7.15
C SER A 7 1.54 -11.80 -8.07
N GLU A 8 0.63 -11.12 -8.79
CA GLU A 8 1.04 -10.07 -9.74
C GLU A 8 1.56 -8.78 -9.08
N TYR A 9 1.51 -8.63 -7.75
CA TYR A 9 1.86 -7.37 -7.07
C TYR A 9 3.28 -6.94 -7.42
N GLY A 10 4.23 -7.86 -7.32
CA GLY A 10 5.64 -7.57 -7.52
C GLY A 10 5.98 -7.18 -8.95
N ARG A 11 5.09 -7.45 -9.92
CA ARG A 11 5.31 -6.99 -11.27
C ARG A 11 5.14 -5.48 -11.38
N TYR A 12 4.44 -4.86 -10.44
CA TYR A 12 4.11 -3.46 -10.49
C TYR A 12 4.86 -2.72 -9.39
N PHE A 13 4.76 -3.21 -8.14
CA PHE A 13 5.37 -2.56 -7.00
C PHE A 13 6.87 -2.89 -6.97
N GLU A 14 7.67 -2.12 -6.24
CA GLU A 14 9.11 -2.39 -6.15
C GLU A 14 9.67 -2.05 -4.78
N GLN A 15 10.85 -2.59 -4.44
CA GLN A 15 11.45 -2.49 -3.11
C GLN A 15 11.73 -1.05 -2.64
N LEU A 16 11.85 -0.13 -3.57
CA LEU A 16 12.17 1.27 -3.32
C LEU A 16 11.12 2.19 -3.92
N GLN A 17 10.00 1.65 -4.42
CA GLN A 17 8.94 2.46 -4.98
C GLN A 17 8.33 3.36 -3.88
N LYS A 18 7.42 4.23 -4.28
CA LYS A 18 6.54 4.96 -3.37
C LYS A 18 5.10 4.56 -3.65
N VAL A 19 4.27 4.51 -2.61
CA VAL A 19 2.86 4.15 -2.68
C VAL A 19 2.04 5.07 -1.78
N ASN A 20 0.75 5.17 -2.10
CA ASN A 20 -0.26 5.95 -1.40
C ASN A 20 -1.00 5.04 -0.40
N LEU A 21 -1.34 5.52 0.80
CA LEU A 21 -1.71 4.70 1.96
C LEU A 21 -3.01 5.15 2.64
N THR A 22 -4.17 4.94 2.01
CA THR A 22 -5.45 5.19 2.65
C THR A 22 -5.57 4.28 3.88
N VAL A 23 -5.99 4.81 5.03
CA VAL A 23 -6.45 4.00 6.17
C VAL A 23 -7.84 4.50 6.58
N ARG A 24 -8.90 3.67 6.57
CA ARG A 24 -10.20 4.11 7.08
C ARG A 24 -10.07 4.45 8.55
N LEU A 25 -10.67 5.55 8.98
CA LEU A 25 -10.81 5.95 10.37
C LEU A 25 -12.22 6.48 10.46
N GLY A 26 -13.16 5.69 10.97
CA GLY A 26 -14.55 6.13 11.09
C GLY A 26 -15.21 6.31 9.73
N ASP A 27 -14.76 5.54 8.73
CA ASP A 27 -15.28 5.41 7.37
C ASP A 27 -15.36 6.72 6.57
N THR A 28 -14.86 7.82 7.14
CA THR A 28 -14.92 9.17 6.59
C THR A 28 -13.69 9.97 7.03
N GLY A 29 -13.27 9.78 8.29
CA GLY A 29 -12.11 10.41 8.91
C GLY A 29 -10.77 9.92 8.39
N SER A 30 -10.79 9.13 7.33
CA SER A 30 -9.73 8.25 6.89
C SER A 30 -8.44 9.01 6.63
N PHE A 31 -7.34 8.43 7.07
CA PHE A 31 -6.02 9.00 6.89
C PHE A 31 -5.59 8.66 5.47
N ASP A 32 -4.71 9.45 4.89
CA ASP A 32 -3.85 9.05 3.79
C ASP A 32 -2.47 9.64 4.05
N GLY A 33 -1.43 8.88 3.73
CA GLY A 33 -0.07 9.39 3.61
C GLY A 33 0.61 8.65 2.47
N THR A 34 1.81 9.06 2.14
CA THR A 34 2.68 8.38 1.19
C THR A 34 3.69 7.56 1.99
N ALA A 35 4.38 6.61 1.38
CA ALA A 35 5.60 6.06 1.95
C ALA A 35 6.56 5.64 0.85
N ALA A 36 7.84 5.53 1.21
CA ALA A 36 8.78 4.72 0.45
C ALA A 36 8.60 3.27 0.90
N ILE A 37 8.80 2.35 -0.03
CA ILE A 37 8.97 0.92 0.25
C ILE A 37 10.43 0.75 0.72
N THR A 38 10.64 -0.34 1.45
CA THR A 38 11.92 -0.74 2.01
C THR A 38 12.24 -2.21 1.69
N SER A 39 11.22 -3.08 1.61
CA SER A 39 11.30 -4.47 1.15
C SER A 39 9.95 -4.87 0.56
N LEU A 40 9.91 -5.86 -0.35
CA LEU A 40 8.69 -6.37 -0.99
C LEU A 40 8.87 -7.86 -1.27
N LYS A 41 8.12 -8.71 -0.59
CA LYS A 41 8.27 -10.15 -0.60
C LYS A 41 6.88 -10.74 -0.79
N GLY A 42 6.53 -11.02 -2.04
CA GLY A 42 5.18 -11.43 -2.42
C GLY A 42 4.13 -10.46 -1.89
N SER A 43 3.08 -10.98 -1.25
CA SER A 43 2.03 -10.23 -0.56
C SER A 43 2.54 -9.68 0.78
N LEU A 44 3.75 -9.13 0.80
CA LEU A 44 4.25 -8.42 1.98
C LEU A 44 5.24 -7.33 1.59
N ALA A 45 4.86 -6.07 1.69
CA ALA A 45 5.83 -4.98 1.65
C ALA A 45 6.12 -4.52 3.07
N TRP A 46 7.19 -3.76 3.21
CA TRP A 46 7.50 -2.94 4.36
C TRP A 46 7.77 -1.52 3.88
N LEU A 47 7.43 -0.56 4.73
CA LEU A 47 7.29 0.85 4.42
C LEU A 47 7.96 1.68 5.52
N GLU A 48 8.06 2.99 5.31
CA GLU A 48 8.69 3.91 6.25
C GLU A 48 8.14 5.34 6.22
N LEU A 49 6.88 5.52 5.83
CA LEU A 49 6.21 6.81 5.61
C LEU A 49 6.99 7.73 4.67
N PHE A 50 6.49 8.95 4.52
CA PHE A 50 7.11 10.04 3.79
C PHE A 50 7.07 11.25 4.69
N GLY A 51 8.22 11.89 4.90
CA GLY A 51 8.29 13.18 5.55
C GLY A 51 7.58 13.21 6.89
N ALA A 52 6.78 14.25 7.09
CA ALA A 52 6.14 14.58 8.35
C ALA A 52 4.62 14.42 8.28
N GLU A 53 4.07 13.93 7.17
CA GLU A 53 2.64 13.65 6.96
C GLU A 53 2.27 12.32 7.64
N GLN A 54 2.58 12.19 8.93
CA GLN A 54 2.25 10.99 9.70
C GLN A 54 0.85 11.09 10.31
N PRO A 55 0.19 9.96 10.63
CA PRO A 55 -1.13 9.96 11.24
C PRO A 55 -1.12 10.50 12.68
N PRO A 56 -2.31 10.63 13.30
CA PRO A 56 -2.38 10.73 14.76
C PRO A 56 -1.78 9.47 15.41
N PRO A 57 -1.29 9.58 16.66
CA PRO A 57 -0.78 8.46 17.43
C PRO A 57 -1.92 7.48 17.73
N ASN A 58 -1.60 6.33 18.35
CA ASN A 58 -2.55 5.32 18.87
C ASN A 58 -3.62 4.80 17.88
N THR A 59 -3.56 5.21 16.61
CA THR A 59 -4.68 5.10 15.67
C THR A 59 -4.38 4.04 14.59
N LEU A 60 -3.12 3.83 14.20
CA LEU A 60 -2.70 2.71 13.37
C LEU A 60 -2.80 1.40 14.17
N SER A 61 -3.28 0.32 13.52
CA SER A 61 -3.42 -1.00 14.11
C SER A 61 -3.04 -2.07 13.08
N GLU A 62 -2.65 -3.27 13.55
CA GLU A 62 -2.03 -4.29 12.69
C GLU A 62 -2.97 -4.97 11.68
N GLY A 63 -4.25 -4.63 11.67
CA GLY A 63 -5.27 -5.17 10.79
C GLY A 63 -6.11 -4.05 10.15
N ALA A 64 -5.61 -2.81 10.16
CA ALA A 64 -6.28 -1.69 9.50
C ALA A 64 -6.33 -2.01 8.00
N GLU A 65 -7.43 -1.69 7.31
CA GLU A 65 -7.71 -2.25 6.00
C GLU A 65 -7.35 -1.28 4.88
N VAL A 66 -6.06 -1.01 4.83
CA VAL A 66 -5.44 -0.01 4.00
C VAL A 66 -5.52 -0.36 2.50
N SER A 67 -5.32 0.63 1.63
CA SER A 67 -5.22 0.46 0.19
C SER A 67 -3.80 0.75 -0.28
N VAL A 68 -3.47 0.44 -1.52
CA VAL A 68 -2.25 0.85 -2.22
C VAL A 68 -2.61 1.36 -3.59
N SER A 69 -2.22 2.60 -3.89
CA SER A 69 -2.15 3.07 -5.25
C SER A 69 -0.74 3.52 -5.60
N VAL A 70 -0.34 3.23 -6.83
CA VAL A 70 0.78 3.82 -7.55
C VAL A 70 0.42 3.73 -9.04
N TRP A 71 0.86 4.72 -9.82
CA TRP A 71 0.91 4.65 -11.27
C TRP A 71 2.26 4.03 -11.63
N THR A 72 2.30 3.21 -12.67
CA THR A 72 3.54 2.74 -13.27
C THR A 72 3.36 2.79 -14.80
N GLY A 73 4.40 2.53 -15.58
CA GLY A 73 4.41 2.39 -17.04
C GLY A 73 3.57 3.47 -17.73
N GLY A 74 2.34 3.09 -18.08
CA GLY A 74 1.30 3.95 -18.63
C GLY A 74 -0.08 3.63 -18.05
N ALA A 75 -0.18 3.00 -16.86
CA ALA A 75 -1.46 2.69 -16.24
C ALA A 75 -1.45 2.75 -14.71
N LEU A 76 -2.63 2.58 -14.11
CA LEU A 76 -2.88 2.73 -12.69
C LEU A 76 -3.29 1.41 -12.07
N CYS A 77 -2.53 1.01 -11.07
CA CYS A 77 -2.55 -0.33 -10.47
C CYS A 77 -2.88 -0.23 -9.00
N ARG A 78 -4.18 -0.10 -8.72
CA ARG A 78 -4.65 0.13 -7.34
C ARG A 78 -5.12 -1.20 -6.76
N CYS A 79 -4.63 -1.58 -5.59
CA CYS A 79 -5.08 -2.78 -4.89
C CYS A 79 -5.47 -2.44 -3.45
N ASP A 80 -6.04 -3.43 -2.77
CA ASP A 80 -6.42 -3.39 -1.37
C ASP A 80 -5.47 -4.28 -0.57
N GLY A 81 -5.40 -4.07 0.74
CA GLY A 81 -4.56 -4.84 1.64
C GLY A 81 -4.95 -4.60 3.10
N ARG A 82 -4.13 -5.07 4.04
CA ARG A 82 -4.23 -4.84 5.49
C ARG A 82 -2.83 -4.72 6.09
N VAL A 83 -2.69 -4.14 7.28
CA VAL A 83 -1.41 -3.75 7.86
C VAL A 83 -0.44 -4.93 8.14
N GLU A 84 -0.91 -6.13 8.47
CA GLU A 84 -0.12 -7.32 8.80
C GLU A 84 0.62 -7.25 10.15
N THR A 85 1.60 -6.37 10.30
CA THR A 85 2.53 -6.31 11.45
C THR A 85 3.07 -4.88 11.56
N LEU A 86 2.49 -4.05 12.43
CA LEU A 86 2.91 -2.67 12.60
C LEU A 86 4.17 -2.64 13.48
N ARG A 87 5.01 -1.63 13.31
CA ARG A 87 6.26 -1.49 14.03
C ARG A 87 6.27 -0.14 14.75
N ASP A 88 6.15 0.95 14.02
CA ASP A 88 6.12 2.31 14.58
C ASP A 88 4.86 3.00 14.04
N ASP A 89 4.70 4.30 14.31
CA ASP A 89 3.71 5.14 13.63
C ASP A 89 4.08 5.38 12.17
N ARG A 90 5.28 4.97 11.74
CA ARG A 90 5.85 5.32 10.44
C ARG A 90 6.40 4.12 9.70
N GLN A 91 7.15 3.22 10.35
CA GLN A 91 7.58 1.98 9.73
C GLN A 91 6.54 0.92 10.02
N PHE A 92 6.13 0.15 9.01
CA PHE A 92 5.20 -0.95 9.18
C PHE A 92 5.18 -1.80 7.92
N ALA A 93 4.64 -3.01 8.03
CA ALA A 93 4.38 -3.92 6.92
C ALA A 93 3.08 -3.55 6.20
N ILE A 94 2.76 -4.23 5.10
CA ILE A 94 1.40 -4.36 4.58
C ILE A 94 1.27 -5.70 3.85
N ARG A 95 0.08 -6.32 3.87
CA ARG A 95 -0.33 -7.55 3.20
C ARG A 95 -1.37 -7.18 2.16
N LEU A 96 -1.11 -7.35 0.88
CA LEU A 96 -2.14 -7.15 -0.14
C LEU A 96 -3.08 -8.34 -0.12
N VAL A 97 -4.35 -8.09 -0.43
CA VAL A 97 -5.36 -9.12 -0.52
C VAL A 97 -6.22 -8.89 -1.75
N GLY A 98 -6.67 -9.98 -2.34
CA GLY A 98 -7.26 -10.01 -3.64
C GLY A 98 -6.12 -9.81 -4.64
N ARG A 99 -6.42 -9.06 -5.69
CA ARG A 99 -5.63 -8.99 -6.91
C ARG A 99 -5.64 -7.56 -7.47
N VAL A 100 -4.49 -7.09 -7.93
CA VAL A 100 -4.30 -5.85 -8.66
C VAL A 100 -4.55 -6.02 -10.15
N ARG A 101 -5.37 -5.16 -10.72
CA ARG A 101 -5.61 -5.01 -12.14
C ARG A 101 -5.45 -3.53 -12.48
N GLU A 102 -5.17 -3.21 -13.73
CA GLU A 102 -5.16 -1.83 -14.20
C GLU A 102 -6.59 -1.30 -14.16
N LEU A 103 -6.97 -0.58 -13.11
CA LEU A 103 -8.32 -0.02 -13.00
C LEU A 103 -8.46 1.26 -13.83
N GLN A 104 -7.35 1.79 -14.35
CA GLN A 104 -7.27 2.93 -15.26
C GLN A 104 -5.98 2.81 -16.06
N ARG A 105 -5.94 3.44 -17.23
CA ARG A 105 -4.72 3.68 -18.01
C ARG A 105 -4.47 5.18 -18.05
N ARG A 106 -3.40 5.62 -18.70
CA ARG A 106 -3.12 7.02 -18.95
C ARG A 106 -2.79 7.15 -20.42
N GLU A 107 -3.44 8.08 -21.12
CA GLU A 107 -2.99 8.52 -22.43
C GLU A 107 -1.70 9.31 -22.20
N TYR A 108 -0.58 8.60 -22.25
CA TYR A 108 0.77 9.19 -22.26
C TYR A 108 1.40 9.27 -23.66
N PHE A 109 0.68 8.72 -24.64
CA PHE A 109 1.07 8.53 -26.03
C PHE A 109 2.32 7.65 -26.10
N GLY A 1 3.76 -17.87 -9.61
CA GLY A 1 2.97 -18.16 -8.40
C GLY A 1 1.51 -17.88 -8.66
N MET A 2 0.73 -18.93 -8.92
CA MET A 2 -0.70 -18.86 -9.12
C MET A 2 -1.23 -20.15 -8.52
N SER A 3 -1.08 -20.25 -7.20
CA SER A 3 -1.01 -21.51 -6.51
C SER A 3 -1.15 -21.23 -5.02
N ALA A 4 -0.10 -20.68 -4.40
CA ALA A 4 -0.07 -20.32 -2.99
C ALA A 4 0.52 -18.93 -2.82
N ASP A 5 0.19 -18.30 -1.70
CA ASP A 5 0.40 -16.88 -1.41
C ASP A 5 0.01 -15.96 -2.59
N GLY A 6 0.51 -14.73 -2.68
CA GLY A 6 0.05 -13.72 -3.63
C GLY A 6 1.15 -13.27 -4.58
N SER A 7 0.77 -13.04 -5.83
CA SER A 7 1.64 -12.77 -6.98
C SER A 7 0.93 -11.76 -7.88
N GLU A 8 1.61 -11.32 -8.95
CA GLU A 8 1.16 -10.31 -9.90
C GLU A 8 1.21 -8.91 -9.26
N TYR A 9 1.95 -8.78 -8.16
CA TYR A 9 2.17 -7.54 -7.43
C TYR A 9 3.60 -7.04 -7.70
N GLY A 10 4.61 -7.90 -7.61
CA GLY A 10 6.03 -7.57 -7.79
C GLY A 10 6.39 -7.29 -9.25
N ARG A 11 5.39 -7.15 -10.11
CA ARG A 11 5.47 -6.59 -11.46
C ARG A 11 5.22 -5.09 -11.48
N TYR A 12 4.68 -4.51 -10.41
CA TYR A 12 4.34 -3.11 -10.30
C TYR A 12 5.05 -2.44 -9.15
N PHE A 13 5.18 -3.13 -8.03
CA PHE A 13 5.90 -2.62 -6.87
C PHE A 13 7.33 -3.12 -6.96
N GLU A 14 8.23 -2.36 -6.33
CA GLU A 14 9.66 -2.53 -6.33
C GLU A 14 10.09 -2.13 -4.92
N GLN A 15 11.24 -2.65 -4.51
CA GLN A 15 11.77 -2.57 -3.15
C GLN A 15 11.95 -1.13 -2.65
N LEU A 16 12.05 -0.15 -3.53
CA LEU A 16 12.26 1.26 -3.17
C LEU A 16 11.15 2.15 -3.77
N GLN A 17 10.12 1.58 -4.39
CA GLN A 17 9.04 2.36 -4.97
C GLN A 17 8.15 2.94 -3.88
N LYS A 18 7.26 3.85 -4.26
CA LYS A 18 6.27 4.43 -3.35
C LYS A 18 4.93 3.74 -3.56
N VAL A 19 4.10 3.73 -2.52
CA VAL A 19 2.71 3.25 -2.52
C VAL A 19 1.90 4.29 -1.74
N ASN A 20 0.64 4.44 -2.12
CA ASN A 20 -0.32 5.27 -1.41
C ASN A 20 -0.79 4.59 -0.11
N LEU A 21 -1.38 5.34 0.84
CA LEU A 21 -1.55 4.91 2.23
C LEU A 21 -2.95 5.18 2.77
N THR A 22 -3.99 4.92 1.98
CA THR A 22 -5.36 5.17 2.42
C THR A 22 -5.72 4.22 3.57
N VAL A 23 -5.68 4.68 4.81
CA VAL A 23 -6.07 3.90 5.99
C VAL A 23 -7.53 4.23 6.31
N ARG A 24 -8.48 3.29 6.18
CA ARG A 24 -9.83 3.43 6.72
C ARG A 24 -9.75 3.66 8.23
N LEU A 25 -10.01 4.88 8.68
CA LEU A 25 -10.17 5.27 10.07
C LEU A 25 -11.63 5.09 10.44
N GLY A 26 -12.13 3.87 10.36
CA GLY A 26 -13.46 3.59 10.87
C GLY A 26 -14.50 4.29 10.00
N ASP A 27 -14.52 3.96 8.71
CA ASP A 27 -15.61 4.18 7.76
C ASP A 27 -15.73 5.64 7.32
N THR A 28 -16.19 6.51 8.21
CA THR A 28 -16.48 7.91 7.94
C THR A 28 -15.22 8.70 7.56
N GLY A 29 -14.04 8.22 7.99
CA GLY A 29 -12.79 8.94 7.88
C GLY A 29 -11.67 7.99 7.51
N SER A 30 -10.52 8.59 7.27
CA SER A 30 -9.29 7.90 6.95
C SER A 30 -8.12 8.88 7.02
N PHE A 31 -6.93 8.33 6.90
CA PHE A 31 -5.72 9.07 6.61
C PHE A 31 -5.29 8.68 5.21
N ASP A 32 -4.67 9.60 4.47
CA ASP A 32 -3.96 9.30 3.23
C ASP A 32 -2.59 9.96 3.23
N GLY A 33 -1.60 9.25 2.70
CA GLY A 33 -0.19 9.63 2.69
C GLY A 33 0.59 8.80 1.68
N THR A 34 1.91 8.88 1.73
CA THR A 34 2.83 8.11 0.91
C THR A 34 3.85 7.45 1.85
N ALA A 35 4.35 6.27 1.50
CA ALA A 35 5.57 5.73 2.09
C ALA A 35 6.47 5.20 0.99
N ALA A 36 7.75 5.02 1.30
CA ALA A 36 8.64 4.26 0.44
C ALA A 36 8.59 2.82 0.92
N ILE A 37 8.67 1.88 -0.03
CA ILE A 37 8.99 0.48 0.23
C ILE A 37 10.44 0.44 0.71
N THR A 38 10.76 -0.59 1.49
CA THR A 38 12.07 -0.85 2.04
C THR A 38 12.49 -2.30 1.79
N SER A 39 11.52 -3.21 1.93
CA SER A 39 11.60 -4.62 1.61
C SER A 39 10.26 -5.03 1.01
N LEU A 40 10.30 -6.07 0.19
CA LEU A 40 9.15 -6.61 -0.53
C LEU A 40 9.39 -8.11 -0.64
N LYS A 41 8.37 -8.92 -0.38
CA LYS A 41 8.37 -10.37 -0.53
C LYS A 41 6.94 -10.81 -0.76
N GLY A 42 6.56 -10.96 -2.02
CA GLY A 42 5.34 -11.63 -2.42
C GLY A 42 4.08 -10.80 -2.13
N SER A 43 3.26 -11.23 -1.16
CA SER A 43 2.12 -10.44 -0.67
C SER A 43 2.48 -9.76 0.65
N LEU A 44 3.72 -9.32 0.79
CA LEU A 44 4.23 -8.63 1.96
C LEU A 44 5.19 -7.57 1.43
N ALA A 45 5.07 -6.35 1.89
CA ALA A 45 6.10 -5.33 1.77
C ALA A 45 6.22 -4.62 3.10
N TRP A 46 7.31 -3.89 3.29
CA TRP A 46 7.60 -3.06 4.44
C TRP A 46 7.81 -1.64 3.96
N LEU A 47 7.42 -0.68 4.80
CA LEU A 47 7.20 0.71 4.46
C LEU A 47 7.72 1.61 5.57
N GLU A 48 8.04 2.87 5.27
CA GLU A 48 8.60 3.80 6.26
C GLU A 48 8.17 5.26 6.17
N LEU A 49 6.91 5.53 5.81
CA LEU A 49 6.40 6.87 5.50
C LEU A 49 7.30 7.61 4.49
N PHE A 50 7.04 8.89 4.30
CA PHE A 50 7.81 9.81 3.48
C PHE A 50 8.41 10.96 4.27
N GLY A 51 7.85 11.28 5.44
CA GLY A 51 8.14 12.50 6.16
C GLY A 51 7.10 13.57 5.89
N ALA A 52 7.40 14.77 6.37
CA ALA A 52 6.54 15.95 6.46
C ALA A 52 5.37 15.72 7.42
N GLU A 53 4.45 14.84 7.03
CA GLU A 53 3.10 14.66 7.56
C GLU A 53 2.87 13.18 7.92
N GLN A 54 1.89 12.87 8.77
CA GLN A 54 1.68 11.54 9.32
C GLN A 54 0.22 11.40 9.81
N PRO A 55 -0.27 10.16 10.03
CA PRO A 55 -1.56 9.95 10.66
C PRO A 55 -1.51 10.39 12.13
N PRO A 56 -2.67 10.49 12.82
CA PRO A 56 -2.67 10.58 14.26
C PRO A 56 -2.13 9.26 14.87
N PRO A 57 -1.59 9.30 16.10
CA PRO A 57 -1.34 8.11 16.89
C PRO A 57 -2.68 7.50 17.28
N ASN A 58 -2.67 6.33 17.93
CA ASN A 58 -3.90 5.72 18.49
C ASN A 58 -4.96 5.46 17.38
N THR A 59 -4.50 5.33 16.14
CA THR A 59 -5.31 5.34 14.94
C THR A 59 -4.85 4.25 13.96
N LEU A 60 -3.54 4.08 13.74
CA LEU A 60 -3.03 2.91 13.01
C LEU A 60 -3.19 1.65 13.88
N SER A 61 -3.66 0.56 13.28
CA SER A 61 -3.63 -0.78 13.89
C SER A 61 -3.10 -1.82 12.90
N GLU A 62 -2.71 -3.00 13.40
CA GLU A 62 -1.99 -4.04 12.64
C GLU A 62 -2.85 -4.79 11.62
N GLY A 63 -4.12 -4.44 11.51
CA GLY A 63 -5.09 -5.06 10.63
C GLY A 63 -5.77 -4.03 9.75
N ALA A 64 -5.29 -2.78 9.72
CA ALA A 64 -6.00 -1.71 9.06
C ALA A 64 -6.08 -2.07 7.59
N GLU A 65 -7.27 -2.04 6.99
CA GLU A 65 -7.50 -2.35 5.57
C GLU A 65 -7.01 -1.17 4.71
N VAL A 66 -5.69 -1.04 4.65
CA VAL A 66 -5.03 0.07 3.97
C VAL A 66 -4.94 -0.23 2.48
N SER A 67 -5.24 0.78 1.68
CA SER A 67 -5.44 0.66 0.26
C SER A 67 -4.22 1.24 -0.48
N VAL A 68 -3.50 0.43 -1.30
CA VAL A 68 -2.35 0.90 -2.04
C VAL A 68 -2.84 1.49 -3.36
N SER A 69 -2.03 2.40 -3.92
CA SER A 69 -1.99 2.69 -5.33
C SER A 69 -0.52 2.97 -5.69
N VAL A 70 -0.15 2.78 -6.95
CA VAL A 70 1.08 3.29 -7.52
C VAL A 70 0.83 3.52 -9.02
N TRP A 71 1.53 4.48 -9.59
CA TRP A 71 1.53 4.76 -11.01
C TRP A 71 2.78 4.12 -11.58
N THR A 72 2.62 3.19 -12.52
CA THR A 72 3.71 2.52 -13.18
C THR A 72 3.19 2.00 -14.53
N GLY A 73 4.07 1.78 -15.51
CA GLY A 73 3.71 1.13 -16.78
C GLY A 73 2.53 1.81 -17.48
N GLY A 74 2.50 3.15 -17.51
CA GLY A 74 1.44 3.93 -18.14
C GLY A 74 0.19 4.10 -17.26
N ALA A 75 -0.04 3.21 -16.29
CA ALA A 75 -1.36 2.98 -15.72
C ALA A 75 -1.40 3.27 -14.23
N LEU A 76 -2.61 3.41 -13.69
CA LEU A 76 -2.87 3.35 -12.27
C LEU A 76 -3.02 1.89 -11.91
N CYS A 77 -2.01 1.28 -11.33
CA CYS A 77 -2.16 0.01 -10.66
C CYS A 77 -2.54 0.33 -9.22
N ARG A 78 -3.67 -0.17 -8.74
CA ARG A 78 -3.90 -0.10 -7.30
C ARG A 78 -4.36 -1.46 -6.87
N CYS A 79 -4.20 -1.73 -5.58
CA CYS A 79 -4.60 -2.98 -4.99
C CYS A 79 -5.04 -2.80 -3.54
N ASP A 80 -6.07 -3.51 -3.10
CA ASP A 80 -6.53 -3.55 -1.71
C ASP A 80 -5.51 -4.32 -0.84
N GLY A 81 -5.38 -3.99 0.45
CA GLY A 81 -4.50 -4.73 1.36
C GLY A 81 -4.86 -4.52 2.84
N ARG A 82 -3.98 -4.93 3.76
CA ARG A 82 -3.99 -4.59 5.18
C ARG A 82 -2.57 -4.31 5.67
N VAL A 83 -2.38 -3.96 6.95
CA VAL A 83 -1.07 -3.74 7.57
C VAL A 83 -0.29 -5.06 7.84
N GLU A 84 -0.95 -6.07 8.38
CA GLU A 84 -0.38 -7.30 8.94
C GLU A 84 0.49 -7.11 10.19
N THR A 85 1.58 -6.34 10.12
CA THR A 85 2.42 -6.00 11.26
C THR A 85 2.66 -4.48 11.23
N LEU A 86 2.51 -3.80 12.37
CA LEU A 86 2.90 -2.40 12.51
C LEU A 86 4.21 -2.34 13.31
N ARG A 87 4.93 -1.22 13.25
CA ARG A 87 6.21 -1.10 13.95
C ARG A 87 6.42 0.26 14.62
N ASP A 88 5.98 1.34 14.01
CA ASP A 88 5.80 2.65 14.64
C ASP A 88 4.61 3.28 13.94
N ASP A 89 4.30 4.53 14.27
CA ASP A 89 3.32 5.34 13.54
C ASP A 89 3.82 5.72 12.14
N ARG A 90 5.01 5.25 11.75
CA ARG A 90 5.60 5.53 10.44
C ARG A 90 6.19 4.30 9.76
N GLN A 91 6.48 3.20 10.45
CA GLN A 91 7.04 2.01 9.83
C GLN A 91 6.08 0.88 10.10
N PHE A 92 5.85 0.04 9.08
CA PHE A 92 4.91 -1.06 9.15
C PHE A 92 5.02 -1.90 7.88
N ALA A 93 4.46 -3.11 7.93
CA ALA A 93 4.25 -3.96 6.79
C ALA A 93 2.95 -3.56 6.10
N ILE A 94 2.69 -4.16 4.93
CA ILE A 94 1.37 -4.37 4.39
C ILE A 94 1.30 -5.76 3.74
N ARG A 95 0.15 -6.42 3.86
CA ARG A 95 -0.23 -7.58 3.04
C ARG A 95 -1.17 -7.09 1.98
N LEU A 96 -0.90 -7.46 0.73
CA LEU A 96 -1.77 -7.22 -0.40
C LEU A 96 -2.74 -8.39 -0.47
N VAL A 97 -4.03 -8.14 -0.66
CA VAL A 97 -5.03 -9.19 -0.68
C VAL A 97 -5.99 -8.96 -1.84
N GLY A 98 -6.65 -10.03 -2.27
CA GLY A 98 -7.35 -10.07 -3.52
C GLY A 98 -6.32 -9.90 -4.64
N ARG A 99 -6.35 -8.74 -5.28
CA ARG A 99 -5.62 -8.42 -6.50
C ARG A 99 -5.46 -6.91 -6.70
N VAL A 100 -4.56 -6.61 -7.63
CA VAL A 100 -4.38 -5.45 -8.50
C VAL A 100 -4.98 -5.72 -9.87
N ARG A 101 -5.47 -4.64 -10.48
CA ARG A 101 -5.75 -4.48 -11.90
C ARG A 101 -5.26 -3.08 -12.31
N GLU A 102 -5.25 -2.77 -13.60
CA GLU A 102 -5.20 -1.38 -14.03
C GLU A 102 -6.57 -0.76 -13.73
N LEU A 103 -6.56 0.44 -13.17
CA LEU A 103 -7.75 1.23 -12.93
C LEU A 103 -7.51 2.66 -13.42
N GLN A 104 -7.55 2.85 -14.74
CA GLN A 104 -7.22 4.02 -15.56
C GLN A 104 -5.71 4.24 -15.73
N ARG A 105 -5.34 5.22 -16.57
CA ARG A 105 -3.98 5.58 -16.96
C ARG A 105 -3.80 7.09 -16.97
N ARG A 106 -2.56 7.58 -16.97
CA ARG A 106 -2.27 9.01 -16.97
C ARG A 106 -1.91 9.52 -18.37
N GLU A 107 -1.68 8.61 -19.30
CA GLU A 107 -1.26 8.89 -20.66
C GLU A 107 -2.54 9.10 -21.46
N TYR A 108 -2.85 10.37 -21.63
CA TYR A 108 -3.89 10.89 -22.51
C TYR A 108 -3.17 11.49 -23.70
N PHE A 109 -2.96 10.68 -24.74
CA PHE A 109 -2.09 11.00 -25.87
C PHE A 109 -0.66 11.29 -25.36
N GLY A 1 -4.67 -17.20 -13.54
CA GLY A 1 -5.15 -18.13 -12.51
C GLY A 1 -5.99 -17.37 -11.51
N MET A 2 -6.88 -18.08 -10.83
CA MET A 2 -7.60 -17.60 -9.66
C MET A 2 -7.73 -18.82 -8.75
N SER A 3 -6.93 -18.82 -7.68
CA SER A 3 -6.67 -19.97 -6.83
C SER A 3 -5.97 -19.52 -5.51
N ALA A 4 -6.28 -18.29 -5.07
CA ALA A 4 -5.71 -17.54 -3.95
C ALA A 4 -4.26 -17.08 -4.14
N ASP A 5 -3.49 -17.74 -5.00
CA ASP A 5 -2.11 -17.41 -5.33
C ASP A 5 -2.01 -16.09 -6.12
N GLY A 6 -0.79 -15.58 -6.33
CA GLY A 6 -0.57 -14.36 -7.06
C GLY A 6 0.82 -14.27 -7.65
N SER A 7 1.74 -13.62 -6.93
CA SER A 7 3.13 -13.44 -7.35
C SER A 7 3.24 -12.58 -8.64
N GLU A 8 2.29 -11.70 -8.90
CA GLU A 8 2.40 -10.67 -9.95
C GLU A 8 2.60 -9.27 -9.36
N TYR A 9 2.44 -9.13 -8.04
CA TYR A 9 2.39 -7.82 -7.41
C TYR A 9 3.71 -7.08 -7.61
N GLY A 10 4.82 -7.80 -7.56
CA GLY A 10 6.14 -7.24 -7.76
C GLY A 10 6.47 -6.88 -9.21
N ARG A 11 5.53 -7.07 -10.14
CA ARG A 11 5.61 -6.52 -11.48
C ARG A 11 5.10 -5.08 -11.50
N TYR A 12 4.36 -4.65 -10.47
CA TYR A 12 3.65 -3.38 -10.38
C TYR A 12 4.24 -2.53 -9.24
N PHE A 13 4.46 -3.14 -8.07
CA PHE A 13 5.18 -2.54 -6.96
C PHE A 13 6.65 -2.91 -7.09
N GLU A 14 7.50 -2.26 -6.31
CA GLU A 14 8.90 -2.62 -6.15
C GLU A 14 9.36 -2.27 -4.73
N GLN A 15 10.55 -2.73 -4.38
CA GLN A 15 11.07 -2.71 -3.01
C GLN A 15 11.44 -1.34 -2.50
N LEU A 16 11.69 -0.38 -3.37
CA LEU A 16 12.03 0.99 -3.00
C LEU A 16 11.05 1.96 -3.70
N GLN A 17 9.96 1.41 -4.24
CA GLN A 17 8.90 2.13 -4.95
C GLN A 17 8.02 2.90 -3.96
N LYS A 18 6.96 3.56 -4.43
CA LYS A 18 6.06 4.34 -3.59
C LYS A 18 4.66 3.77 -3.62
N VAL A 19 3.90 3.99 -2.55
CA VAL A 19 2.49 3.61 -2.44
C VAL A 19 1.77 4.66 -1.60
N ASN A 20 0.51 4.93 -1.95
CA ASN A 20 -0.45 5.70 -1.16
C ASN A 20 -0.80 4.93 0.12
N LEU A 21 -1.28 5.63 1.15
CA LEU A 21 -1.54 5.09 2.48
C LEU A 21 -2.94 5.48 2.92
N THR A 22 -3.95 5.15 2.14
CA THR A 22 -5.33 5.33 2.58
C THR A 22 -5.57 4.33 3.71
N VAL A 23 -6.10 4.78 4.85
CA VAL A 23 -6.47 3.91 5.97
C VAL A 23 -7.91 4.29 6.31
N ARG A 24 -8.85 3.34 6.45
CA ARG A 24 -10.18 3.67 6.95
C ARG A 24 -10.09 3.99 8.43
N LEU A 25 -10.36 5.22 8.83
CA LEU A 25 -10.63 5.55 10.21
C LEU A 25 -12.10 5.92 10.30
N GLY A 26 -12.96 4.91 10.32
CA GLY A 26 -14.39 5.11 10.38
C GLY A 26 -14.91 5.69 9.06
N ASP A 27 -15.98 6.49 9.13
CA ASP A 27 -16.80 6.85 7.97
C ASP A 27 -16.59 8.31 7.56
N THR A 28 -15.95 9.12 8.41
CA THR A 28 -15.84 10.57 8.27
C THR A 28 -14.41 11.05 8.52
N GLY A 29 -13.46 10.11 8.67
CA GLY A 29 -12.07 10.41 8.92
C GLY A 29 -11.31 9.91 7.74
N SER A 30 -10.79 8.71 7.96
CA SER A 30 -9.67 8.15 7.27
C SER A 30 -8.46 9.08 7.24
N PHE A 31 -7.37 8.49 6.80
CA PHE A 31 -6.09 9.13 6.61
C PHE A 31 -5.67 8.69 5.22
N ASP A 32 -4.97 9.54 4.51
CA ASP A 32 -4.30 9.21 3.28
C ASP A 32 -2.94 9.90 3.31
N GLY A 33 -1.92 9.10 3.01
CA GLY A 33 -0.51 9.48 3.09
C GLY A 33 0.31 8.82 1.99
N THR A 34 1.64 8.91 2.08
CA THR A 34 2.58 8.32 1.13
C THR A 34 3.69 7.64 1.92
N ALA A 35 4.18 6.49 1.45
CA ALA A 35 5.43 5.92 1.93
C ALA A 35 6.26 5.46 0.74
N ALA A 36 7.57 5.43 0.94
CA ALA A 36 8.45 4.58 0.17
C ALA A 36 8.31 3.18 0.75
N ILE A 37 8.28 2.17 -0.13
CA ILE A 37 8.56 0.80 0.20
C ILE A 37 10.05 0.72 0.53
N THR A 38 10.44 -0.33 1.27
CA THR A 38 11.79 -0.59 1.73
C THR A 38 12.18 -2.06 1.56
N SER A 39 11.21 -2.94 1.40
CA SER A 39 11.38 -4.33 1.01
C SER A 39 10.04 -4.77 0.42
N LEU A 40 10.06 -5.68 -0.55
CA LEU A 40 8.86 -6.23 -1.17
C LEU A 40 9.12 -7.70 -1.48
N LYS A 41 8.29 -8.57 -0.95
CA LYS A 41 8.40 -10.02 -0.98
C LYS A 41 7.02 -10.60 -1.32
N GLY A 42 6.60 -10.48 -2.58
CA GLY A 42 5.30 -11.01 -3.01
C GLY A 42 4.17 -10.28 -2.30
N SER A 43 3.28 -10.99 -1.60
CA SER A 43 2.14 -10.42 -0.88
C SER A 43 2.55 -9.77 0.44
N LEU A 44 3.74 -9.16 0.50
CA LEU A 44 4.20 -8.46 1.68
C LEU A 44 5.14 -7.37 1.22
N ALA A 45 4.89 -6.11 1.59
CA ALA A 45 5.85 -5.03 1.42
C ALA A 45 6.02 -4.33 2.76
N TRP A 46 7.08 -3.54 2.93
CA TRP A 46 7.36 -2.77 4.15
C TRP A 46 7.67 -1.33 3.79
N LEU A 47 7.31 -0.39 4.67
CA LEU A 47 7.27 1.04 4.41
C LEU A 47 8.20 1.84 5.34
N GLU A 48 8.34 3.14 5.08
CA GLU A 48 9.05 4.09 5.95
C GLU A 48 8.45 5.50 5.96
N LEU A 49 7.19 5.66 5.56
CA LEU A 49 6.57 6.97 5.31
C LEU A 49 7.34 7.82 4.29
N PHE A 50 6.95 9.09 4.15
CA PHE A 50 7.70 10.14 3.47
C PHE A 50 7.72 11.40 4.34
N GLY A 51 8.80 12.18 4.23
CA GLY A 51 8.87 13.57 4.64
C GLY A 51 8.55 13.75 6.11
N ALA A 52 7.40 14.38 6.37
CA ALA A 52 6.89 14.68 7.70
C ALA A 52 5.36 14.60 7.74
N GLU A 53 4.74 14.12 6.66
CA GLU A 53 3.35 13.67 6.72
C GLU A 53 3.37 12.35 7.48
N GLN A 54 2.32 12.09 8.23
CA GLN A 54 2.14 10.95 9.12
C GLN A 54 0.73 10.89 9.73
N PRO A 55 0.22 9.67 10.03
CA PRO A 55 -1.13 9.45 10.56
C PRO A 55 -1.29 9.99 11.99
N PRO A 56 -2.53 10.09 12.50
CA PRO A 56 -2.73 10.33 13.93
C PRO A 56 -2.19 9.14 14.75
N PRO A 57 -1.79 9.35 16.02
CA PRO A 57 -1.28 8.28 16.88
C PRO A 57 -2.43 7.38 17.35
N ASN A 58 -2.11 6.25 17.99
CA ASN A 58 -3.02 5.17 18.46
C ASN A 58 -3.95 4.55 17.40
N THR A 59 -3.93 5.08 16.18
CA THR A 59 -4.98 4.90 15.19
C THR A 59 -4.60 3.85 14.13
N LEU A 60 -3.31 3.57 13.91
CA LEU A 60 -2.88 2.43 13.10
C LEU A 60 -2.96 1.17 13.95
N SER A 61 -3.23 0.03 13.34
CA SER A 61 -3.24 -1.28 13.97
C SER A 61 -2.71 -2.31 12.98
N GLU A 62 -2.30 -3.50 13.44
CA GLU A 62 -1.62 -4.49 12.60
C GLU A 62 -2.54 -5.16 11.55
N GLY A 63 -3.81 -4.82 11.53
CA GLY A 63 -4.77 -5.27 10.55
C GLY A 63 -5.73 -4.12 10.25
N ALA A 64 -5.24 -2.89 10.20
CA ALA A 64 -5.96 -1.79 9.57
C ALA A 64 -6.20 -2.21 8.12
N GLU A 65 -7.42 -2.01 7.60
CA GLU A 65 -7.67 -2.09 6.18
C GLU A 65 -7.13 -0.79 5.58
N VAL A 66 -6.27 -0.95 4.59
CA VAL A 66 -5.56 0.14 3.94
C VAL A 66 -5.59 -0.05 2.42
N SER A 67 -5.85 1.02 1.67
CA SER A 67 -5.75 1.01 0.22
C SER A 67 -4.37 1.55 -0.13
N VAL A 68 -3.65 0.85 -1.02
CA VAL A 68 -2.46 1.35 -1.66
C VAL A 68 -2.90 1.93 -3.00
N SER A 69 -2.15 2.88 -3.57
CA SER A 69 -2.20 3.13 -4.99
C SER A 69 -0.81 3.53 -5.46
N VAL A 70 -0.47 3.17 -6.70
CA VAL A 70 0.83 3.48 -7.30
C VAL A 70 0.66 3.61 -8.81
N TRP A 71 1.46 4.49 -9.41
CA TRP A 71 1.54 4.65 -10.84
C TRP A 71 2.60 3.69 -11.36
N THR A 72 2.20 2.76 -12.22
CA THR A 72 3.07 1.80 -12.87
C THR A 72 2.42 1.44 -14.21
N GLY A 73 3.13 0.72 -15.09
CA GLY A 73 2.79 0.63 -16.51
C GLY A 73 2.50 2.02 -17.04
N GLY A 74 1.27 2.27 -17.49
CA GLY A 74 0.76 3.61 -17.74
C GLY A 74 -0.65 3.73 -17.18
N ALA A 75 -0.82 3.54 -15.87
CA ALA A 75 -2.08 3.68 -15.15
C ALA A 75 -1.80 3.70 -13.65
N LEU A 76 -2.87 3.73 -12.83
CA LEU A 76 -2.83 3.68 -11.38
C LEU A 76 -3.36 2.32 -10.92
N CYS A 77 -2.46 1.41 -10.54
CA CYS A 77 -2.81 0.21 -9.78
C CYS A 77 -3.16 0.63 -8.36
N ARG A 78 -4.44 0.58 -7.99
CA ARG A 78 -4.90 0.65 -6.59
C ARG A 78 -5.06 -0.79 -6.13
N CYS A 79 -4.56 -1.14 -4.95
CA CYS A 79 -4.82 -2.44 -4.37
C CYS A 79 -5.31 -2.21 -2.96
N ASP A 80 -6.38 -2.87 -2.55
CA ASP A 80 -6.74 -2.91 -1.15
C ASP A 80 -5.87 -3.97 -0.47
N GLY A 81 -5.62 -3.81 0.82
CA GLY A 81 -4.80 -4.70 1.60
C GLY A 81 -4.95 -4.38 3.08
N ARG A 82 -4.13 -5.01 3.91
CA ARG A 82 -4.11 -4.77 5.35
C ARG A 82 -2.67 -4.63 5.81
N VAL A 83 -2.46 -4.15 7.03
CA VAL A 83 -1.13 -3.84 7.55
C VAL A 83 -0.25 -5.08 7.71
N GLU A 84 -0.82 -6.27 7.93
CA GLU A 84 -0.14 -7.50 8.34
C GLU A 84 0.48 -7.38 9.73
N THR A 85 1.46 -6.48 9.87
CA THR A 85 2.34 -6.31 11.00
C THR A 85 2.68 -4.83 11.04
N LEU A 86 2.17 -4.11 12.04
CA LEU A 86 2.65 -2.77 12.30
C LEU A 86 3.94 -2.90 13.09
N ARG A 87 4.81 -1.91 12.98
CA ARG A 87 5.98 -1.78 13.84
C ARG A 87 5.84 -0.45 14.55
N ASP A 88 6.02 0.64 13.83
CA ASP A 88 5.97 2.02 14.31
C ASP A 88 4.78 2.72 13.67
N ASP A 89 4.59 3.99 14.03
CA ASP A 89 3.69 4.98 13.43
C ASP A 89 3.96 5.25 11.93
N ARG A 90 4.99 4.60 11.36
CA ARG A 90 5.63 5.06 10.12
C ARG A 90 6.35 3.94 9.37
N GLN A 91 7.01 3.04 10.10
CA GLN A 91 7.56 1.82 9.54
C GLN A 91 6.55 0.73 9.88
N PHE A 92 6.13 -0.02 8.87
CA PHE A 92 5.18 -1.11 9.02
C PHE A 92 5.08 -1.89 7.71
N ALA A 93 4.30 -2.96 7.68
CA ALA A 93 4.14 -3.84 6.52
C ALA A 93 2.79 -3.61 5.81
N ILE A 94 2.53 -4.35 4.73
CA ILE A 94 1.24 -4.50 4.07
C ILE A 94 1.10 -5.88 3.40
N ARG A 95 0.05 -6.64 3.73
CA ARG A 95 -0.37 -7.85 3.02
C ARG A 95 -1.37 -7.44 1.94
N LEU A 96 -0.96 -7.63 0.69
CA LEU A 96 -1.76 -7.35 -0.49
C LEU A 96 -2.77 -8.49 -0.67
N VAL A 97 -4.03 -8.18 -0.96
CA VAL A 97 -5.06 -9.19 -1.21
C VAL A 97 -5.93 -8.79 -2.40
N GLY A 98 -6.73 -9.73 -2.90
CA GLY A 98 -7.85 -9.44 -3.80
C GLY A 98 -7.44 -9.10 -5.22
N ARG A 99 -6.20 -9.38 -5.60
CA ARG A 99 -5.55 -9.00 -6.85
C ARG A 99 -5.35 -7.49 -6.92
N VAL A 100 -4.51 -7.06 -7.86
CA VAL A 100 -4.17 -5.67 -8.14
C VAL A 100 -4.68 -5.46 -9.56
N ARG A 101 -5.31 -4.32 -9.84
CA ARG A 101 -5.74 -3.92 -11.16
C ARG A 101 -5.51 -2.41 -11.26
N GLU A 102 -5.23 -1.95 -12.47
CA GLU A 102 -5.34 -0.57 -12.90
C GLU A 102 -6.79 -0.16 -12.72
N LEU A 103 -7.13 0.66 -11.70
CA LEU A 103 -8.51 1.12 -11.50
C LEU A 103 -8.71 2.58 -11.94
N GLN A 104 -7.64 3.33 -12.14
CA GLN A 104 -7.68 4.64 -12.78
C GLN A 104 -6.53 4.67 -13.77
N ARG A 105 -6.59 5.59 -14.73
CA ARG A 105 -5.54 5.84 -15.70
C ARG A 105 -5.23 7.34 -15.64
N ARG A 106 -4.22 7.84 -16.34
CA ARG A 106 -3.76 9.22 -16.14
C ARG A 106 -4.45 10.23 -17.08
N GLU A 107 -5.61 9.90 -17.66
CA GLU A 107 -6.32 10.64 -18.72
C GLU A 107 -5.66 10.46 -20.09
N TYR A 108 -4.43 9.96 -20.10
CA TYR A 108 -3.57 9.78 -21.26
C TYR A 108 -3.85 8.47 -22.01
N PHE A 109 -4.99 7.84 -21.72
CA PHE A 109 -5.47 6.53 -22.13
C PHE A 109 -4.76 5.39 -21.39
N GLY A 1 -6.32 -13.92 -18.88
CA GLY A 1 -6.70 -14.94 -17.91
C GLY A 1 -5.51 -15.82 -17.61
N MET A 2 -4.65 -15.39 -16.69
CA MET A 2 -3.42 -16.09 -16.36
C MET A 2 -2.96 -15.59 -14.99
N SER A 3 -3.30 -16.34 -13.94
CA SER A 3 -2.96 -16.08 -12.56
C SER A 3 -3.49 -17.24 -11.72
N ALA A 4 -2.87 -17.52 -10.57
CA ALA A 4 -3.29 -18.58 -9.66
C ALA A 4 -3.09 -18.18 -8.20
N ASP A 5 -1.96 -17.55 -7.90
CA ASP A 5 -1.49 -17.18 -6.57
C ASP A 5 -1.36 -15.65 -6.51
N GLY A 6 -1.05 -15.09 -5.36
CA GLY A 6 -0.68 -13.69 -5.16
C GLY A 6 0.84 -13.57 -5.23
N SER A 7 1.39 -13.44 -6.43
CA SER A 7 2.83 -13.31 -6.68
C SER A 7 3.09 -12.17 -7.69
N GLU A 8 2.13 -11.94 -8.60
CA GLU A 8 1.92 -10.82 -9.52
C GLU A 8 1.98 -9.42 -8.89
N TYR A 9 2.25 -9.28 -7.60
CA TYR A 9 2.39 -7.99 -6.96
C TYR A 9 3.72 -7.33 -7.38
N GLY A 10 4.84 -8.06 -7.28
CA GLY A 10 6.17 -7.46 -7.32
C GLY A 10 6.55 -6.96 -8.71
N ARG A 11 5.92 -7.53 -9.73
CA ARG A 11 6.06 -7.06 -11.11
C ARG A 11 5.57 -5.63 -11.29
N TYR A 12 4.71 -5.13 -10.39
CA TYR A 12 4.13 -3.79 -10.45
C TYR A 12 4.62 -2.93 -9.28
N PHE A 13 4.72 -3.50 -8.08
CA PHE A 13 5.19 -2.83 -6.87
C PHE A 13 6.61 -3.25 -6.59
N GLU A 14 7.54 -2.31 -6.73
CA GLU A 14 8.94 -2.55 -6.42
C GLU A 14 9.18 -2.28 -4.93
N GLN A 15 10.25 -2.89 -4.43
CA GLN A 15 10.96 -2.63 -3.18
C GLN A 15 11.20 -1.14 -2.92
N LEU A 16 11.29 -0.34 -3.99
CA LEU A 16 11.66 1.06 -3.95
C LEU A 16 10.69 1.84 -4.85
N GLN A 17 9.40 1.48 -4.79
CA GLN A 17 8.31 2.30 -5.29
C GLN A 17 7.46 2.77 -4.11
N LYS A 18 6.67 3.82 -4.28
CA LYS A 18 5.86 4.38 -3.21
C LYS A 18 4.37 4.12 -3.46
N VAL A 19 3.57 3.95 -2.42
CA VAL A 19 2.16 3.60 -2.51
C VAL A 19 1.33 4.63 -1.72
N ASN A 20 0.05 4.79 -2.08
CA ASN A 20 -0.95 5.42 -1.22
C ASN A 20 -1.10 4.66 0.10
N LEU A 21 -1.66 5.36 1.08
CA LEU A 21 -1.83 4.96 2.47
C LEU A 21 -3.22 5.41 2.94
N THR A 22 -4.29 5.22 2.16
CA THR A 22 -5.60 5.68 2.61
C THR A 22 -5.97 4.80 3.79
N VAL A 23 -6.08 5.36 5.00
CA VAL A 23 -6.39 4.55 6.18
C VAL A 23 -7.82 4.83 6.57
N ARG A 24 -8.74 3.91 6.28
CA ARG A 24 -10.08 3.94 6.88
C ARG A 24 -9.95 4.09 8.38
N LEU A 25 -10.40 5.20 8.96
CA LEU A 25 -10.56 5.32 10.41
C LEU A 25 -12.05 5.26 10.61
N GLY A 26 -12.57 4.03 10.59
CA GLY A 26 -13.98 3.74 10.82
C GLY A 26 -14.88 4.12 9.64
N ASP A 27 -14.31 4.76 8.61
CA ASP A 27 -14.90 5.37 7.42
C ASP A 27 -15.61 6.69 7.72
N THR A 28 -15.69 7.08 9.00
CA THR A 28 -16.17 8.38 9.41
C THR A 28 -15.04 9.42 9.40
N GLY A 29 -13.78 9.00 9.54
CA GLY A 29 -12.62 9.88 9.61
C GLY A 29 -11.74 9.73 8.39
N SER A 30 -11.02 8.62 8.40
CA SER A 30 -9.89 8.23 7.59
C SER A 30 -8.71 9.20 7.62
N PHE A 31 -7.58 8.74 7.11
CA PHE A 31 -6.33 9.46 6.95
C PHE A 31 -5.80 9.09 5.56
N ASP A 32 -4.81 9.81 5.06
CA ASP A 32 -4.07 9.45 3.88
C ASP A 32 -2.68 10.08 4.04
N GLY A 33 -1.69 9.50 3.37
CA GLY A 33 -0.33 10.04 3.25
C GLY A 33 0.38 9.36 2.09
N THR A 34 1.71 9.44 2.08
CA THR A 34 2.53 8.66 1.17
C THR A 34 3.67 8.04 1.97
N ALA A 35 4.18 6.89 1.53
CA ALA A 35 5.42 6.31 2.01
C ALA A 35 6.06 5.67 0.81
N ALA A 36 7.39 5.59 0.80
CA ALA A 36 8.15 4.77 -0.12
C ALA A 36 8.26 3.36 0.48
N ILE A 37 8.26 2.32 -0.36
CA ILE A 37 8.61 0.97 0.04
C ILE A 37 10.12 0.96 0.31
N THR A 38 10.54 0.00 1.12
CA THR A 38 11.90 -0.25 1.55
C THR A 38 12.26 -1.73 1.42
N SER A 39 11.29 -2.65 1.43
CA SER A 39 11.47 -4.08 1.26
C SER A 39 10.14 -4.66 0.75
N LEU A 40 10.18 -5.50 -0.27
CA LEU A 40 9.00 -6.13 -0.86
C LEU A 40 9.22 -7.63 -0.92
N LYS A 41 8.15 -8.40 -0.75
CA LYS A 41 8.17 -9.87 -0.73
C LYS A 41 6.78 -10.46 -0.97
N GLY A 42 6.41 -10.67 -2.23
CA GLY A 42 5.14 -11.32 -2.56
C GLY A 42 3.99 -10.45 -2.05
N SER A 43 3.09 -11.03 -1.26
CA SER A 43 1.96 -10.32 -0.65
C SER A 43 2.42 -9.55 0.59
N LEU A 44 3.53 -8.85 0.51
CA LEU A 44 4.11 -8.11 1.63
C LEU A 44 4.93 -6.96 1.07
N ALA A 45 4.72 -5.74 1.55
CA ALA A 45 5.63 -4.62 1.35
C ALA A 45 5.82 -3.93 2.69
N TRP A 46 6.98 -3.33 2.92
CA TRP A 46 7.30 -2.53 4.10
C TRP A 46 7.52 -1.09 3.68
N LEU A 47 6.90 -0.16 4.40
CA LEU A 47 6.92 1.28 4.11
C LEU A 47 7.48 2.04 5.31
N GLU A 48 8.02 3.24 5.10
CA GLU A 48 8.79 3.95 6.15
C GLU A 48 8.53 5.46 6.25
N LEU A 49 7.33 5.88 5.80
CA LEU A 49 6.79 7.25 5.64
C LEU A 49 7.68 8.23 4.89
N PHE A 50 7.08 9.09 4.06
CA PHE A 50 7.82 10.03 3.20
C PHE A 50 8.25 11.32 3.92
N GLY A 51 8.00 11.44 5.22
CA GLY A 51 8.06 12.73 5.87
C GLY A 51 6.84 13.56 5.49
N ALA A 52 6.96 14.87 5.68
CA ALA A 52 5.94 15.91 5.57
C ALA A 52 4.98 15.82 6.76
N GLU A 53 4.15 14.79 6.82
CA GLU A 53 3.10 14.57 7.82
C GLU A 53 2.96 13.07 8.12
N GLN A 54 2.19 12.73 9.15
CA GLN A 54 2.05 11.38 9.71
C GLN A 54 0.66 11.22 10.35
N PRO A 55 0.15 10.00 10.58
CA PRO A 55 -1.14 9.79 11.23
C PRO A 55 -1.10 10.14 12.72
N PRO A 56 -2.27 10.18 13.39
CA PRO A 56 -2.34 10.23 14.84
C PRO A 56 -1.78 8.94 15.46
N PRO A 57 -1.28 9.01 16.71
CA PRO A 57 -0.85 7.84 17.46
C PRO A 57 -2.03 6.98 17.87
N ASN A 58 -1.71 5.76 18.33
CA ASN A 58 -2.64 4.74 18.82
C ASN A 58 -3.81 4.52 17.85
N THR A 59 -3.60 4.80 16.57
CA THR A 59 -4.61 4.80 15.54
C THR A 59 -4.19 3.83 14.46
N LEU A 60 -2.99 3.99 13.88
CA LEU A 60 -2.41 2.95 13.03
C LEU A 60 -2.37 1.66 13.83
N SER A 61 -2.86 0.58 13.24
CA SER A 61 -3.04 -0.69 13.91
C SER A 61 -2.73 -1.81 12.90
N GLU A 62 -2.51 -3.03 13.39
CA GLU A 62 -1.89 -4.12 12.65
C GLU A 62 -2.84 -4.81 11.66
N GLY A 63 -4.08 -4.37 11.57
CA GLY A 63 -5.09 -4.90 10.67
C GLY A 63 -5.88 -3.76 10.06
N ALA A 64 -5.31 -2.54 10.04
CA ALA A 64 -5.93 -1.41 9.40
C ALA A 64 -6.11 -1.78 7.93
N GLU A 65 -7.33 -1.69 7.43
CA GLU A 65 -7.62 -1.79 6.01
C GLU A 65 -7.08 -0.51 5.41
N VAL A 66 -6.12 -0.66 4.52
CA VAL A 66 -5.42 0.43 3.86
C VAL A 66 -5.35 0.10 2.36
N SER A 67 -5.26 1.10 1.48
CA SER A 67 -5.27 0.90 0.05
C SER A 67 -4.06 1.54 -0.60
N VAL A 68 -3.38 0.76 -1.44
CA VAL A 68 -2.20 1.21 -2.15
C VAL A 68 -2.67 2.01 -3.35
N SER A 69 -1.74 2.65 -4.05
CA SER A 69 -1.79 3.05 -5.45
C SER A 69 -0.37 3.43 -5.85
N VAL A 70 0.16 2.93 -6.96
CA VAL A 70 1.39 3.45 -7.53
C VAL A 70 1.21 3.58 -9.01
N TRP A 71 1.69 4.67 -9.57
CA TRP A 71 1.81 4.82 -11.00
C TRP A 71 3.09 4.10 -11.36
N THR A 72 3.00 2.98 -12.09
CA THR A 72 4.18 2.38 -12.69
C THR A 72 4.01 2.48 -14.21
N GLY A 73 4.82 1.73 -14.97
CA GLY A 73 4.81 1.73 -16.42
C GLY A 73 3.38 1.59 -16.93
N GLY A 74 2.97 2.49 -17.82
CA GLY A 74 1.64 2.51 -18.39
C GLY A 74 0.66 3.31 -17.52
N ALA A 75 0.28 2.79 -16.34
CA ALA A 75 -0.99 3.15 -15.72
C ALA A 75 -0.88 3.18 -14.20
N LEU A 76 -1.95 3.60 -13.55
CA LEU A 76 -2.05 3.56 -12.10
C LEU A 76 -2.53 2.18 -11.73
N CYS A 77 -1.69 1.46 -11.00
CA CYS A 77 -1.97 0.17 -10.45
C CYS A 77 -2.33 0.42 -8.99
N ARG A 78 -3.51 0.02 -8.57
CA ARG A 78 -3.85 0.15 -7.16
C ARG A 78 -4.47 -1.16 -6.71
N CYS A 79 -4.49 -1.34 -5.41
CA CYS A 79 -4.94 -2.57 -4.79
C CYS A 79 -5.40 -2.19 -3.38
N ASP A 80 -6.10 -3.11 -2.72
CA ASP A 80 -6.71 -2.89 -1.42
C ASP A 80 -6.16 -3.98 -0.51
N GLY A 81 -5.88 -3.61 0.73
CA GLY A 81 -5.00 -4.35 1.61
C GLY A 81 -5.34 -4.23 3.09
N ARG A 82 -4.51 -4.82 3.95
CA ARG A 82 -4.50 -4.60 5.40
C ARG A 82 -3.03 -4.39 5.80
N VAL A 83 -2.75 -3.85 6.99
CA VAL A 83 -1.40 -3.66 7.49
C VAL A 83 -0.67 -5.00 7.74
N GLU A 84 -1.38 -5.99 8.26
CA GLU A 84 -0.88 -7.27 8.81
C GLU A 84 -0.01 -7.10 10.07
N THR A 85 0.97 -6.20 10.04
CA THR A 85 2.05 -6.10 11.01
C THR A 85 2.53 -4.65 11.02
N LEU A 86 2.12 -3.87 12.03
CA LEU A 86 2.66 -2.53 12.23
C LEU A 86 3.98 -2.65 12.99
N ARG A 87 4.83 -1.60 12.97
CA ARG A 87 6.04 -1.53 13.79
C ARG A 87 6.18 -0.16 14.46
N ASP A 88 5.88 0.92 13.76
CA ASP A 88 5.75 2.28 14.27
C ASP A 88 4.57 2.90 13.52
N ASP A 89 4.18 4.10 13.91
CA ASP A 89 3.27 5.02 13.19
C ASP A 89 3.77 5.38 11.78
N ARG A 90 5.02 5.01 11.48
CA ARG A 90 5.74 5.37 10.28
C ARG A 90 6.32 4.15 9.58
N GLN A 91 6.57 3.04 10.27
CA GLN A 91 7.20 1.85 9.71
C GLN A 91 6.21 0.72 9.89
N PHE A 92 5.79 0.10 8.81
CA PHE A 92 4.85 -1.01 8.90
C PHE A 92 4.87 -1.80 7.62
N ALA A 93 4.31 -3.00 7.69
CA ALA A 93 4.06 -3.85 6.55
C ALA A 93 2.68 -3.52 5.97
N ILE A 94 2.36 -4.09 4.82
CA ILE A 94 1.02 -4.20 4.25
C ILE A 94 0.94 -5.52 3.46
N ARG A 95 -0.11 -6.29 3.71
CA ARG A 95 -0.43 -7.53 2.98
C ARG A 95 -1.36 -7.09 1.86
N LEU A 96 -0.96 -7.32 0.63
CA LEU A 96 -1.82 -7.06 -0.52
C LEU A 96 -2.82 -8.21 -0.56
N VAL A 97 -4.13 -7.92 -0.57
CA VAL A 97 -5.14 -8.96 -0.76
C VAL A 97 -5.85 -8.72 -2.08
N GLY A 98 -6.46 -9.76 -2.62
CA GLY A 98 -7.06 -9.73 -3.91
C GLY A 98 -5.94 -9.74 -4.93
N ARG A 99 -6.31 -9.18 -6.06
CA ARG A 99 -5.55 -9.18 -7.31
C ARG A 99 -5.47 -7.75 -7.80
N VAL A 100 -4.30 -7.35 -8.28
CA VAL A 100 -4.04 -5.97 -8.70
C VAL A 100 -4.73 -5.72 -10.03
N ARG A 101 -5.17 -4.49 -10.31
CA ARG A 101 -5.54 -4.09 -11.66
C ARG A 101 -5.18 -2.62 -11.89
N GLU A 102 -5.05 -2.24 -13.16
CA GLU A 102 -4.70 -0.90 -13.59
C GLU A 102 -6.00 -0.19 -13.96
N LEU A 103 -6.71 0.24 -12.92
CA LEU A 103 -8.09 0.74 -13.02
C LEU A 103 -8.17 2.19 -13.50
N GLN A 104 -7.02 2.86 -13.66
CA GLN A 104 -6.90 4.28 -13.93
C GLN A 104 -5.70 4.52 -14.84
N ARG A 105 -5.87 5.38 -15.85
CA ARG A 105 -4.99 5.48 -17.02
C ARG A 105 -4.95 6.93 -17.48
N ARG A 106 -3.81 7.59 -17.31
CA ARG A 106 -3.51 8.88 -17.96
C ARG A 106 -2.98 8.61 -19.37
N GLU A 107 -2.75 9.66 -20.16
CA GLU A 107 -2.02 9.65 -21.44
C GLU A 107 -2.48 8.46 -22.29
N TYR A 108 -3.79 8.48 -22.58
CA TYR A 108 -4.54 7.42 -23.27
C TYR A 108 -4.92 7.75 -24.72
N PHE A 109 -4.63 8.99 -25.14
CA PHE A 109 -4.76 9.44 -26.52
C PHE A 109 -3.57 8.93 -27.33
N GLY A 1 8.78 -15.12 -13.36
CA GLY A 1 9.56 -15.48 -12.17
C GLY A 1 8.77 -16.43 -11.31
N MET A 2 8.60 -17.67 -11.75
CA MET A 2 8.13 -18.77 -10.91
C MET A 2 9.28 -19.12 -9.95
N SER A 3 9.46 -18.30 -8.92
CA SER A 3 10.40 -18.52 -7.85
C SER A 3 9.73 -17.99 -6.59
N ALA A 4 9.83 -16.68 -6.31
CA ALA A 4 9.16 -16.08 -5.17
C ALA A 4 7.65 -16.18 -5.32
N ASP A 5 7.13 -15.99 -6.55
CA ASP A 5 5.77 -16.26 -6.99
C ASP A 5 4.67 -15.79 -6.03
N GLY A 6 4.25 -14.52 -6.15
CA GLY A 6 3.25 -13.95 -5.26
C GLY A 6 2.31 -13.03 -6.00
N SER A 7 1.32 -13.61 -6.71
CA SER A 7 0.38 -12.82 -7.52
C SER A 7 1.18 -11.93 -8.49
N GLU A 8 0.62 -10.80 -8.91
CA GLU A 8 1.28 -9.83 -9.81
C GLU A 8 1.71 -8.57 -9.06
N TYR A 9 1.69 -8.61 -7.72
CA TYR A 9 1.94 -7.44 -6.88
C TYR A 9 3.33 -6.87 -7.14
N GLY A 10 4.36 -7.73 -7.16
CA GLY A 10 5.75 -7.31 -7.28
C GLY A 10 6.08 -6.75 -8.67
N ARG A 11 5.22 -7.01 -9.65
CA ARG A 11 5.36 -6.44 -11.00
C ARG A 11 4.96 -4.98 -11.03
N TYR A 12 4.37 -4.47 -9.95
CA TYR A 12 3.89 -3.11 -9.82
C TYR A 12 4.59 -2.41 -8.66
N PHE A 13 4.78 -3.11 -7.54
CA PHE A 13 5.41 -2.59 -6.36
C PHE A 13 6.84 -3.11 -6.35
N GLU A 14 7.73 -2.20 -6.68
CA GLU A 14 9.17 -2.39 -6.55
C GLU A 14 9.52 -2.07 -5.09
N GLN A 15 10.64 -2.61 -4.62
CA GLN A 15 11.14 -2.57 -3.25
C GLN A 15 11.46 -1.17 -2.73
N LEU A 16 11.55 -0.18 -3.61
CA LEU A 16 11.95 1.18 -3.27
C LEU A 16 10.93 2.20 -3.79
N GLN A 17 9.84 1.74 -4.40
CA GLN A 17 8.78 2.56 -4.97
C GLN A 17 7.94 3.22 -3.87
N LYS A 18 6.94 4.03 -4.27
CA LYS A 18 5.94 4.61 -3.38
C LYS A 18 4.60 3.93 -3.60
N VAL A 19 3.74 4.01 -2.59
CA VAL A 19 2.33 3.67 -2.66
C VAL A 19 1.54 4.72 -1.86
N ASN A 20 0.31 5.05 -2.29
CA ASN A 20 -0.61 5.83 -1.47
C ASN A 20 -1.01 5.01 -0.24
N LEU A 21 -1.37 5.67 0.86
CA LEU A 21 -1.46 5.05 2.18
C LEU A 21 -2.86 5.24 2.79
N THR A 22 -3.93 4.92 2.07
CA THR A 22 -5.28 5.13 2.59
C THR A 22 -5.54 4.21 3.78
N VAL A 23 -5.69 4.77 4.98
CA VAL A 23 -6.05 4.06 6.20
C VAL A 23 -7.44 4.48 6.65
N ARG A 24 -8.43 3.60 6.53
CA ARG A 24 -9.79 3.75 7.02
C ARG A 24 -9.78 3.89 8.54
N LEU A 25 -10.47 4.89 9.08
CA LEU A 25 -10.61 5.12 10.52
C LEU A 25 -12.07 4.99 10.90
N GLY A 26 -12.68 3.86 10.54
CA GLY A 26 -14.12 3.73 10.52
C GLY A 26 -14.68 4.35 9.24
N ASP A 27 -15.97 4.63 9.22
CA ASP A 27 -16.67 4.96 7.98
C ASP A 27 -16.55 6.43 7.61
N THR A 28 -16.37 7.31 8.59
CA THR A 28 -16.35 8.75 8.41
C THR A 28 -15.09 9.26 9.11
N GLY A 29 -13.95 8.90 8.53
CA GLY A 29 -12.62 9.28 8.95
C GLY A 29 -11.64 8.36 8.24
N SER A 30 -10.52 8.92 7.80
CA SER A 30 -9.43 8.21 7.15
C SER A 30 -8.15 9.00 7.37
N PHE A 31 -7.03 8.47 6.89
CA PHE A 31 -5.77 9.17 6.67
C PHE A 31 -5.26 8.68 5.32
N ASP A 32 -4.50 9.50 4.60
CA ASP A 32 -3.73 9.10 3.47
C ASP A 32 -2.41 9.88 3.49
N GLY A 33 -1.33 9.20 3.11
CA GLY A 33 0.03 9.67 3.31
C GLY A 33 0.97 9.24 2.20
N THR A 34 2.26 9.52 2.37
CA THR A 34 3.32 9.15 1.44
C THR A 34 4.40 8.40 2.24
N ALA A 35 4.72 7.19 1.81
CA ALA A 35 5.79 6.34 2.32
C ALA A 35 6.47 5.71 1.11
N ALA A 36 7.75 5.43 1.25
CA ALA A 36 8.49 4.61 0.31
C ALA A 36 8.53 3.18 0.83
N ILE A 37 8.66 2.21 -0.07
CA ILE A 37 8.85 0.80 0.23
C ILE A 37 10.32 0.62 0.67
N THR A 38 10.63 -0.50 1.32
CA THR A 38 11.94 -0.84 1.83
C THR A 38 12.25 -2.31 1.62
N SER A 39 11.27 -3.19 1.83
CA SER A 39 11.40 -4.62 1.61
C SER A 39 10.12 -5.06 0.92
N LEU A 40 10.17 -6.04 0.02
CA LEU A 40 9.00 -6.68 -0.57
C LEU A 40 9.24 -8.19 -0.58
N LYS A 41 8.22 -8.97 -0.25
CA LYS A 41 8.21 -10.43 -0.43
C LYS A 41 6.78 -10.86 -0.79
N GLY A 42 6.45 -10.85 -2.08
CA GLY A 42 5.18 -11.30 -2.60
C GLY A 42 4.02 -10.49 -2.02
N SER A 43 3.10 -11.15 -1.31
CA SER A 43 2.02 -10.52 -0.57
C SER A 43 2.52 -9.83 0.71
N LEU A 44 3.71 -9.25 0.68
CA LEU A 44 4.26 -8.50 1.81
C LEU A 44 5.05 -7.34 1.25
N ALA A 45 4.87 -6.15 1.81
CA ALA A 45 5.81 -5.06 1.67
C ALA A 45 6.07 -4.51 3.06
N TRP A 46 7.14 -3.75 3.19
CA TRP A 46 7.43 -2.86 4.30
C TRP A 46 7.60 -1.45 3.73
N LEU A 47 7.10 -0.44 4.44
CA LEU A 47 7.26 0.96 4.09
C LEU A 47 7.97 1.72 5.21
N GLU A 48 8.40 2.95 4.89
CA GLU A 48 8.77 4.01 5.82
C GLU A 48 8.20 5.33 5.30
N LEU A 49 7.47 6.04 6.16
CA LEU A 49 6.95 7.38 5.89
C LEU A 49 8.09 8.29 5.43
N PHE A 50 7.76 9.24 4.54
CA PHE A 50 8.73 10.20 4.04
C PHE A 50 8.92 11.33 5.06
N GLY A 51 7.90 12.18 5.17
CA GLY A 51 7.95 13.46 5.87
C GLY A 51 7.57 13.28 7.32
N ALA A 52 7.26 14.39 7.99
CA ALA A 52 6.70 14.37 9.32
C ALA A 52 5.21 14.03 9.31
N GLU A 53 4.59 13.94 8.13
CA GLU A 53 3.21 13.52 7.85
C GLU A 53 2.96 12.08 8.32
N GLN A 54 2.77 11.94 9.62
CA GLN A 54 2.31 10.70 10.26
C GLN A 54 0.86 10.89 10.73
N PRO A 55 0.07 9.82 10.84
CA PRO A 55 -1.31 9.87 11.34
C PRO A 55 -1.33 10.27 12.83
N PRO A 56 -2.51 10.48 13.43
CA PRO A 56 -2.59 10.62 14.87
C PRO A 56 -2.15 9.33 15.57
N PRO A 57 -1.73 9.38 16.85
CA PRO A 57 -1.37 8.18 17.59
C PRO A 57 -2.60 7.34 17.93
N ASN A 58 -2.40 6.11 18.43
CA ASN A 58 -3.44 5.16 18.82
C ASN A 58 -4.43 4.84 17.70
N THR A 59 -4.11 5.21 16.47
CA THR A 59 -5.02 5.24 15.34
C THR A 59 -4.61 4.11 14.38
N LEU A 60 -3.35 4.05 13.96
CA LEU A 60 -2.80 2.96 13.15
C LEU A 60 -2.98 1.63 13.89
N SER A 61 -3.12 0.55 13.13
CA SER A 61 -3.22 -0.80 13.67
C SER A 61 -2.54 -1.80 12.77
N GLU A 62 -2.25 -2.99 13.29
CA GLU A 62 -1.66 -4.07 12.50
C GLU A 62 -2.62 -4.69 11.49
N GLY A 63 -3.89 -4.32 11.54
CA GLY A 63 -4.96 -4.91 10.74
C GLY A 63 -5.73 -3.86 9.95
N ALA A 64 -5.23 -2.62 9.90
CA ALA A 64 -5.89 -1.51 9.23
C ALA A 64 -6.04 -1.89 7.76
N GLU A 65 -7.19 -1.63 7.12
CA GLU A 65 -7.51 -2.18 5.81
C GLU A 65 -6.96 -1.30 4.68
N VAL A 66 -5.64 -1.21 4.62
CA VAL A 66 -5.02 -0.18 3.79
C VAL A 66 -5.05 -0.58 2.32
N SER A 67 -5.50 0.36 1.48
CA SER A 67 -5.40 0.25 0.04
C SER A 67 -4.01 0.76 -0.39
N VAL A 68 -3.64 0.47 -1.64
CA VAL A 68 -2.33 0.81 -2.20
C VAL A 68 -2.50 1.18 -3.67
N SER A 69 -2.15 2.41 -4.06
CA SER A 69 -2.18 2.86 -5.45
C SER A 69 -0.78 3.33 -5.85
N VAL A 70 -0.39 3.11 -7.11
CA VAL A 70 0.77 3.74 -7.73
C VAL A 70 0.54 3.80 -9.24
N TRP A 71 1.24 4.69 -9.93
CA TRP A 71 1.29 4.71 -11.38
C TRP A 71 2.52 3.92 -11.83
N THR A 72 2.32 2.72 -12.37
CA THR A 72 3.40 1.92 -12.95
C THR A 72 2.86 1.13 -14.15
N GLY A 73 3.75 0.52 -14.94
CA GLY A 73 3.39 -0.23 -16.13
C GLY A 73 2.53 0.58 -17.12
N GLY A 74 2.68 1.92 -17.13
CA GLY A 74 1.93 2.83 -17.98
C GLY A 74 0.52 3.13 -17.48
N ALA A 75 0.15 2.66 -16.29
CA ALA A 75 -1.22 2.62 -15.80
C ALA A 75 -1.31 2.88 -14.30
N LEU A 76 -2.55 2.95 -13.79
CA LEU A 76 -2.88 3.17 -12.39
C LEU A 76 -3.33 1.84 -11.81
N CYS A 77 -2.40 1.14 -11.16
CA CYS A 77 -2.73 -0.03 -10.38
C CYS A 77 -3.26 0.45 -9.03
N ARG A 78 -4.30 -0.20 -8.48
CA ARG A 78 -4.71 0.03 -7.10
C ARG A 78 -5.24 -1.24 -6.46
N CYS A 79 -4.53 -1.79 -5.47
CA CYS A 79 -4.94 -3.01 -4.79
C CYS A 79 -5.44 -2.70 -3.38
N ASP A 80 -5.98 -3.74 -2.76
CA ASP A 80 -6.53 -3.80 -1.43
C ASP A 80 -5.60 -4.66 -0.59
N GLY A 81 -5.59 -4.43 0.73
CA GLY A 81 -4.70 -5.14 1.64
C GLY A 81 -4.98 -4.76 3.07
N ARG A 82 -4.06 -5.12 3.97
CA ARG A 82 -4.05 -4.75 5.39
C ARG A 82 -2.64 -4.39 5.83
N VAL A 83 -2.45 -3.93 7.06
CA VAL A 83 -1.13 -3.60 7.61
C VAL A 83 -0.27 -4.86 7.89
N GLU A 84 -0.87 -6.00 8.22
CA GLU A 84 -0.21 -7.26 8.59
C GLU A 84 0.52 -7.18 9.95
N THR A 85 1.52 -6.30 10.05
CA THR A 85 2.35 -6.06 11.21
C THR A 85 2.69 -4.57 11.21
N LEU A 86 2.23 -3.83 12.22
CA LEU A 86 2.69 -2.46 12.43
C LEU A 86 3.99 -2.52 13.23
N ARG A 87 4.83 -1.49 13.12
CA ARG A 87 6.09 -1.41 13.84
C ARG A 87 6.21 -0.09 14.58
N ASP A 88 6.14 1.01 13.86
CA ASP A 88 6.03 2.36 14.39
C ASP A 88 4.77 2.97 13.79
N ASP A 89 4.42 4.16 14.27
CA ASP A 89 3.45 5.03 13.62
C ASP A 89 3.99 5.56 12.27
N ARG A 90 5.28 5.30 11.97
CA ARG A 90 5.97 5.74 10.74
C ARG A 90 6.56 4.60 9.90
N GLN A 91 6.57 3.35 10.38
CA GLN A 91 7.13 2.20 9.68
C GLN A 91 6.18 1.05 9.92
N PHE A 92 5.77 0.36 8.88
CA PHE A 92 4.86 -0.77 9.00
C PHE A 92 4.91 -1.64 7.75
N ALA A 93 4.40 -2.86 7.86
CA ALA A 93 4.22 -3.75 6.74
C ALA A 93 2.90 -3.44 6.05
N ILE A 94 2.61 -4.17 4.98
CA ILE A 94 1.28 -4.40 4.45
C ILE A 94 1.19 -5.84 3.94
N ARG A 95 -0.01 -6.42 3.86
CA ARG A 95 -0.33 -7.69 3.18
C ARG A 95 -1.31 -7.34 2.07
N LEU A 96 -0.95 -7.49 0.79
CA LEU A 96 -1.94 -7.41 -0.28
C LEU A 96 -2.78 -8.67 -0.20
N VAL A 97 -4.05 -8.58 -0.60
CA VAL A 97 -4.92 -9.73 -0.79
C VAL A 97 -5.67 -9.62 -2.12
N GLY A 98 -6.42 -10.67 -2.48
CA GLY A 98 -7.05 -10.87 -3.76
C GLY A 98 -6.00 -10.79 -4.85
N ARG A 99 -6.10 -9.73 -5.64
CA ARG A 99 -5.31 -9.47 -6.83
C ARG A 99 -5.24 -7.97 -7.09
N VAL A 100 -4.38 -7.58 -8.03
CA VAL A 100 -4.22 -6.23 -8.56
C VAL A 100 -4.47 -6.20 -10.07
N ARG A 101 -4.84 -5.04 -10.59
CA ARG A 101 -5.48 -4.79 -11.87
C ARG A 101 -5.27 -3.30 -12.20
N GLU A 102 -5.26 -2.93 -13.48
CA GLU A 102 -5.18 -1.53 -13.88
C GLU A 102 -6.58 -0.94 -13.78
N LEU A 103 -6.87 -0.19 -12.71
CA LEU A 103 -8.16 0.46 -12.58
C LEU A 103 -8.36 1.55 -13.62
N GLN A 104 -7.27 2.20 -14.02
CA GLN A 104 -7.20 3.12 -15.14
C GLN A 104 -5.85 2.91 -15.82
N ARG A 105 -5.71 3.38 -17.06
CA ARG A 105 -4.43 3.53 -17.74
C ARG A 105 -4.22 5.00 -18.11
N ARG A 106 -3.09 5.32 -18.73
CA ARG A 106 -2.83 6.63 -19.33
C ARG A 106 -2.32 6.39 -20.76
N GLU A 107 -2.07 7.47 -21.50
CA GLU A 107 -1.46 7.46 -22.83
C GLU A 107 -0.03 8.02 -22.83
N TYR A 108 0.53 8.32 -21.66
CA TYR A 108 1.80 9.03 -21.53
C TYR A 108 3.02 8.13 -21.68
N PHE A 109 2.81 6.83 -21.96
CA PHE A 109 3.73 5.75 -21.63
C PHE A 109 4.08 5.90 -20.16
N GLY A 1 4.68 -19.75 -5.69
CA GLY A 1 5.17 -19.47 -7.05
C GLY A 1 5.06 -20.73 -7.87
N MET A 2 4.23 -20.72 -8.91
CA MET A 2 4.12 -21.74 -9.94
C MET A 2 3.20 -21.06 -10.94
N SER A 3 1.92 -21.03 -10.59
CA SER A 3 0.83 -20.31 -11.21
C SER A 3 1.01 -18.81 -10.99
N ALA A 4 0.32 -17.99 -11.79
CA ALA A 4 0.39 -16.54 -11.80
C ALA A 4 -1.03 -16.01 -11.66
N ASP A 5 -1.43 -15.67 -10.44
CA ASP A 5 -2.71 -15.01 -10.18
C ASP A 5 -2.53 -14.06 -8.99
N GLY A 6 -1.89 -14.54 -7.92
CA GLY A 6 -1.69 -13.82 -6.67
C GLY A 6 -0.22 -13.53 -6.38
N SER A 7 0.57 -13.21 -7.40
CA SER A 7 2.01 -13.03 -7.28
C SER A 7 2.56 -11.86 -8.11
N GLU A 8 1.71 -11.17 -8.87
CA GLU A 8 2.07 -10.13 -9.83
C GLU A 8 2.09 -8.75 -9.18
N TYR A 9 1.84 -8.65 -7.88
CA TYR A 9 1.88 -7.40 -7.14
C TYR A 9 3.28 -6.78 -7.25
N GLY A 10 4.33 -7.60 -7.20
CA GLY A 10 5.71 -7.18 -7.26
C GLY A 10 6.11 -6.70 -8.65
N ARG A 11 5.32 -6.96 -9.70
CA ARG A 11 5.53 -6.29 -10.97
C ARG A 11 5.26 -4.80 -10.82
N TYR A 12 4.21 -4.45 -10.07
CA TYR A 12 3.76 -3.07 -9.97
C TYR A 12 4.53 -2.35 -8.88
N PHE A 13 4.66 -2.97 -7.71
CA PHE A 13 5.28 -2.36 -6.53
C PHE A 13 6.74 -2.79 -6.43
N GLU A 14 7.62 -1.87 -6.77
CA GLU A 14 9.08 -1.98 -6.76
C GLU A 14 9.63 -1.68 -5.38
N GLN A 15 10.84 -2.11 -5.09
CA GLN A 15 11.42 -2.05 -3.75
C GLN A 15 11.61 -0.66 -3.17
N LEU A 16 11.73 0.36 -4.00
CA LEU A 16 11.97 1.75 -3.61
C LEU A 16 10.98 2.67 -4.34
N GLN A 17 9.89 2.09 -4.88
CA GLN A 17 8.74 2.88 -5.31
C GLN A 17 8.08 3.51 -4.08
N LYS A 18 7.12 4.38 -4.32
CA LYS A 18 6.22 4.88 -3.30
C LYS A 18 4.86 4.24 -3.49
N VAL A 19 4.07 4.26 -2.41
CA VAL A 19 2.65 3.93 -2.47
C VAL A 19 1.89 5.06 -1.78
N ASN A 20 0.57 5.11 -2.00
CA ASN A 20 -0.31 5.95 -1.22
C ASN A 20 -0.56 5.30 0.16
N LEU A 21 -0.99 6.04 1.18
CA LEU A 21 -1.15 5.53 2.54
C LEU A 21 -2.61 5.69 2.99
N THR A 22 -3.54 5.33 2.11
CA THR A 22 -4.94 5.56 2.33
C THR A 22 -5.44 4.62 3.44
N VAL A 23 -5.49 5.06 4.70
CA VAL A 23 -5.95 4.23 5.81
C VAL A 23 -7.42 4.50 6.07
N ARG A 24 -8.21 3.43 6.18
CA ARG A 24 -9.58 3.45 6.65
C ARG A 24 -9.59 3.72 8.15
N LEU A 25 -10.24 4.79 8.58
CA LEU A 25 -10.48 5.07 9.99
C LEU A 25 -11.94 4.78 10.32
N GLY A 26 -12.28 3.49 10.31
CA GLY A 26 -13.54 3.02 10.86
C GLY A 26 -14.54 2.76 9.73
N ASP A 27 -15.33 3.77 9.39
CA ASP A 27 -16.17 3.83 8.19
C ASP A 27 -16.44 5.28 7.72
N THR A 28 -15.89 6.27 8.43
CA THR A 28 -16.37 7.65 8.37
C THR A 28 -15.19 8.66 8.35
N GLY A 29 -13.95 8.18 8.32
CA GLY A 29 -12.75 8.98 8.21
C GLY A 29 -11.69 8.18 7.48
N SER A 30 -10.71 8.85 6.87
CA SER A 30 -9.60 8.13 6.28
C SER A 30 -8.38 9.03 6.17
N PHE A 31 -7.22 8.57 6.65
CA PHE A 31 -5.95 9.26 6.56
C PHE A 31 -5.33 8.95 5.19
N ASP A 32 -4.41 9.77 4.69
CA ASP A 32 -3.69 9.54 3.45
C ASP A 32 -2.34 10.25 3.48
N GLY A 33 -1.32 9.64 2.87
CA GLY A 33 0.04 10.14 2.90
C GLY A 33 0.96 9.40 1.93
N THR A 34 2.27 9.62 2.05
CA THR A 34 3.30 9.06 1.20
C THR A 34 4.21 8.17 2.05
N ALA A 35 4.52 6.96 1.57
CA ALA A 35 5.64 6.20 2.10
C ALA A 35 6.35 5.57 0.92
N ALA A 36 7.68 5.56 1.00
CA ALA A 36 8.55 4.74 0.18
C ALA A 36 8.48 3.31 0.68
N ILE A 37 8.63 2.39 -0.26
CA ILE A 37 8.79 0.97 -0.04
C ILE A 37 10.23 0.75 0.45
N THR A 38 10.43 -0.39 1.10
CA THR A 38 11.68 -0.84 1.70
C THR A 38 11.90 -2.35 1.55
N SER A 39 10.84 -3.18 1.55
CA SER A 39 10.97 -4.63 1.40
C SER A 39 9.67 -5.24 0.89
N LEU A 40 9.73 -6.19 -0.06
CA LEU A 40 8.60 -6.78 -0.75
C LEU A 40 8.82 -8.27 -0.80
N LYS A 41 7.74 -9.01 -0.63
CA LYS A 41 7.71 -10.47 -0.75
C LYS A 41 6.26 -10.89 -0.97
N GLY A 42 5.86 -11.04 -2.23
CA GLY A 42 4.52 -11.53 -2.57
C GLY A 42 3.48 -10.53 -2.11
N SER A 43 2.41 -11.03 -1.50
CA SER A 43 1.38 -10.27 -0.79
C SER A 43 1.88 -9.60 0.50
N LEU A 44 3.14 -9.18 0.56
CA LEU A 44 3.67 -8.41 1.68
C LEU A 44 4.60 -7.32 1.17
N ALA A 45 4.28 -6.05 1.41
CA ALA A 45 5.25 -4.97 1.29
C ALA A 45 5.52 -4.41 2.68
N TRP A 46 6.66 -3.73 2.84
CA TRP A 46 7.04 -2.96 4.01
C TRP A 46 7.46 -1.57 3.54
N LEU A 47 7.00 -0.53 4.25
CA LEU A 47 7.19 0.88 3.93
C LEU A 47 7.93 1.61 5.06
N GLU A 48 8.20 2.90 4.83
CA GLU A 48 8.64 3.91 5.78
C GLU A 48 8.07 5.25 5.33
N LEU A 49 7.45 6.02 6.22
CA LEU A 49 6.93 7.38 5.98
C LEU A 49 8.02 8.34 5.48
N PHE A 50 7.60 9.42 4.81
CA PHE A 50 8.49 10.37 4.14
C PHE A 50 8.69 11.71 4.87
N GLY A 51 7.67 12.28 5.49
CA GLY A 51 7.73 13.60 6.11
C GLY A 51 6.43 14.33 6.12
N ALA A 52 5.81 14.42 4.96
CA ALA A 52 4.61 15.16 4.80
C ALA A 52 3.46 14.37 5.31
N GLU A 53 3.17 14.82 6.51
CA GLU A 53 2.06 14.53 7.33
C GLU A 53 2.20 13.14 7.93
N GLN A 54 1.50 12.88 9.02
CA GLN A 54 1.46 11.57 9.64
C GLN A 54 0.10 11.28 10.26
N PRO A 55 -0.25 10.01 10.45
CA PRO A 55 -1.52 9.64 11.06
C PRO A 55 -1.53 10.05 12.54
N PRO A 56 -2.72 10.13 13.15
CA PRO A 56 -2.82 10.49 14.56
C PRO A 56 -2.13 9.43 15.43
N PRO A 57 -1.78 9.73 16.69
CA PRO A 57 -1.10 8.79 17.58
C PRO A 57 -2.07 7.74 18.11
N ASN A 58 -1.56 6.53 18.40
CA ASN A 58 -2.28 5.34 18.89
C ASN A 58 -3.37 4.83 17.93
N THR A 59 -3.42 5.38 16.72
CA THR A 59 -4.45 5.14 15.72
C THR A 59 -4.11 3.94 14.83
N LEU A 60 -2.94 3.95 14.17
CA LEU A 60 -2.56 2.94 13.20
C LEU A 60 -2.55 1.58 13.92
N SER A 61 -3.19 0.58 13.32
CA SER A 61 -3.30 -0.76 13.89
C SER A 61 -2.73 -1.80 12.92
N GLU A 62 -2.35 -2.98 13.43
CA GLU A 62 -1.70 -4.02 12.64
C GLU A 62 -2.65 -4.68 11.63
N GLY A 63 -3.94 -4.32 11.64
CA GLY A 63 -4.95 -4.79 10.72
C GLY A 63 -5.67 -3.63 10.04
N ALA A 64 -5.14 -2.41 10.11
CA ALA A 64 -5.81 -1.26 9.51
C ALA A 64 -6.00 -1.55 8.03
N GLU A 65 -7.20 -1.31 7.50
CA GLU A 65 -7.56 -1.64 6.13
C GLU A 65 -7.06 -0.47 5.29
N VAL A 66 -6.03 -0.71 4.47
CA VAL A 66 -5.36 0.34 3.71
C VAL A 66 -5.35 0.00 2.23
N SER A 67 -5.68 0.98 1.40
CA SER A 67 -5.68 0.84 -0.05
C SER A 67 -4.35 1.37 -0.58
N VAL A 68 -3.76 0.66 -1.53
CA VAL A 68 -2.49 1.03 -2.16
C VAL A 68 -2.74 1.35 -3.63
N SER A 69 -2.32 2.52 -4.05
CA SER A 69 -2.16 2.85 -5.45
C SER A 69 -0.67 3.01 -5.72
N VAL A 70 -0.24 2.75 -6.95
CA VAL A 70 0.95 3.37 -7.49
C VAL A 70 0.77 3.45 -9.01
N TRP A 71 1.25 4.55 -9.57
CA TRP A 71 1.38 4.76 -10.99
C TRP A 71 2.69 4.13 -11.41
N THR A 72 2.63 3.18 -12.35
CA THR A 72 3.78 2.48 -12.91
C THR A 72 3.46 2.21 -14.37
N GLY A 73 4.48 2.20 -15.22
CA GLY A 73 4.45 1.68 -16.57
C GLY A 73 3.62 2.55 -17.52
N GLY A 74 2.33 2.26 -17.62
CA GLY A 74 1.41 2.97 -18.51
C GLY A 74 0.02 3.16 -17.91
N ALA A 75 -0.19 2.80 -16.64
CA ALA A 75 -1.52 2.77 -16.04
C ALA A 75 -1.47 3.10 -14.56
N LEU A 76 -2.65 3.14 -13.92
CA LEU A 76 -2.77 3.17 -12.48
C LEU A 76 -3.22 1.80 -12.00
N CYS A 77 -2.36 1.19 -11.20
CA CYS A 77 -2.58 -0.06 -10.51
C CYS A 77 -2.95 0.32 -9.09
N ARG A 78 -4.16 -0.04 -8.67
CA ARG A 78 -4.64 0.24 -7.33
C ARG A 78 -5.27 -1.04 -6.81
N CYS A 79 -4.96 -1.37 -5.56
CA CYS A 79 -5.48 -2.52 -4.86
C CYS A 79 -5.90 -2.11 -3.46
N ASP A 80 -6.47 -3.05 -2.73
CA ASP A 80 -6.94 -2.90 -1.35
C ASP A 80 -6.18 -3.95 -0.54
N GLY A 81 -5.88 -3.64 0.73
CA GLY A 81 -5.07 -4.47 1.60
C GLY A 81 -5.32 -4.13 3.07
N ARG A 82 -4.49 -4.68 3.96
CA ARG A 82 -4.46 -4.38 5.40
C ARG A 82 -3.01 -4.18 5.84
N VAL A 83 -2.73 -3.75 7.07
CA VAL A 83 -1.36 -3.57 7.57
C VAL A 83 -0.60 -4.89 7.77
N GLU A 84 -1.26 -5.97 8.19
CA GLU A 84 -0.68 -7.27 8.55
C GLU A 84 0.12 -7.22 9.87
N THR A 85 1.19 -6.42 9.91
CA THR A 85 2.06 -6.19 11.05
C THR A 85 2.47 -4.71 11.00
N LEU A 86 2.17 -3.95 12.05
CA LEU A 86 2.74 -2.61 12.21
C LEU A 86 4.08 -2.76 12.92
N ARG A 87 4.96 -1.76 12.83
CA ARG A 87 6.15 -1.69 13.65
C ARG A 87 6.17 -0.39 14.43
N ASP A 88 6.01 0.75 13.76
CA ASP A 88 5.97 2.09 14.33
C ASP A 88 4.82 2.85 13.66
N ASP A 89 4.48 4.02 14.18
CA ASP A 89 3.56 4.99 13.57
C ASP A 89 4.07 5.50 12.21
N ARG A 90 5.28 5.11 11.79
CA ARG A 90 5.94 5.54 10.57
C ARG A 90 6.45 4.38 9.71
N GLN A 91 6.53 3.15 10.22
CA GLN A 91 7.17 2.03 9.55
C GLN A 91 6.30 0.81 9.79
N PHE A 92 5.89 0.16 8.72
CA PHE A 92 4.95 -0.97 8.83
C PHE A 92 4.88 -1.80 7.55
N ALA A 93 4.29 -2.98 7.67
CA ALA A 93 3.95 -3.85 6.55
C ALA A 93 2.62 -3.43 5.93
N ILE A 94 2.26 -4.06 4.82
CA ILE A 94 0.92 -4.25 4.33
C ILE A 94 0.81 -5.65 3.75
N ARG A 95 -0.37 -6.27 3.85
CA ARG A 95 -0.73 -7.49 3.15
C ARG A 95 -1.83 -7.15 2.17
N LEU A 96 -1.56 -7.50 0.92
CA LEU A 96 -2.40 -7.25 -0.22
C LEU A 96 -3.40 -8.42 -0.30
N VAL A 97 -4.65 -8.17 -0.71
CA VAL A 97 -5.67 -9.21 -0.77
C VAL A 97 -6.25 -9.37 -2.17
N GLY A 98 -6.62 -10.59 -2.53
CA GLY A 98 -7.17 -10.97 -3.82
C GLY A 98 -6.13 -10.75 -4.90
N ARG A 99 -6.23 -9.64 -5.60
CA ARG A 99 -5.31 -9.25 -6.65
C ARG A 99 -5.34 -7.74 -6.93
N VAL A 100 -4.32 -7.28 -7.64
CA VAL A 100 -4.25 -6.04 -8.38
C VAL A 100 -4.32 -6.31 -9.86
N ARG A 101 -4.87 -5.32 -10.57
CA ARG A 101 -4.55 -5.03 -11.96
C ARG A 101 -4.46 -3.51 -12.09
N GLU A 102 -4.06 -3.01 -13.26
CA GLU A 102 -4.37 -1.64 -13.65
C GLU A 102 -5.89 -1.51 -13.73
N LEU A 103 -6.50 -0.63 -12.95
CA LEU A 103 -7.96 -0.45 -13.00
C LEU A 103 -8.37 0.67 -13.95
N GLN A 104 -7.44 1.52 -14.38
CA GLN A 104 -7.65 2.63 -15.31
C GLN A 104 -6.33 2.91 -16.03
N ARG A 105 -6.42 3.52 -17.20
CA ARG A 105 -5.29 4.03 -17.98
C ARG A 105 -5.44 5.54 -18.21
N ARG A 106 -4.37 6.18 -18.68
CA ARG A 106 -4.21 7.64 -18.71
C ARG A 106 -3.65 7.98 -20.08
N GLU A 107 -4.50 7.77 -21.08
CA GLU A 107 -4.15 7.76 -22.49
C GLU A 107 -4.27 9.20 -23.05
N TYR A 108 -3.59 10.14 -22.38
CA TYR A 108 -3.66 11.58 -22.62
C TYR A 108 -2.28 12.20 -22.41
N PHE A 109 -1.27 11.65 -23.08
CA PHE A 109 -0.01 12.35 -23.34
C PHE A 109 -0.32 13.39 -24.41
N GLY A 1 -3.86 -8.49 -19.32
CA GLY A 1 -4.73 -9.38 -18.54
C GLY A 1 -4.11 -10.77 -18.53
N MET A 2 -3.74 -11.26 -17.35
CA MET A 2 -3.04 -12.52 -17.15
C MET A 2 -3.65 -13.24 -15.93
N SER A 3 -3.32 -14.52 -15.75
CA SER A 3 -3.97 -15.54 -14.93
C SER A 3 -4.17 -15.24 -13.44
N ALA A 4 -3.56 -14.17 -12.93
CA ALA A 4 -3.64 -13.69 -11.55
C ALA A 4 -3.30 -14.83 -10.57
N ASP A 5 -2.05 -15.27 -10.67
CA ASP A 5 -1.31 -16.08 -9.71
C ASP A 5 -1.38 -15.53 -8.28
N GLY A 6 -1.32 -14.21 -8.10
CA GLY A 6 -1.23 -13.56 -6.80
C GLY A 6 0.20 -13.16 -6.44
N SER A 7 1.06 -13.02 -7.44
CA SER A 7 2.51 -12.93 -7.33
C SER A 7 3.06 -11.90 -8.33
N GLU A 8 2.26 -11.42 -9.29
CA GLU A 8 2.61 -10.30 -10.16
C GLU A 8 2.67 -8.96 -9.42
N TYR A 9 2.34 -8.89 -8.13
CA TYR A 9 2.22 -7.62 -7.41
C TYR A 9 3.54 -6.85 -7.42
N GLY A 10 4.66 -7.57 -7.27
CA GLY A 10 5.99 -7.00 -7.26
C GLY A 10 6.50 -6.63 -8.65
N ARG A 11 5.70 -6.82 -9.72
CA ARG A 11 5.97 -6.22 -11.02
C ARG A 11 5.41 -4.78 -11.06
N TYR A 12 4.73 -4.36 -10.01
CA TYR A 12 4.11 -3.05 -9.88
C TYR A 12 4.75 -2.33 -8.71
N PHE A 13 4.86 -2.99 -7.56
CA PHE A 13 5.39 -2.43 -6.33
C PHE A 13 6.82 -2.89 -6.20
N GLU A 14 7.72 -1.96 -6.46
CA GLU A 14 9.15 -2.22 -6.53
C GLU A 14 9.82 -1.70 -5.26
N GLN A 15 11.03 -2.18 -5.00
CA GLN A 15 11.56 -2.24 -3.63
C GLN A 15 11.78 -0.90 -2.94
N LEU A 16 11.95 0.18 -3.68
CA LEU A 16 12.12 1.55 -3.20
C LEU A 16 11.10 2.48 -3.85
N GLN A 17 10.09 1.95 -4.56
CA GLN A 17 9.01 2.74 -5.13
C GLN A 17 8.20 3.37 -4.00
N LYS A 18 7.26 4.26 -4.34
CA LYS A 18 6.31 4.83 -3.38
C LYS A 18 4.92 4.26 -3.60
N VAL A 19 4.08 4.23 -2.56
CA VAL A 19 2.63 3.99 -2.66
C VAL A 19 1.87 4.94 -1.73
N ASN A 20 0.59 5.14 -2.04
CA ASN A 20 -0.41 5.87 -1.26
C ASN A 20 -0.88 5.05 -0.03
N LEU A 21 -1.50 5.68 0.98
CA LEU A 21 -1.76 5.12 2.31
C LEU A 21 -3.15 5.47 2.84
N THR A 22 -4.22 5.27 2.07
CA THR A 22 -5.57 5.50 2.58
C THR A 22 -5.88 4.45 3.68
N VAL A 23 -5.95 4.85 4.95
CA VAL A 23 -6.30 4.01 6.11
C VAL A 23 -7.66 4.48 6.66
N ARG A 24 -8.65 3.59 6.77
CA ARG A 24 -9.89 3.86 7.47
C ARG A 24 -9.58 4.07 8.95
N LEU A 25 -9.97 5.21 9.51
CA LEU A 25 -9.82 5.51 10.94
C LEU A 25 -11.15 5.55 11.68
N GLY A 26 -12.22 5.12 11.04
CA GLY A 26 -13.58 5.20 11.53
C GLY A 26 -14.48 5.36 10.32
N ASP A 27 -15.77 5.59 10.53
CA ASP A 27 -16.64 6.10 9.46
C ASP A 27 -16.35 7.59 9.25
N THR A 28 -15.70 8.23 10.22
CA THR A 28 -15.59 9.68 10.40
C THR A 28 -14.14 10.14 10.52
N GLY A 29 -13.22 9.35 9.95
CA GLY A 29 -11.89 9.77 9.60
C GLY A 29 -11.26 8.70 8.78
N SER A 30 -10.32 9.12 7.95
CA SER A 30 -9.36 8.27 7.31
C SER A 30 -8.06 9.06 7.26
N PHE A 31 -6.94 8.38 7.43
CA PHE A 31 -5.64 8.94 7.10
C PHE A 31 -5.41 8.65 5.62
N ASP A 32 -4.63 9.49 4.95
CA ASP A 32 -4.09 9.26 3.62
C ASP A 32 -2.78 10.01 3.59
N GLY A 33 -1.73 9.35 3.12
CA GLY A 33 -0.39 9.89 2.94
C GLY A 33 0.34 9.12 1.86
N THR A 34 1.64 9.37 1.71
CA THR A 34 2.55 8.62 0.87
C THR A 34 3.45 7.77 1.77
N ALA A 35 4.12 6.74 1.24
CA ALA A 35 5.34 6.17 1.81
C ALA A 35 6.26 5.69 0.71
N ALA A 36 7.48 5.29 1.10
CA ALA A 36 8.39 4.50 0.31
C ALA A 36 8.30 3.05 0.78
N ILE A 37 8.46 2.14 -0.18
CA ILE A 37 8.70 0.72 0.02
C ILE A 37 10.14 0.57 0.54
N THR A 38 10.40 -0.55 1.20
CA THR A 38 11.71 -0.90 1.77
C THR A 38 12.05 -2.38 1.60
N SER A 39 11.10 -3.27 1.90
CA SER A 39 11.25 -4.73 1.81
C SER A 39 9.98 -5.29 1.16
N LEU A 40 10.07 -6.22 0.21
CA LEU A 40 8.91 -6.75 -0.52
C LEU A 40 9.11 -8.20 -0.84
N LYS A 41 8.03 -8.92 -0.65
CA LYS A 41 7.95 -10.35 -0.82
C LYS A 41 6.52 -10.71 -1.19
N GLY A 42 6.27 -10.79 -2.50
CA GLY A 42 4.96 -11.11 -3.08
C GLY A 42 3.87 -10.23 -2.50
N SER A 43 2.98 -10.83 -1.70
CA SER A 43 1.86 -10.18 -1.02
C SER A 43 2.24 -9.22 0.08
N LEU A 44 3.51 -9.11 0.48
CA LEU A 44 3.91 -8.31 1.63
C LEU A 44 4.90 -7.24 1.21
N ALA A 45 4.53 -5.96 1.30
CA ALA A 45 5.49 -4.87 1.29
C ALA A 45 5.68 -4.35 2.72
N TRP A 46 6.80 -3.70 2.97
CA TRP A 46 7.12 -2.92 4.16
C TRP A 46 7.45 -1.49 3.76
N LEU A 47 7.02 -0.53 4.57
CA LEU A 47 6.92 0.88 4.21
C LEU A 47 7.49 1.75 5.35
N GLU A 48 7.96 2.98 5.03
CA GLU A 48 8.63 3.87 6.01
C GLU A 48 8.13 5.34 6.04
N LEU A 49 6.84 5.55 5.78
CA LEU A 49 6.19 6.84 5.54
C LEU A 49 6.91 7.73 4.51
N PHE A 50 6.44 8.97 4.33
CA PHE A 50 7.02 9.94 3.41
C PHE A 50 6.96 11.35 3.96
N GLY A 51 8.04 12.09 3.75
CA GLY A 51 8.25 13.36 4.42
C GLY A 51 8.19 13.13 5.92
N ALA A 52 7.81 14.17 6.66
CA ALA A 52 7.77 14.13 8.11
C ALA A 52 6.35 14.05 8.65
N GLU A 53 5.33 14.18 7.79
CA GLU A 53 3.95 13.86 8.13
C GLU A 53 3.87 12.42 8.65
N GLN A 54 3.01 12.18 9.64
CA GLN A 54 2.62 10.87 10.13
C GLN A 54 1.23 10.98 10.78
N PRO A 55 0.47 9.89 10.90
CA PRO A 55 -0.84 9.91 11.53
C PRO A 55 -0.75 10.24 13.03
N PRO A 56 -1.90 10.48 13.68
CA PRO A 56 -1.94 10.54 15.14
C PRO A 56 -1.40 9.23 15.72
N PRO A 57 -0.86 9.24 16.95
CA PRO A 57 -0.30 8.04 17.55
C PRO A 57 -1.43 7.05 17.84
N ASN A 58 -1.08 5.79 18.11
CA ASN A 58 -1.99 4.70 18.52
C ASN A 58 -3.14 4.46 17.54
N THR A 59 -2.96 4.89 16.28
CA THR A 59 -4.03 4.95 15.29
C THR A 59 -3.65 4.15 14.03
N LEU A 60 -2.40 3.72 13.85
CA LEU A 60 -2.06 2.59 12.99
C LEU A 60 -2.11 1.28 13.78
N SER A 61 -2.62 0.22 13.15
CA SER A 61 -2.74 -1.10 13.75
C SER A 61 -2.55 -2.22 12.69
N GLU A 62 -2.23 -3.44 13.14
CA GLU A 62 -1.85 -4.60 12.31
C GLU A 62 -2.97 -5.18 11.43
N GLY A 63 -4.18 -4.63 11.52
CA GLY A 63 -5.38 -5.10 10.84
C GLY A 63 -6.18 -3.93 10.31
N ALA A 64 -5.54 -2.79 10.07
CA ALA A 64 -6.16 -1.66 9.41
C ALA A 64 -6.50 -2.08 7.98
N GLU A 65 -7.65 -1.67 7.44
CA GLU A 65 -8.01 -1.88 6.05
C GLU A 65 -7.46 -0.69 5.25
N VAL A 66 -6.62 -0.97 4.27
CA VAL A 66 -5.79 0.01 3.59
C VAL A 66 -5.73 -0.28 2.09
N SER A 67 -5.46 0.72 1.25
CA SER A 67 -5.44 0.58 -0.20
C SER A 67 -4.09 1.01 -0.75
N VAL A 68 -3.65 0.44 -1.87
CA VAL A 68 -2.42 0.81 -2.56
C VAL A 68 -2.69 1.08 -4.03
N SER A 69 -2.39 2.31 -4.44
CA SER A 69 -2.51 2.79 -5.80
C SER A 69 -1.16 3.42 -6.16
N VAL A 70 -0.65 3.18 -7.37
CA VAL A 70 0.54 3.84 -7.88
C VAL A 70 0.45 3.82 -9.41
N TRP A 71 1.08 4.77 -10.07
CA TRP A 71 1.26 4.75 -11.52
C TRP A 71 2.57 4.00 -11.79
N THR A 72 2.52 2.82 -12.41
CA THR A 72 3.69 2.02 -12.73
C THR A 72 3.37 1.19 -13.98
N GLY A 73 4.37 0.98 -14.84
CA GLY A 73 4.21 0.38 -16.16
C GLY A 73 3.08 1.04 -16.95
N GLY A 74 3.04 2.37 -16.94
CA GLY A 74 2.08 3.21 -17.66
C GLY A 74 0.66 3.19 -17.08
N ALA A 75 0.31 2.24 -16.21
CA ALA A 75 -1.04 2.10 -15.69
C ALA A 75 -1.10 2.58 -14.25
N LEU A 76 -2.30 3.01 -13.86
CA LEU A 76 -2.69 3.14 -12.47
C LEU A 76 -3.09 1.75 -12.01
N CYS A 77 -2.15 1.04 -11.40
CA CYS A 77 -2.48 -0.16 -10.69
C CYS A 77 -3.19 0.28 -9.41
N ARG A 78 -4.24 -0.44 -9.01
CA ARG A 78 -4.84 -0.22 -7.68
C ARG A 78 -5.26 -1.55 -7.08
N CYS A 79 -4.93 -1.73 -5.80
CA CYS A 79 -5.32 -2.89 -5.03
C CYS A 79 -5.76 -2.51 -3.63
N ASP A 80 -6.50 -3.41 -2.98
CA ASP A 80 -6.80 -3.37 -1.56
C ASP A 80 -5.82 -4.26 -0.81
N GLY A 81 -5.69 -4.00 0.50
CA GLY A 81 -4.87 -4.77 1.42
C GLY A 81 -5.33 -4.57 2.86
N ARG A 82 -4.58 -5.16 3.79
CA ARG A 82 -4.58 -4.81 5.21
C ARG A 82 -3.14 -4.63 5.64
N VAL A 83 -2.93 -4.14 6.85
CA VAL A 83 -1.59 -3.90 7.36
C VAL A 83 -0.82 -5.22 7.58
N GLU A 84 -1.47 -6.30 8.00
CA GLU A 84 -0.90 -7.64 8.30
C GLU A 84 0.06 -7.62 9.48
N THR A 85 1.12 -6.83 9.37
CA THR A 85 2.12 -6.56 10.37
C THR A 85 2.18 -5.04 10.40
N LEU A 86 2.17 -4.46 11.59
CA LEU A 86 2.49 -3.08 11.80
C LEU A 86 3.82 -3.07 12.50
N ARG A 87 4.43 -1.92 12.65
CA ARG A 87 5.33 -1.79 13.77
C ARG A 87 5.31 -0.47 14.49
N ASP A 88 5.35 0.64 13.77
CA ASP A 88 5.16 1.95 14.37
C ASP A 88 4.15 2.70 13.53
N ASP A 89 3.63 3.81 14.05
CA ASP A 89 2.80 4.78 13.34
C ASP A 89 3.55 5.40 12.11
N ARG A 90 4.75 4.93 11.75
CA ARG A 90 5.47 5.28 10.52
C ARG A 90 6.10 4.10 9.78
N GLN A 91 6.34 2.94 10.39
CA GLN A 91 7.01 1.82 9.73
C GLN A 91 6.16 0.58 9.94
N PHE A 92 5.76 -0.09 8.87
CA PHE A 92 4.82 -1.20 8.94
C PHE A 92 4.81 -1.96 7.63
N ALA A 93 4.03 -3.03 7.56
CA ALA A 93 3.85 -3.87 6.38
C ALA A 93 2.45 -3.66 5.80
N ILE A 94 2.16 -4.30 4.67
CA ILE A 94 0.83 -4.48 4.11
C ILE A 94 0.76 -5.85 3.43
N ARG A 95 -0.27 -6.63 3.72
CA ARG A 95 -0.73 -7.78 2.94
C ARG A 95 -1.70 -7.27 1.91
N LEU A 96 -1.30 -7.38 0.65
CA LEU A 96 -2.19 -7.17 -0.47
C LEU A 96 -3.18 -8.32 -0.46
N VAL A 97 -4.48 -8.05 -0.65
CA VAL A 97 -5.50 -9.09 -0.67
C VAL A 97 -6.09 -9.19 -2.07
N GLY A 98 -6.49 -10.40 -2.41
CA GLY A 98 -7.04 -10.77 -3.69
C GLY A 98 -5.95 -10.68 -4.73
N ARG A 99 -6.03 -9.66 -5.57
CA ARG A 99 -5.04 -9.33 -6.56
C ARG A 99 -5.16 -7.87 -6.98
N VAL A 100 -4.15 -7.42 -7.70
CA VAL A 100 -4.03 -6.14 -8.38
C VAL A 100 -4.10 -6.32 -9.89
N ARG A 101 -4.56 -5.27 -10.58
CA ARG A 101 -4.15 -4.97 -11.94
C ARG A 101 -4.19 -3.46 -12.15
N GLU A 102 -3.69 -3.04 -13.30
CA GLU A 102 -3.87 -1.83 -14.08
C GLU A 102 -5.35 -1.46 -14.19
N LEU A 103 -5.95 -0.82 -13.17
CA LEU A 103 -7.37 -0.49 -13.23
C LEU A 103 -7.65 0.67 -14.19
N GLN A 104 -6.67 1.56 -14.37
CA GLN A 104 -6.72 2.75 -15.21
C GLN A 104 -5.40 2.85 -15.96
N ARG A 105 -5.35 3.64 -17.04
CA ARG A 105 -4.24 3.74 -17.99
C ARG A 105 -3.97 5.21 -18.28
N ARG A 106 -2.88 5.58 -18.94
CA ARG A 106 -2.70 6.97 -19.38
C ARG A 106 -1.96 6.98 -20.71
N GLU A 107 -2.17 8.03 -21.50
CA GLU A 107 -1.54 8.21 -22.82
C GLU A 107 -1.75 6.97 -23.73
N TYR A 108 -2.81 6.20 -23.46
CA TYR A 108 -3.35 5.02 -24.15
C TYR A 108 -2.59 3.71 -23.97
N PHE A 109 -1.44 3.75 -23.32
CA PHE A 109 -0.71 2.63 -22.76
C PHE A 109 -0.61 2.94 -21.28
N GLY A 1 -0.98 -15.19 -14.83
CA GLY A 1 -1.71 -16.08 -13.93
C GLY A 1 -1.84 -15.43 -12.56
N MET A 2 -1.52 -16.19 -11.51
CA MET A 2 -1.31 -15.75 -10.15
C MET A 2 -0.28 -16.69 -9.51
N SER A 3 0.37 -16.27 -8.43
CA SER A 3 1.47 -16.99 -7.80
C SER A 3 1.27 -16.88 -6.30
N ALA A 4 1.14 -18.01 -5.61
CA ALA A 4 0.77 -18.11 -4.21
C ALA A 4 -0.45 -17.22 -3.89
N ASP A 5 -1.39 -17.11 -4.83
CA ASP A 5 -2.59 -16.27 -4.81
C ASP A 5 -2.33 -14.76 -4.90
N GLY A 6 -1.08 -14.32 -4.92
CA GLY A 6 -0.77 -12.90 -4.95
C GLY A 6 0.72 -12.65 -4.88
N SER A 7 1.38 -12.55 -6.05
CA SER A 7 2.79 -12.22 -6.15
C SER A 7 3.14 -11.62 -7.53
N GLU A 8 2.22 -11.64 -8.51
CA GLU A 8 2.25 -10.78 -9.69
C GLU A 8 2.18 -9.30 -9.30
N TYR A 9 1.92 -9.00 -8.04
CA TYR A 9 1.96 -7.66 -7.50
C TYR A 9 3.34 -7.03 -7.75
N GLY A 10 4.41 -7.82 -7.65
CA GLY A 10 5.78 -7.42 -7.93
C GLY A 10 6.04 -7.22 -9.43
N ARG A 11 5.05 -7.43 -10.29
CA ARG A 11 5.12 -6.99 -11.68
C ARG A 11 4.95 -5.48 -11.79
N TYR A 12 4.44 -4.86 -10.72
CA TYR A 12 4.02 -3.47 -10.71
C TYR A 12 4.78 -2.78 -9.60
N PHE A 13 4.62 -3.27 -8.36
CA PHE A 13 5.23 -2.65 -7.20
C PHE A 13 6.68 -3.11 -7.15
N GLU A 14 7.55 -2.31 -6.54
CA GLU A 14 8.96 -2.62 -6.39
C GLU A 14 9.38 -2.17 -5.01
N GLN A 15 10.47 -2.74 -4.48
CA GLN A 15 10.97 -2.57 -3.12
C GLN A 15 11.20 -1.12 -2.73
N LEU A 16 11.39 -0.23 -3.69
CA LEU A 16 11.77 1.15 -3.45
C LEU A 16 10.83 2.13 -4.15
N GLN A 17 9.72 1.65 -4.72
CA GLN A 17 8.70 2.55 -5.24
C GLN A 17 7.96 3.24 -4.11
N LYS A 18 7.21 4.29 -4.46
CA LYS A 18 6.27 4.93 -3.52
C LYS A 18 4.87 4.36 -3.70
N VAL A 19 4.02 4.53 -2.68
CA VAL A 19 2.61 4.18 -2.70
C VAL A 19 1.82 5.24 -1.92
N ASN A 20 0.49 5.30 -2.12
CA ASN A 20 -0.41 6.01 -1.23
C ASN A 20 -0.72 5.17 0.01
N LEU A 21 -1.16 5.81 1.10
CA LEU A 21 -1.34 5.23 2.42
C LEU A 21 -2.75 5.51 2.95
N THR A 22 -3.80 5.23 2.17
CA THR A 22 -5.15 5.28 2.70
C THR A 22 -5.24 4.29 3.87
N VAL A 23 -5.69 4.77 5.03
CA VAL A 23 -6.07 3.98 6.19
C VAL A 23 -7.44 4.48 6.61
N ARG A 24 -8.49 3.64 6.65
CA ARG A 24 -9.76 4.07 7.21
C ARG A 24 -9.57 4.40 8.69
N LEU A 25 -10.19 5.47 9.18
CA LEU A 25 -10.12 5.89 10.57
C LEU A 25 -11.48 5.88 11.26
N GLY A 26 -12.49 5.28 10.61
CA GLY A 26 -13.81 5.12 11.15
C GLY A 26 -14.81 5.63 10.12
N ASP A 27 -15.38 6.80 10.38
CA ASP A 27 -16.63 7.21 9.75
C ASP A 27 -16.33 8.31 8.75
N THR A 28 -16.00 9.51 9.22
CA THR A 28 -15.51 10.59 8.37
C THR A 28 -14.10 10.91 8.83
N GLY A 29 -13.14 10.19 8.26
CA GLY A 29 -11.74 10.55 8.28
C GLY A 29 -11.09 9.83 7.13
N SER A 30 -10.42 8.76 7.50
CA SER A 30 -9.30 8.15 6.84
C SER A 30 -8.07 9.07 6.91
N PHE A 31 -6.89 8.47 7.06
CA PHE A 31 -5.62 9.11 6.82
C PHE A 31 -5.23 8.70 5.41
N ASP A 32 -4.61 9.58 4.63
CA ASP A 32 -4.06 9.25 3.35
C ASP A 32 -2.70 9.95 3.22
N GLY A 33 -1.60 9.23 3.41
CA GLY A 33 -0.24 9.77 3.31
C GLY A 33 0.56 9.11 2.18
N THR A 34 1.86 9.41 2.14
CA THR A 34 2.84 8.86 1.21
C THR A 34 3.79 7.96 2.02
N ALA A 35 4.26 6.86 1.44
CA ALA A 35 5.49 6.25 1.91
C ALA A 35 6.33 5.78 0.74
N ALA A 36 7.60 5.56 1.05
CA ALA A 36 8.50 4.73 0.27
C ALA A 36 8.32 3.29 0.74
N ILE A 37 8.28 2.34 -0.19
CA ILE A 37 8.51 0.93 0.11
C ILE A 37 9.97 0.80 0.57
N THR A 38 10.27 -0.23 1.36
CA THR A 38 11.60 -0.59 1.85
C THR A 38 11.87 -2.09 1.75
N SER A 39 10.83 -2.92 1.69
CA SER A 39 10.93 -4.35 1.53
C SER A 39 9.66 -4.84 0.85
N LEU A 40 9.77 -5.96 0.13
CA LEU A 40 8.74 -6.49 -0.74
C LEU A 40 9.02 -7.97 -0.87
N LYS A 41 8.07 -8.84 -0.51
CA LYS A 41 8.18 -10.28 -0.69
C LYS A 41 6.79 -10.83 -1.01
N GLY A 42 6.34 -10.68 -2.26
CA GLY A 42 5.05 -11.17 -2.71
C GLY A 42 3.93 -10.29 -2.18
N SER A 43 2.84 -10.92 -1.76
CA SER A 43 1.71 -10.37 -1.00
C SER A 43 2.11 -9.66 0.28
N LEU A 44 3.38 -9.52 0.62
CA LEU A 44 3.85 -8.70 1.73
C LEU A 44 4.74 -7.60 1.18
N ALA A 45 4.55 -6.36 1.58
CA ALA A 45 5.54 -5.29 1.45
C ALA A 45 5.67 -4.59 2.80
N TRP A 46 6.66 -3.71 2.93
CA TRP A 46 6.85 -2.80 4.06
C TRP A 46 7.16 -1.41 3.55
N LEU A 47 6.66 -0.40 4.25
CA LEU A 47 6.87 1.01 3.95
C LEU A 47 7.56 1.71 5.14
N GLU A 48 7.89 3.00 5.01
CA GLU A 48 8.60 3.77 6.03
C GLU A 48 8.17 5.22 6.19
N LEU A 49 6.90 5.49 5.94
CA LEU A 49 6.38 6.83 5.68
C LEU A 49 7.21 7.59 4.63
N PHE A 50 6.87 8.86 4.46
CA PHE A 50 7.72 9.85 3.83
C PHE A 50 8.40 10.65 4.92
N GLY A 51 7.60 11.33 5.75
CA GLY A 51 8.07 12.38 6.61
C GLY A 51 7.12 13.56 6.50
N ALA A 52 7.30 14.55 7.38
CA ALA A 52 6.42 15.67 7.63
C ALA A 52 5.06 15.20 8.15
N GLU A 53 4.27 14.55 7.29
CA GLU A 53 3.04 13.88 7.66
C GLU A 53 3.36 12.60 8.44
N GLN A 54 2.54 12.30 9.45
CA GLN A 54 2.29 10.95 9.95
C GLN A 54 0.87 10.93 10.54
N PRO A 55 0.20 9.77 10.62
CA PRO A 55 -1.11 9.68 11.23
C PRO A 55 -1.03 9.98 12.74
N PRO A 56 -2.19 10.19 13.38
CA PRO A 56 -2.28 10.32 14.83
C PRO A 56 -1.77 9.05 15.53
N PRO A 57 -1.34 9.17 16.80
CA PRO A 57 -0.92 8.04 17.61
C PRO A 57 -2.07 7.05 17.78
N ASN A 58 -1.77 5.82 18.20
CA ASN A 58 -2.73 4.81 18.65
C ASN A 58 -3.93 4.58 17.70
N THR A 59 -3.79 4.93 16.42
CA THR A 59 -4.89 4.99 15.46
C THR A 59 -4.72 3.95 14.36
N LEU A 60 -3.47 3.61 13.99
CA LEU A 60 -3.14 2.53 13.07
C LEU A 60 -3.33 1.19 13.77
N SER A 61 -3.76 0.16 13.03
CA SER A 61 -3.80 -1.19 13.58
C SER A 61 -3.56 -2.29 12.58
N GLU A 62 -3.23 -3.47 13.11
CA GLU A 62 -2.73 -4.62 12.35
C GLU A 62 -3.77 -5.28 11.45
N GLY A 63 -5.00 -4.78 11.47
CA GLY A 63 -6.12 -5.22 10.65
C GLY A 63 -6.69 -4.08 9.83
N ALA A 64 -6.06 -2.90 9.82
CA ALA A 64 -6.59 -1.75 9.09
C ALA A 64 -6.52 -2.14 7.63
N GLU A 65 -7.64 -2.10 6.93
CA GLU A 65 -7.71 -2.18 5.50
C GLU A 65 -7.02 -0.92 4.99
N VAL A 66 -5.92 -1.11 4.28
CA VAL A 66 -5.14 -0.05 3.72
C VAL A 66 -4.97 -0.29 2.23
N SER A 67 -5.23 0.74 1.45
CA SER A 67 -5.40 0.67 0.02
C SER A 67 -4.25 1.42 -0.64
N VAL A 68 -3.70 0.87 -1.71
CA VAL A 68 -2.44 1.27 -2.30
C VAL A 68 -2.65 1.59 -3.76
N SER A 69 -1.95 2.61 -4.27
CA SER A 69 -2.09 3.15 -5.61
C SER A 69 -0.74 3.68 -6.09
N VAL A 70 -0.27 3.22 -7.26
CA VAL A 70 0.97 3.67 -7.90
C VAL A 70 0.86 3.51 -9.44
N TRP A 71 1.70 4.20 -10.20
CA TRP A 71 1.61 4.32 -11.64
C TRP A 71 2.78 3.61 -12.31
N THR A 72 2.51 2.79 -13.33
CA THR A 72 3.47 1.79 -13.80
C THR A 72 3.32 1.55 -15.31
N GLY A 73 3.27 2.62 -16.10
CA GLY A 73 3.20 2.60 -17.56
C GLY A 73 2.20 3.64 -18.03
N GLY A 74 0.98 3.21 -18.31
CA GLY A 74 -0.12 4.02 -18.81
C GLY A 74 -1.37 3.99 -17.93
N ALA A 75 -1.34 3.25 -16.82
CA ALA A 75 -2.45 3.14 -15.89
C ALA A 75 -1.98 3.17 -14.44
N LEU A 76 -2.98 3.26 -13.56
CA LEU A 76 -2.87 3.25 -12.12
C LEU A 76 -3.06 1.81 -11.65
N CYS A 77 -1.99 1.21 -11.17
CA CYS A 77 -2.06 -0.06 -10.49
C CYS A 77 -2.38 0.25 -9.05
N ARG A 78 -3.61 -0.04 -8.64
CA ARG A 78 -4.01 0.10 -7.25
C ARG A 78 -4.62 -1.22 -6.81
N CYS A 79 -4.72 -1.41 -5.51
CA CYS A 79 -5.15 -2.66 -4.92
C CYS A 79 -5.68 -2.40 -3.51
N ASP A 80 -6.32 -3.42 -2.96
CA ASP A 80 -6.78 -3.52 -1.58
C ASP A 80 -5.71 -4.26 -0.79
N GLY A 81 -5.62 -4.00 0.51
CA GLY A 81 -4.70 -4.68 1.40
C GLY A 81 -5.06 -4.44 2.86
N ARG A 82 -4.27 -4.97 3.78
CA ARG A 82 -4.38 -4.75 5.22
C ARG A 82 -3.00 -4.57 5.84
N VAL A 83 -2.91 -4.05 7.06
CA VAL A 83 -1.63 -3.77 7.73
C VAL A 83 -0.77 -5.03 7.92
N GLU A 84 -1.37 -6.19 8.16
CA GLU A 84 -0.70 -7.47 8.46
C GLU A 84 0.06 -7.43 9.80
N THR A 85 1.13 -6.64 9.89
CA THR A 85 2.01 -6.45 11.03
C THR A 85 2.38 -4.97 11.05
N LEU A 86 2.00 -4.26 12.12
CA LEU A 86 2.46 -2.89 12.36
C LEU A 86 3.75 -2.98 13.17
N ARG A 87 4.55 -1.92 13.18
CA ARG A 87 5.72 -1.81 14.04
C ARG A 87 5.62 -0.53 14.83
N ASP A 88 5.49 0.62 14.17
CA ASP A 88 5.31 1.92 14.80
C ASP A 88 4.46 2.76 13.87
N ASP A 89 4.10 3.96 14.30
CA ASP A 89 3.32 4.94 13.54
C ASP A 89 4.13 5.56 12.39
N ARG A 90 5.18 4.88 11.90
CA ARG A 90 5.87 5.21 10.65
C ARG A 90 6.42 4.00 9.91
N GLN A 91 6.38 2.78 10.47
CA GLN A 91 6.87 1.59 9.78
C GLN A 91 5.87 0.49 10.06
N PHE A 92 5.47 -0.20 9.01
CA PHE A 92 4.51 -1.29 9.03
C PHE A 92 4.55 -2.03 7.70
N ALA A 93 4.08 -3.27 7.74
CA ALA A 93 3.89 -4.12 6.60
C ALA A 93 2.59 -3.76 5.89
N ILE A 94 2.32 -4.40 4.76
CA ILE A 94 0.99 -4.56 4.19
C ILE A 94 0.88 -5.95 3.59
N ARG A 95 -0.27 -6.60 3.76
CA ARG A 95 -0.71 -7.76 3.00
C ARG A 95 -1.56 -7.23 1.86
N LEU A 96 -1.07 -7.35 0.63
CA LEU A 96 -1.89 -7.18 -0.56
C LEU A 96 -2.79 -8.40 -0.68
N VAL A 97 -4.05 -8.18 -1.06
CA VAL A 97 -5.03 -9.25 -1.19
C VAL A 97 -5.76 -9.15 -2.53
N GLY A 98 -6.00 -10.31 -3.15
CA GLY A 98 -6.88 -10.45 -4.29
C GLY A 98 -6.13 -10.37 -5.61
N ARG A 99 -5.99 -9.15 -6.13
CA ARG A 99 -5.39 -8.85 -7.43
C ARG A 99 -4.97 -7.40 -7.50
N VAL A 100 -3.91 -7.11 -8.25
CA VAL A 100 -3.63 -5.79 -8.80
C VAL A 100 -3.95 -5.88 -10.29
N ARG A 101 -4.96 -5.15 -10.78
CA ARG A 101 -5.41 -5.29 -12.19
C ARG A 101 -5.68 -3.96 -12.88
N GLU A 102 -4.90 -2.92 -12.56
CA GLU A 102 -4.92 -1.57 -13.14
C GLU A 102 -6.33 -0.95 -13.26
N LEU A 103 -6.75 -0.19 -12.23
CA LEU A 103 -8.17 0.14 -12.01
C LEU A 103 -8.53 1.62 -12.30
N GLN A 104 -7.56 2.47 -12.63
CA GLN A 104 -7.74 3.79 -13.27
C GLN A 104 -6.70 3.87 -14.38
N ARG A 105 -6.84 4.79 -15.34
CA ARG A 105 -5.88 4.98 -16.43
C ARG A 105 -5.34 6.41 -16.41
N ARG A 106 -4.20 6.62 -17.07
CA ARG A 106 -3.49 7.89 -17.09
C ARG A 106 -3.81 8.59 -18.40
N GLU A 107 -4.07 9.89 -18.41
CA GLU A 107 -4.43 10.64 -19.62
C GLU A 107 -3.65 11.96 -19.68
N TYR A 108 -2.33 11.87 -19.76
CA TYR A 108 -1.42 13.02 -19.90
C TYR A 108 -1.56 14.12 -18.82
N PHE A 109 -2.35 13.87 -17.77
CA PHE A 109 -2.30 14.57 -16.50
C PHE A 109 -1.05 14.02 -15.82
N GLY A 1 -0.69 -16.38 -15.20
CA GLY A 1 -2.00 -17.03 -15.29
C GLY A 1 -1.81 -18.54 -15.29
N MET A 2 -1.40 -19.08 -14.15
CA MET A 2 -1.28 -20.49 -13.87
C MET A 2 -1.87 -20.69 -12.46
N SER A 3 -3.19 -20.53 -12.38
CA SER A 3 -4.02 -20.87 -11.24
C SER A 3 -3.51 -20.24 -9.93
N ALA A 4 -3.14 -18.94 -9.95
CA ALA A 4 -2.50 -18.26 -8.83
C ALA A 4 -3.11 -16.87 -8.64
N ASP A 5 -4.13 -16.79 -7.80
CA ASP A 5 -4.72 -15.53 -7.36
C ASP A 5 -3.70 -14.73 -6.55
N GLY A 6 -3.11 -13.71 -7.15
CA GLY A 6 -2.28 -12.75 -6.43
C GLY A 6 -0.82 -13.18 -6.35
N SER A 7 -0.04 -12.92 -7.40
CA SER A 7 1.42 -12.85 -7.34
C SER A 7 1.97 -11.65 -8.12
N GLU A 8 1.07 -10.79 -8.61
CA GLU A 8 1.32 -9.67 -9.51
C GLU A 8 1.80 -8.41 -8.78
N TYR A 9 1.80 -8.39 -7.45
CA TYR A 9 1.98 -7.19 -6.66
C TYR A 9 3.32 -6.56 -7.01
N GLY A 10 4.38 -7.36 -7.06
CA GLY A 10 5.74 -6.89 -7.30
C GLY A 10 6.03 -6.58 -8.77
N ARG A 11 5.07 -6.77 -9.68
CA ARG A 11 5.18 -6.18 -11.01
C ARG A 11 4.94 -4.69 -10.94
N TYR A 12 4.13 -4.25 -9.97
CA TYR A 12 3.61 -2.91 -9.89
C TYR A 12 4.29 -2.13 -8.77
N PHE A 13 4.51 -2.78 -7.63
CA PHE A 13 5.15 -2.21 -6.47
C PHE A 13 6.60 -2.65 -6.52
N GLU A 14 7.49 -1.69 -6.65
CA GLU A 14 8.92 -1.92 -6.58
C GLU A 14 9.40 -1.65 -5.15
N GLN A 15 10.49 -2.29 -4.76
CA GLN A 15 11.11 -2.24 -3.43
C GLN A 15 11.38 -0.83 -2.91
N LEU A 16 11.51 0.16 -3.80
CA LEU A 16 11.91 1.52 -3.49
C LEU A 16 10.94 2.54 -4.11
N GLN A 17 9.80 2.09 -4.64
CA GLN A 17 8.74 2.98 -5.11
C GLN A 17 8.05 3.66 -3.93
N LYS A 18 7.11 4.56 -4.21
CA LYS A 18 6.18 5.12 -3.24
C LYS A 18 4.78 4.67 -3.59
N VAL A 19 3.95 4.45 -2.58
CA VAL A 19 2.56 4.05 -2.74
C VAL A 19 1.67 4.96 -1.91
N ASN A 20 0.42 5.10 -2.37
CA ASN A 20 -0.63 5.75 -1.63
C ASN A 20 -1.02 4.92 -0.40
N LEU A 21 -1.57 5.53 0.66
CA LEU A 21 -1.53 4.93 2.00
C LEU A 21 -2.88 4.86 2.72
N THR A 22 -4.00 4.92 2.00
CA THR A 22 -5.33 5.21 2.52
C THR A 22 -5.72 4.31 3.71
N VAL A 23 -5.59 4.78 4.97
CA VAL A 23 -6.02 4.02 6.15
C VAL A 23 -7.48 4.33 6.42
N ARG A 24 -8.29 3.32 6.70
CA ARG A 24 -9.63 3.49 7.24
C ARG A 24 -9.52 3.69 8.75
N LEU A 25 -10.07 4.77 9.30
CA LEU A 25 -10.08 5.07 10.74
C LEU A 25 -11.46 4.93 11.37
N GLY A 26 -12.40 4.31 10.65
CA GLY A 26 -13.80 4.28 10.97
C GLY A 26 -14.54 4.72 9.72
N ASP A 27 -15.65 5.43 9.88
CA ASP A 27 -16.45 5.91 8.76
C ASP A 27 -15.83 7.21 8.23
N THR A 28 -16.19 8.33 8.84
CA THR A 28 -15.97 9.70 8.39
C THR A 28 -14.61 10.24 8.87
N GLY A 29 -13.55 9.42 8.77
CA GLY A 29 -12.25 9.78 9.31
C GLY A 29 -11.17 9.65 8.25
N SER A 30 -10.59 8.45 8.22
CA SER A 30 -9.49 8.03 7.36
C SER A 30 -8.20 8.85 7.49
N PHE A 31 -7.11 8.39 6.88
CA PHE A 31 -5.82 9.07 6.76
C PHE A 31 -5.24 8.77 5.38
N ASP A 32 -4.55 9.74 4.78
CA ASP A 32 -3.79 9.56 3.55
C ASP A 32 -2.41 10.17 3.78
N GLY A 33 -1.36 9.47 3.34
CA GLY A 33 0.03 9.93 3.39
C GLY A 33 0.85 9.36 2.24
N THR A 34 2.16 9.61 2.24
CA THR A 34 3.12 8.97 1.34
C THR A 34 4.14 8.21 2.17
N ALA A 35 4.63 7.08 1.67
CA ALA A 35 5.78 6.36 2.22
C ALA A 35 6.52 5.80 1.03
N ALA A 36 7.83 5.66 1.18
CA ALA A 36 8.60 4.79 0.30
C ALA A 36 8.41 3.36 0.77
N ILE A 37 8.51 2.43 -0.18
CA ILE A 37 8.69 1.01 0.05
C ILE A 37 10.16 0.83 0.45
N THR A 38 10.42 -0.26 1.17
CA THR A 38 11.73 -0.58 1.71
C THR A 38 12.11 -2.04 1.44
N SER A 39 11.15 -2.96 1.60
CA SER A 39 11.35 -4.39 1.43
C SER A 39 10.10 -4.96 0.75
N LEU A 40 10.24 -6.08 0.04
CA LEU A 40 9.14 -6.71 -0.66
C LEU A 40 9.36 -8.22 -0.70
N LYS A 41 8.31 -8.98 -0.37
CA LYS A 41 8.23 -10.43 -0.46
C LYS A 41 6.82 -10.78 -0.97
N GLY A 42 6.58 -10.58 -2.26
CA GLY A 42 5.31 -10.86 -2.93
C GLY A 42 4.14 -10.13 -2.28
N SER A 43 3.15 -10.86 -1.73
CA SER A 43 2.00 -10.32 -0.99
C SER A 43 2.34 -9.58 0.28
N LEU A 44 3.60 -9.27 0.55
CA LEU A 44 4.03 -8.66 1.78
C LEU A 44 5.06 -7.61 1.41
N ALA A 45 4.78 -6.35 1.67
CA ALA A 45 5.73 -5.27 1.48
C ALA A 45 5.92 -4.55 2.80
N TRP A 46 6.95 -3.72 2.91
CA TRP A 46 7.19 -2.85 4.06
C TRP A 46 7.41 -1.43 3.59
N LEU A 47 7.14 -0.49 4.51
CA LEU A 47 6.95 0.92 4.27
C LEU A 47 7.47 1.69 5.48
N GLU A 48 7.93 2.92 5.25
CA GLU A 48 8.16 3.90 6.29
C GLU A 48 7.95 5.27 5.68
N LEU A 49 7.14 6.06 6.39
CA LEU A 49 6.60 7.36 6.01
C LEU A 49 7.69 8.40 5.69
N PHE A 50 7.31 9.43 4.92
CA PHE A 50 8.19 10.37 4.24
C PHE A 50 8.73 11.44 5.21
N GLY A 51 7.90 12.37 5.69
CA GLY A 51 8.29 13.38 6.68
C GLY A 51 7.27 14.51 6.68
N ALA A 52 6.80 14.91 7.87
CA ALA A 52 5.71 15.85 8.16
C ALA A 52 4.31 15.25 7.94
N GLU A 53 4.20 14.03 7.44
CA GLU A 53 2.96 13.44 6.94
C GLU A 53 2.84 11.94 7.30
N GLN A 54 3.33 11.56 8.48
CA GLN A 54 2.89 10.30 9.12
C GLN A 54 1.50 10.47 9.74
N PRO A 55 0.82 9.35 10.02
CA PRO A 55 -0.46 9.35 10.69
C PRO A 55 -0.32 9.68 12.20
N PRO A 56 -1.44 9.97 12.88
CA PRO A 56 -1.42 10.23 14.31
C PRO A 56 -0.97 9.01 15.12
N PRO A 57 -0.54 9.24 16.39
CA PRO A 57 -0.18 8.15 17.28
C PRO A 57 -1.37 7.26 17.57
N ASN A 58 -1.11 6.02 18.00
CA ASN A 58 -2.08 5.03 18.51
C ASN A 58 -3.31 4.85 17.61
N THR A 59 -3.18 5.19 16.34
CA THR A 59 -4.24 5.24 15.35
C THR A 59 -4.27 3.92 14.59
N LEU A 60 -3.09 3.49 14.16
CA LEU A 60 -2.86 2.29 13.37
C LEU A 60 -3.13 1.06 14.23
N SER A 61 -3.46 -0.04 13.57
CA SER A 61 -3.33 -1.37 14.11
C SER A 61 -2.97 -2.32 12.95
N GLU A 62 -2.64 -3.57 13.27
CA GLU A 62 -2.00 -4.52 12.35
C GLU A 62 -2.94 -5.07 11.26
N GLY A 63 -4.22 -4.75 11.39
CA GLY A 63 -5.27 -5.16 10.49
C GLY A 63 -5.82 -4.00 9.69
N ALA A 64 -5.28 -2.77 9.84
CA ALA A 64 -5.93 -1.59 9.32
C ALA A 64 -6.01 -1.72 7.81
N GLU A 65 -7.13 -1.32 7.23
CA GLU A 65 -7.54 -1.86 5.94
C GLU A 65 -7.05 -0.94 4.83
N VAL A 66 -5.74 -0.86 4.73
CA VAL A 66 -5.07 0.14 3.92
C VAL A 66 -5.09 -0.25 2.44
N SER A 67 -5.38 0.71 1.56
CA SER A 67 -5.24 0.53 0.11
C SER A 67 -3.81 0.86 -0.30
N VAL A 68 -3.49 0.64 -1.58
CA VAL A 68 -2.26 1.06 -2.23
C VAL A 68 -2.56 1.43 -3.67
N SER A 69 -2.24 2.66 -4.11
CA SER A 69 -2.24 3.02 -5.53
C SER A 69 -0.84 3.45 -5.94
N VAL A 70 -0.51 3.28 -7.22
CA VAL A 70 0.68 3.82 -7.85
C VAL A 70 0.49 3.77 -9.37
N TRP A 71 0.99 4.81 -10.04
CA TRP A 71 1.11 4.84 -11.48
C TRP A 71 2.32 4.01 -11.87
N THR A 72 2.08 2.88 -12.54
CA THR A 72 3.09 1.97 -13.01
C THR A 72 2.49 1.19 -14.19
N GLY A 73 3.30 0.41 -14.91
CA GLY A 73 2.84 -0.51 -15.95
C GLY A 73 2.06 0.15 -17.10
N GLY A 74 2.09 1.48 -17.26
CA GLY A 74 1.38 2.18 -18.34
C GLY A 74 -0.08 2.53 -18.03
N ALA A 75 -0.56 2.28 -16.81
CA ALA A 75 -1.90 2.61 -16.35
C ALA A 75 -1.82 3.08 -14.89
N LEU A 76 -2.95 3.20 -14.18
CA LEU A 76 -2.98 3.31 -12.73
C LEU A 76 -3.33 1.94 -12.14
N CYS A 77 -2.49 1.46 -11.23
CA CYS A 77 -2.74 0.32 -10.37
C CYS A 77 -3.33 0.86 -9.07
N ARG A 78 -4.30 0.15 -8.51
CA ARG A 78 -4.69 0.28 -7.11
C ARG A 78 -5.09 -1.08 -6.58
N CYS A 79 -4.44 -1.58 -5.54
CA CYS A 79 -4.92 -2.77 -4.86
C CYS A 79 -5.40 -2.38 -3.46
N ASP A 80 -6.11 -3.31 -2.84
CA ASP A 80 -6.83 -3.14 -1.60
C ASP A 80 -6.21 -4.16 -0.65
N GLY A 81 -5.87 -3.79 0.58
CA GLY A 81 -4.99 -4.58 1.44
C GLY A 81 -5.24 -4.34 2.93
N ARG A 82 -4.33 -4.81 3.77
CA ARG A 82 -4.33 -4.61 5.23
C ARG A 82 -2.89 -4.29 5.68
N VAL A 83 -2.67 -3.90 6.94
CA VAL A 83 -1.35 -3.61 7.50
C VAL A 83 -0.43 -4.83 7.63
N GLU A 84 -0.95 -6.04 7.83
CA GLU A 84 -0.20 -7.30 8.01
C GLU A 84 0.49 -7.36 9.37
N THR A 85 1.45 -6.46 9.61
CA THR A 85 2.23 -6.30 10.82
C THR A 85 2.55 -4.82 10.92
N LEU A 86 2.18 -4.19 12.02
CA LEU A 86 2.66 -2.85 12.32
C LEU A 86 3.90 -3.01 13.19
N ARG A 87 4.81 -2.04 13.13
CA ARG A 87 6.00 -2.00 13.97
C ARG A 87 6.00 -0.73 14.80
N ASP A 88 5.74 0.42 14.19
CA ASP A 88 5.53 1.70 14.88
C ASP A 88 4.46 2.46 14.10
N ASP A 89 4.04 3.62 14.60
CA ASP A 89 3.05 4.49 13.95
C ASP A 89 3.44 4.85 12.52
N ARG A 90 4.74 4.73 12.17
CA ARG A 90 5.27 5.05 10.86
C ARG A 90 6.18 3.99 10.24
N GLN A 91 6.28 2.79 10.78
CA GLN A 91 7.10 1.73 10.23
C GLN A 91 6.21 0.51 10.28
N PHE A 92 5.88 -0.01 9.11
CA PHE A 92 4.92 -1.11 9.02
C PHE A 92 4.95 -1.84 7.68
N ALA A 93 4.27 -2.99 7.65
CA ALA A 93 4.05 -3.82 6.48
C ALA A 93 2.78 -3.41 5.72
N ILE A 94 2.50 -4.10 4.61
CA ILE A 94 1.16 -4.30 4.08
C ILE A 94 1.06 -5.69 3.45
N ARG A 95 -0.13 -6.30 3.55
CA ARG A 95 -0.51 -7.55 2.90
C ARG A 95 -1.44 -7.16 1.78
N LEU A 96 -1.04 -7.49 0.57
CA LEU A 96 -1.91 -7.31 -0.59
C LEU A 96 -2.83 -8.52 -0.66
N VAL A 97 -4.11 -8.30 -0.95
CA VAL A 97 -5.11 -9.35 -1.08
C VAL A 97 -5.91 -9.17 -2.36
N GLY A 98 -6.64 -10.20 -2.78
CA GLY A 98 -7.68 -10.11 -3.79
C GLY A 98 -7.19 -9.87 -5.21
N ARG A 99 -5.88 -9.94 -5.44
CA ARG A 99 -5.17 -9.64 -6.69
C ARG A 99 -5.33 -8.17 -7.10
N VAL A 100 -4.26 -7.61 -7.65
CA VAL A 100 -4.21 -6.30 -8.29
C VAL A 100 -4.37 -6.45 -9.78
N ARG A 101 -4.85 -5.39 -10.42
CA ARG A 101 -4.78 -5.18 -11.86
C ARG A 101 -4.74 -3.67 -12.08
N GLU A 102 -4.85 -3.26 -13.33
CA GLU A 102 -4.87 -1.90 -13.82
C GLU A 102 -6.35 -1.53 -13.97
N LEU A 103 -6.82 -0.48 -13.29
CA LEU A 103 -8.24 -0.13 -13.20
C LEU A 103 -8.57 1.30 -13.63
N GLN A 104 -7.56 2.14 -13.85
CA GLN A 104 -7.69 3.48 -14.37
C GLN A 104 -6.54 3.72 -15.35
N ARG A 105 -6.65 4.75 -16.20
CA ARG A 105 -5.64 5.11 -17.18
C ARG A 105 -5.44 6.62 -17.12
N ARG A 106 -4.44 7.15 -17.84
CA ARG A 106 -4.19 8.58 -17.90
C ARG A 106 -5.37 9.29 -18.56
N GLU A 107 -5.36 10.61 -18.47
CA GLU A 107 -6.18 11.48 -19.30
C GLU A 107 -5.25 12.20 -20.29
N TYR A 108 -4.56 11.40 -21.12
CA TYR A 108 -3.80 11.88 -22.26
C TYR A 108 -2.76 12.95 -21.86
N PHE A 109 -2.22 12.88 -20.64
CA PHE A 109 -1.08 13.64 -20.16
C PHE A 109 0.14 12.77 -20.41
#